data_8R1X
#
_entry.id   8R1X
#
loop_
_entity.id
_entity.type
_entity.pdbx_description
1 polymer 'High mobility group protein D'
2 polymer "DNA (5'-D(*CP*GP*AP*TP*AP*TP*TP*AP*AP*GP*AP*GP*CP*C)-3')"
3 polymer "DNA (5'-D(*GP*GP*CP*TP*CP*AP*AP*TP*AP*TP*CP*G)-3')"
#
loop_
_entity_poly.entity_id
_entity_poly.type
_entity_poly.pdbx_seq_one_letter_code
_entity_poly.pdbx_strand_id
1 'polypeptide(L)'
;MSDKPKRPLSAFMLWLNSARESIKRENPGIKVTEVAKRGGELWRAMKDKSEWEAKAAKAKDDYDRAVKEFEANGGSSAAN
GGGAKKRAKPAKKVAKKSKKEESDEDDDDESE
;
A
2 'polydeoxyribonucleotide' (DC)(DG)(DA)(DT)(DA)(DT)(DT)(DA)(DA)(DG)(DA)(DG)(DC)(DC) B
3 'polydeoxyribonucleotide' (DG)(DG)(DC)(DT)(DC)(DA)(DA)(DT)(DA)(DT)(DC)(DG) C
#
# COMPACT_ATOMS: atom_id res chain seq x y z
N SER A 2 1.37 16.96 13.84
CA SER A 2 2.74 17.15 13.31
C SER A 2 2.75 17.26 11.78
N ASP A 3 3.79 17.92 11.25
CA ASP A 3 4.06 18.11 9.81
C ASP A 3 4.86 16.94 9.18
N LYS A 4 5.16 17.05 7.87
CA LYS A 4 5.98 16.12 7.06
C LYS A 4 5.50 14.65 7.14
N PRO A 5 4.39 14.29 6.46
CA PRO A 5 3.84 12.93 6.52
C PRO A 5 4.69 11.92 5.76
N LYS A 6 4.48 10.62 6.02
CA LYS A 6 5.15 9.52 5.29
C LYS A 6 4.57 9.24 3.89
N ARG A 7 3.79 10.20 3.37
CA ARG A 7 3.02 10.19 2.11
C ARG A 7 1.98 9.03 2.07
N PRO A 8 0.97 9.09 1.17
CA PRO A 8 -0.08 8.08 1.07
C PRO A 8 0.41 6.89 0.21
N LEU A 9 -0.35 5.81 0.18
CA LEU A 9 -0.01 4.57 -0.52
C LEU A 9 -1.05 4.29 -1.61
N SER A 10 -0.76 3.32 -2.47
CA SER A 10 -1.69 2.84 -3.50
C SER A 10 -2.55 1.72 -2.94
N ALA A 11 -3.67 1.41 -3.62
CA ALA A 11 -4.50 0.25 -3.28
C ALA A 11 -3.65 -1.03 -3.41
N PHE A 12 -2.69 -1.04 -4.34
CA PHE A 12 -1.74 -2.13 -4.55
C PHE A 12 -0.91 -2.40 -3.31
N MET A 13 -0.28 -1.36 -2.75
CA MET A 13 0.60 -1.48 -1.59
C MET A 13 -0.14 -2.00 -0.36
N LEU A 14 -1.41 -1.61 -0.22
CA LEU A 14 -2.30 -2.09 0.83
C LEU A 14 -2.51 -3.60 0.76
N TRP A 15 -2.81 -4.13 -0.44
CA TRP A 15 -2.99 -5.57 -0.64
C TRP A 15 -1.66 -6.33 -0.56
N LEU A 16 -0.58 -5.77 -1.13
CA LEU A 16 0.74 -6.41 -1.21
C LEU A 16 1.25 -6.79 0.19
N ASN A 17 0.98 -5.95 1.19
CA ASN A 17 1.35 -6.22 2.58
C ASN A 17 0.72 -7.49 3.17
N SER A 18 -0.52 -7.82 2.79
CA SER A 18 -1.20 -9.07 3.22
C SER A 18 -0.86 -10.23 2.29
N ALA A 19 -0.69 -9.95 0.99
CA ALA A 19 -0.28 -10.96 0.00
C ALA A 19 1.14 -11.47 0.28
N ARG A 20 2.03 -10.65 0.89
CA ARG A 20 3.38 -11.08 1.26
C ARG A 20 3.36 -12.31 2.16
N GLU A 21 2.47 -12.32 3.15
CA GLU A 21 2.29 -13.43 4.08
C GLU A 21 1.70 -14.67 3.38
N SER A 22 0.75 -14.47 2.46
CA SER A 22 0.16 -15.55 1.65
C SER A 22 1.15 -16.16 0.65
N ILE A 23 2.06 -15.37 0.09
CA ILE A 23 3.11 -15.84 -0.82
C ILE A 23 4.23 -16.54 -0.03
N LYS A 24 4.54 -16.08 1.20
CA LYS A 24 5.51 -16.73 2.10
C LYS A 24 5.09 -18.16 2.46
N ARG A 25 3.77 -18.40 2.57
CA ARG A 25 3.20 -19.74 2.84
C ARG A 25 3.49 -20.76 1.73
N GLU A 26 3.60 -20.31 0.48
CA GLU A 26 3.81 -21.15 -0.71
C GLU A 26 5.28 -21.18 -1.18
N ASN A 27 6.05 -20.11 -0.94
CA ASN A 27 7.46 -19.97 -1.31
C ASN A 27 8.27 -19.53 -0.07
N PRO A 28 9.19 -20.35 0.48
CA PRO A 28 9.92 -20.00 1.71
C PRO A 28 11.10 -19.02 1.50
N GLY A 29 11.62 -18.90 0.28
CA GLY A 29 12.79 -18.05 -0.04
C GLY A 29 12.51 -16.56 -0.31
N ILE A 30 11.23 -16.16 -0.38
CA ILE A 30 10.77 -14.81 -0.70
C ILE A 30 10.84 -13.84 0.50
N LYS A 31 10.95 -12.53 0.22
CA LYS A 31 10.97 -11.45 1.21
C LYS A 31 10.02 -10.31 0.86
N VAL A 32 10.28 -9.62 -0.26
CA VAL A 32 9.53 -8.43 -0.73
C VAL A 32 9.58 -8.26 -2.26
N THR A 33 10.75 -8.36 -2.90
CA THR A 33 10.88 -8.12 -4.35
C THR A 33 10.24 -9.21 -5.20
N GLU A 34 10.23 -10.46 -4.71
CA GLU A 34 9.58 -11.59 -5.35
C GLU A 34 8.06 -11.41 -5.24
N VAL A 35 7.61 -10.92 -4.08
CA VAL A 35 6.22 -10.56 -3.80
C VAL A 35 5.76 -9.40 -4.68
N ALA A 36 6.65 -8.48 -5.09
CA ALA A 36 6.32 -7.41 -6.01
C ALA A 36 6.08 -7.94 -7.45
N LYS A 37 6.87 -8.94 -7.88
CA LYS A 37 6.68 -9.62 -9.19
C LYS A 37 5.43 -10.49 -9.24
N ARG A 38 5.27 -11.37 -8.25
CA ARG A 38 4.04 -12.18 -8.04
C ARG A 38 2.83 -11.25 -7.89
N GLY A 39 3.06 -10.11 -7.22
CA GLY A 39 2.14 -9.03 -7.00
C GLY A 39 1.60 -8.48 -8.31
N GLY A 40 2.49 -8.12 -9.24
CA GLY A 40 2.13 -7.62 -10.57
C GLY A 40 1.18 -8.56 -11.30
N GLU A 41 1.43 -9.88 -11.27
CA GLU A 41 0.56 -10.85 -11.95
C GLU A 41 -0.78 -11.09 -11.22
N LEU A 42 -0.78 -11.08 -9.90
CA LEU A 42 -1.99 -11.27 -9.08
C LEU A 42 -2.91 -10.03 -9.09
N TRP A 43 -2.35 -8.81 -9.01
CA TRP A 43 -3.12 -7.57 -9.06
C TRP A 43 -3.77 -7.37 -10.44
N ARG A 44 -3.11 -7.81 -11.53
CA ARG A 44 -3.69 -7.76 -12.89
C ARG A 44 -5.01 -8.54 -12.96
N ALA A 45 -5.16 -9.58 -12.13
CA ALA A 45 -6.33 -10.46 -12.06
C ALA A 45 -7.26 -10.20 -10.84
N MET A 46 -7.13 -9.06 -10.14
CA MET A 46 -7.91 -8.73 -8.94
C MET A 46 -8.90 -7.59 -9.18
N LYS A 47 -10.07 -8.01 -9.67
CA LYS A 47 -11.28 -7.18 -9.83
C LYS A 47 -11.95 -6.95 -8.45
N ASP A 48 -12.86 -6.00 -8.35
CA ASP A 48 -13.60 -5.66 -7.11
C ASP A 48 -12.67 -5.35 -5.91
N LYS A 49 -11.62 -4.56 -6.16
CA LYS A 49 -10.54 -4.16 -5.24
C LYS A 49 -10.91 -3.05 -4.25
N SER A 50 -12.21 -2.88 -3.99
CA SER A 50 -12.78 -1.81 -3.17
C SER A 50 -12.27 -1.77 -1.72
N GLU A 51 -11.88 -2.90 -1.13
CA GLU A 51 -11.27 -2.93 0.22
C GLU A 51 -9.95 -2.16 0.22
N TRP A 52 -9.13 -2.44 -0.81
CA TRP A 52 -7.80 -1.88 -0.99
C TRP A 52 -7.86 -0.41 -1.38
N GLU A 53 -8.85 -0.06 -2.22
CA GLU A 53 -9.11 1.32 -2.61
C GLU A 53 -9.66 2.15 -1.43
N ALA A 54 -10.54 1.59 -0.58
CA ALA A 54 -11.07 2.30 0.58
C ALA A 54 -9.98 2.58 1.64
N LYS A 55 -9.09 1.60 1.88
CA LYS A 55 -7.98 1.76 2.84
C LYS A 55 -6.95 2.80 2.38
N ALA A 56 -6.60 2.83 1.10
CA ALA A 56 -5.69 3.86 0.59
C ALA A 56 -6.36 5.24 0.49
N ALA A 57 -7.67 5.32 0.22
CA ALA A 57 -8.41 6.58 0.24
C ALA A 57 -8.46 7.17 1.66
N LYS A 58 -8.56 6.32 2.70
CA LYS A 58 -8.50 6.73 4.11
C LYS A 58 -7.13 7.33 4.44
N ALA A 59 -6.05 6.69 3.97
CA ALA A 59 -4.68 7.19 4.12
C ALA A 59 -4.49 8.54 3.40
N LYS A 60 -5.13 8.74 2.24
CA LYS A 60 -5.08 10.01 1.48
C LYS A 60 -5.71 11.18 2.24
N ASP A 61 -6.81 10.93 2.97
CA ASP A 61 -7.47 11.96 3.79
C ASP A 61 -6.61 12.39 5.01
N ASP A 62 -5.97 11.44 5.70
CA ASP A 62 -5.04 11.75 6.81
C ASP A 62 -3.74 12.38 6.28
N TYR A 63 -3.29 12.00 5.07
CA TYR A 63 -2.15 12.63 4.41
C TYR A 63 -2.45 14.10 4.11
N ASP A 64 -3.62 14.41 3.53
CA ASP A 64 -4.03 15.79 3.29
C ASP A 64 -4.10 16.61 4.59
N ARG A 65 -4.54 15.99 5.69
CA ARG A 65 -4.56 16.62 7.03
C ARG A 65 -3.15 16.95 7.52
N ALA A 66 -2.23 16.00 7.43
CA ALA A 66 -0.82 16.17 7.82
C ALA A 66 -0.08 17.18 6.93
N VAL A 67 -0.43 17.23 5.64
CA VAL A 67 0.10 18.20 4.67
C VAL A 67 -0.37 19.63 4.98
N LYS A 68 -1.58 19.80 5.52
CA LYS A 68 -2.07 21.13 5.95
C LYS A 68 -1.19 21.71 7.06
N GLU A 69 -0.76 20.87 8.00
CA GLU A 69 0.17 21.26 9.07
C GLU A 69 1.58 21.56 8.53
N PHE A 70 1.98 20.97 7.39
CA PHE A 70 3.25 21.25 6.74
C PHE A 70 3.31 22.70 6.24
N GLU A 71 2.19 23.25 5.77
CA GLU A 71 2.07 24.66 5.37
C GLU A 71 1.93 25.60 6.59
N ALA A 72 1.37 25.12 7.70
CA ALA A 72 1.26 25.89 8.94
C ALA A 72 2.61 26.02 9.68
N ASN A 73 3.54 25.10 9.45
CA ASN A 73 4.85 25.02 10.11
C ASN A 73 6.05 25.21 9.15
N GLY A 74 5.80 25.75 7.95
CA GLY A 74 6.83 26.03 6.92
C GLY A 74 6.27 26.75 5.69
N SER A 2 5.71 19.47 13.37
CA SER A 2 5.92 18.36 12.42
C SER A 2 6.29 18.89 11.03
N ASP A 3 6.90 18.05 10.19
CA ASP A 3 7.38 18.39 8.83
C ASP A 3 7.35 17.15 7.91
N LYS A 4 7.12 17.36 6.61
CA LYS A 4 7.11 16.36 5.50
C LYS A 4 6.50 15.00 5.91
N PRO A 5 5.16 14.83 5.82
CA PRO A 5 4.51 13.63 6.35
C PRO A 5 4.77 12.35 5.56
N LYS A 6 4.61 11.20 6.23
CA LYS A 6 4.73 9.84 5.66
C LYS A 6 3.63 9.69 4.60
N ARG A 7 3.99 9.78 3.30
CA ARG A 7 3.02 9.84 2.19
C ARG A 7 2.06 8.63 2.09
N PRO A 8 0.84 8.85 1.55
CA PRO A 8 -0.18 7.82 1.31
C PRO A 8 0.30 6.82 0.25
N LEU A 9 -0.31 5.64 0.20
CA LEU A 9 0.14 4.54 -0.66
C LEU A 9 -0.92 4.17 -1.69
N SER A 10 -0.58 3.22 -2.56
CA SER A 10 -1.52 2.65 -3.52
C SER A 10 -2.34 1.53 -2.86
N ALA A 11 -3.52 1.28 -3.44
CA ALA A 11 -4.35 0.12 -3.16
C ALA A 11 -3.47 -1.15 -3.21
N PHE A 12 -2.52 -1.16 -4.14
CA PHE A 12 -1.53 -2.21 -4.33
C PHE A 12 -0.67 -2.49 -3.09
N MET A 13 -0.13 -1.45 -2.45
CA MET A 13 0.78 -1.61 -1.30
C MET A 13 0.08 -2.23 -0.10
N LEU A 14 -1.18 -1.86 0.15
CA LEU A 14 -1.93 -2.47 1.24
C LEU A 14 -2.11 -3.97 1.02
N TRP A 15 -2.41 -4.40 -0.22
CA TRP A 15 -2.55 -5.82 -0.52
C TRP A 15 -1.21 -6.54 -0.65
N LEU A 16 -0.14 -5.88 -1.09
CA LEU A 16 1.21 -6.47 -1.17
C LEU A 16 1.65 -6.99 0.21
N ASN A 17 1.25 -6.27 1.26
CA ASN A 17 1.52 -6.65 2.65
C ASN A 17 0.73 -7.90 3.11
N SER A 18 -0.47 -8.14 2.60
CA SER A 18 -1.27 -9.34 2.92
C SER A 18 -0.92 -10.52 1.99
N ALA A 19 -0.59 -10.25 0.73
CA ALA A 19 -0.15 -11.25 -0.23
C ALA A 19 1.24 -11.79 0.13
N ARG A 20 2.09 -11.03 0.83
CA ARG A 20 3.39 -11.53 1.33
C ARG A 20 3.20 -12.78 2.17
N GLU A 21 2.19 -12.83 3.05
CA GLU A 21 1.92 -14.00 3.88
C GLU A 21 1.48 -15.22 3.04
N SER A 22 0.58 -15.00 2.07
CA SER A 22 0.12 -16.05 1.14
C SER A 22 1.23 -16.56 0.22
N ILE A 23 2.13 -15.68 -0.22
CA ILE A 23 3.25 -16.03 -1.10
C ILE A 23 4.37 -16.71 -0.28
N LYS A 24 4.59 -16.34 0.99
CA LYS A 24 5.55 -17.03 1.88
C LYS A 24 5.10 -18.45 2.21
N ARG A 25 3.78 -18.70 2.25
CA ARG A 25 3.20 -20.04 2.46
C ARG A 25 3.48 -21.00 1.29
N GLU A 26 3.55 -20.47 0.06
CA GLU A 26 3.80 -21.26 -1.15
C GLU A 26 5.28 -21.31 -1.55
N ASN A 27 6.07 -20.27 -1.22
CA ASN A 27 7.48 -20.16 -1.59
C ASN A 27 8.33 -19.69 -0.38
N PRO A 28 9.26 -20.51 0.15
CA PRO A 28 10.16 -20.08 1.21
C PRO A 28 11.26 -19.13 0.67
N GLY A 29 11.78 -18.27 1.55
CA GLY A 29 12.89 -17.34 1.23
C GLY A 29 12.50 -16.02 0.54
N ILE A 30 11.27 -15.87 0.05
CA ILE A 30 10.76 -14.62 -0.54
C ILE A 30 10.53 -13.56 0.55
N LYS A 31 10.76 -12.28 0.25
CA LYS A 31 10.67 -11.17 1.23
C LYS A 31 9.78 -10.02 0.77
N VAL A 32 10.21 -9.29 -0.28
CA VAL A 32 9.50 -8.12 -0.85
C VAL A 32 9.60 -8.08 -2.38
N THR A 33 10.79 -8.26 -2.97
CA THR A 33 10.96 -8.13 -4.44
C THR A 33 10.28 -9.25 -5.22
N GLU A 34 10.35 -10.49 -4.74
CA GLU A 34 9.65 -11.63 -5.35
C GLU A 34 8.14 -11.47 -5.15
N VAL A 35 7.73 -10.93 -3.99
CA VAL A 35 6.33 -10.59 -3.70
C VAL A 35 5.84 -9.49 -4.65
N ALA A 36 6.69 -8.52 -5.01
CA ALA A 36 6.32 -7.44 -5.92
C ALA A 36 6.12 -7.93 -7.36
N LYS A 37 6.95 -8.88 -7.82
CA LYS A 37 6.84 -9.50 -9.15
C LYS A 37 5.61 -10.42 -9.26
N ARG A 38 5.46 -11.36 -8.30
CA ARG A 38 4.28 -12.24 -8.24
C ARG A 38 3.03 -11.42 -7.94
N GLY A 39 3.17 -10.36 -7.16
CA GLY A 39 2.13 -9.40 -6.82
C GLY A 39 1.63 -8.68 -8.06
N GLY A 40 2.53 -8.30 -8.97
CA GLY A 40 2.21 -7.69 -10.27
C GLY A 40 1.23 -8.56 -11.06
N GLU A 41 1.56 -9.86 -11.21
CA GLU A 41 0.69 -10.78 -11.96
C GLU A 41 -0.63 -11.13 -11.25
N LEU A 42 -0.65 -11.19 -9.91
CA LEU A 42 -1.86 -11.43 -9.12
C LEU A 42 -2.78 -10.20 -9.05
N TRP A 43 -2.24 -8.99 -8.92
CA TRP A 43 -3.03 -7.74 -8.93
C TRP A 43 -3.73 -7.54 -10.28
N ARG A 44 -3.09 -7.94 -11.40
CA ARG A 44 -3.68 -7.90 -12.75
C ARG A 44 -4.95 -8.78 -12.88
N ALA A 45 -5.20 -9.69 -11.93
CA ALA A 45 -6.39 -10.54 -11.85
C ALA A 45 -7.39 -10.13 -10.73
N MET A 46 -7.07 -9.14 -9.89
CA MET A 46 -7.90 -8.69 -8.76
C MET A 46 -8.77 -7.50 -9.16
N LYS A 47 -9.78 -7.77 -9.99
CA LYS A 47 -10.81 -6.81 -10.45
C LYS A 47 -11.84 -6.36 -9.39
N ASP A 48 -11.58 -6.67 -8.13
CA ASP A 48 -12.41 -6.43 -6.95
C ASP A 48 -11.58 -5.90 -5.76
N LYS A 49 -10.76 -4.87 -6.02
CA LYS A 49 -9.81 -4.27 -5.06
C LYS A 49 -10.39 -3.12 -4.21
N SER A 50 -11.70 -3.08 -4.04
CA SER A 50 -12.41 -1.99 -3.33
C SER A 50 -12.01 -1.82 -1.86
N GLU A 51 -11.66 -2.89 -1.14
CA GLU A 51 -11.14 -2.80 0.24
C GLU A 51 -9.84 -1.99 0.26
N TRP A 52 -9.00 -2.27 -0.74
CA TRP A 52 -7.67 -1.68 -0.89
C TRP A 52 -7.76 -0.22 -1.35
N GLU A 53 -8.70 0.05 -2.24
CA GLU A 53 -8.96 1.40 -2.72
C GLU A 53 -9.62 2.27 -1.64
N ALA A 54 -10.51 1.71 -0.81
CA ALA A 54 -11.16 2.46 0.26
C ALA A 54 -10.16 2.81 1.39
N LYS A 55 -9.29 1.89 1.79
CA LYS A 55 -8.29 2.17 2.83
C LYS A 55 -7.21 3.15 2.37
N ALA A 56 -6.78 3.09 1.10
CA ALA A 56 -5.81 4.06 0.59
C ALA A 56 -6.45 5.46 0.45
N ALA A 57 -7.73 5.54 0.08
CA ALA A 57 -8.46 6.82 0.04
C ALA A 57 -8.62 7.43 1.44
N LYS A 58 -8.77 6.59 2.49
CA LYS A 58 -8.82 7.02 3.89
C LYS A 58 -7.49 7.60 4.36
N ALA A 59 -6.37 7.01 3.94
CA ALA A 59 -5.02 7.52 4.21
C ALA A 59 -4.77 8.88 3.53
N LYS A 60 -5.38 9.12 2.35
CA LYS A 60 -5.28 10.39 1.60
C LYS A 60 -5.86 11.58 2.37
N ASP A 61 -6.92 11.38 3.16
CA ASP A 61 -7.53 12.43 3.98
C ASP A 61 -6.64 12.84 5.18
N ASP A 62 -6.03 11.87 5.87
CA ASP A 62 -5.10 12.14 6.97
C ASP A 62 -3.77 12.73 6.44
N TYR A 63 -3.34 12.33 5.24
CA TYR A 63 -2.18 12.91 4.55
C TYR A 63 -2.42 14.39 4.26
N ASP A 64 -3.58 14.76 3.70
CA ASP A 64 -3.94 16.17 3.47
C ASP A 64 -3.95 16.98 4.78
N ARG A 65 -4.42 16.37 5.88
CA ARG A 65 -4.41 16.97 7.22
C ARG A 65 -2.98 17.21 7.73
N ALA A 66 -2.09 16.24 7.55
CA ALA A 66 -0.68 16.30 7.93
C ALA A 66 0.11 17.30 7.07
N VAL A 67 -0.22 17.41 5.79
CA VAL A 67 0.37 18.37 4.84
C VAL A 67 -0.04 19.82 5.18
N LYS A 68 -1.16 20.05 5.87
CA LYS A 68 -1.52 21.39 6.34
C LYS A 68 -0.51 21.90 7.38
N GLU A 69 0.02 21.00 8.21
CA GLU A 69 1.10 21.32 9.16
C GLU A 69 2.45 21.49 8.46
N PHE A 70 2.69 20.81 7.35
CA PHE A 70 3.92 20.96 6.54
C PHE A 70 4.04 22.41 6.00
N GLU A 71 2.91 23.06 5.68
CA GLU A 71 2.88 24.48 5.30
C GLU A 71 2.99 25.42 6.50
N ALA A 72 2.46 25.03 7.66
CA ALA A 72 2.54 25.82 8.90
C ALA A 72 3.95 25.82 9.51
N ASN A 73 4.76 24.80 9.22
CA ASN A 73 6.13 24.62 9.72
C ASN A 73 7.20 24.84 8.63
N GLY A 74 6.80 25.38 7.47
CA GLY A 74 7.67 25.74 6.33
C GLY A 74 8.41 27.07 6.54
N SER A 2 7.29 18.78 13.55
CA SER A 2 6.41 19.03 12.39
C SER A 2 7.24 19.19 11.12
N ASP A 3 7.09 18.24 10.18
CA ASP A 3 7.84 18.16 8.91
C ASP A 3 7.02 17.39 7.85
N LYS A 4 7.64 17.03 6.71
CA LYS A 4 7.04 16.24 5.61
C LYS A 4 6.40 14.95 6.15
N PRO A 5 5.10 14.69 5.91
CA PRO A 5 4.45 13.51 6.46
C PRO A 5 4.73 12.25 5.63
N LYS A 6 4.53 11.06 6.23
CA LYS A 6 4.64 9.79 5.49
C LYS A 6 3.52 9.80 4.44
N ARG A 7 3.91 9.80 3.16
CA ARG A 7 2.97 9.89 2.04
C ARG A 7 2.07 8.63 1.97
N PRO A 8 0.83 8.78 1.46
CA PRO A 8 -0.15 7.71 1.36
C PRO A 8 0.29 6.72 0.27
N LEU A 9 -0.29 5.51 0.29
CA LEU A 9 0.14 4.42 -0.58
C LEU A 9 -0.90 4.15 -1.68
N SER A 10 -0.60 3.20 -2.55
CA SER A 10 -1.53 2.72 -3.57
C SER A 10 -2.41 1.61 -3.00
N ALA A 11 -3.54 1.34 -3.66
CA ALA A 11 -4.38 0.18 -3.36
C ALA A 11 -3.52 -1.11 -3.46
N PHE A 12 -2.53 -1.10 -4.37
CA PHE A 12 -1.57 -2.19 -4.56
C PHE A 12 -0.74 -2.46 -3.31
N MET A 13 -0.11 -1.43 -2.75
CA MET A 13 0.69 -1.50 -1.52
C MET A 13 -0.13 -2.04 -0.35
N LEU A 14 -1.38 -1.60 -0.24
CA LEU A 14 -2.33 -2.05 0.78
C LEU A 14 -2.54 -3.56 0.72
N TRP A 15 -2.81 -4.10 -0.46
CA TRP A 15 -2.98 -5.55 -0.64
C TRP A 15 -1.65 -6.30 -0.50
N LEU A 16 -0.54 -5.79 -1.05
CA LEU A 16 0.78 -6.44 -1.07
C LEU A 16 1.26 -6.76 0.36
N ASN A 17 0.93 -5.90 1.33
CA ASN A 17 1.29 -6.12 2.73
C ASN A 17 0.59 -7.34 3.37
N SER A 18 -0.65 -7.65 2.98
CA SER A 18 -1.39 -8.83 3.44
C SER A 18 -1.10 -10.05 2.56
N ALA A 19 -0.88 -9.84 1.27
CA ALA A 19 -0.49 -10.89 0.34
C ALA A 19 0.92 -11.43 0.64
N ARG A 20 1.83 -10.64 1.23
CA ARG A 20 3.15 -11.13 1.63
C ARG A 20 3.02 -12.32 2.59
N GLU A 21 2.09 -12.30 3.54
CA GLU A 21 1.87 -13.42 4.46
C GLU A 21 1.35 -14.67 3.73
N SER A 22 0.42 -14.49 2.77
CA SER A 22 -0.12 -15.59 1.95
C SER A 22 0.91 -16.20 1.00
N ILE A 23 1.82 -15.38 0.45
CA ILE A 23 2.91 -15.82 -0.43
C ILE A 23 4.01 -16.50 0.40
N LYS A 24 4.34 -15.97 1.59
CA LYS A 24 5.32 -16.56 2.53
C LYS A 24 4.87 -17.94 3.02
N ARG A 25 3.56 -18.17 3.13
CA ARG A 25 2.96 -19.46 3.52
C ARG A 25 3.21 -20.57 2.49
N GLU A 26 3.28 -20.22 1.20
CA GLU A 26 3.44 -21.17 0.09
C GLU A 26 4.86 -21.25 -0.48
N ASN A 27 5.66 -20.18 -0.35
CA ASN A 27 7.06 -20.11 -0.79
C ASN A 27 7.96 -19.61 0.37
N PRO A 28 8.93 -20.38 0.87
CA PRO A 28 9.75 -19.97 2.01
C PRO A 28 10.95 -19.06 1.65
N GLY A 29 11.43 -19.12 0.41
CA GLY A 29 12.62 -18.36 -0.06
C GLY A 29 12.37 -16.94 -0.57
N ILE A 30 11.11 -16.50 -0.65
CA ILE A 30 10.71 -15.20 -1.19
C ILE A 30 11.02 -14.01 -0.25
N LYS A 31 11.36 -12.89 -0.87
CA LYS A 31 11.63 -11.58 -0.26
C LYS A 31 10.66 -10.55 -0.83
N VAL A 32 10.68 -9.31 -0.34
CA VAL A 32 9.78 -8.21 -0.76
C VAL A 32 9.78 -8.01 -2.28
N THR A 33 10.91 -8.22 -2.95
CA THR A 33 11.02 -8.12 -4.41
C THR A 33 10.36 -9.29 -5.15
N GLU A 34 10.40 -10.52 -4.62
CA GLU A 34 9.68 -11.67 -5.19
C GLU A 34 8.18 -11.50 -4.99
N VAL A 35 7.79 -10.96 -3.82
CA VAL A 35 6.40 -10.60 -3.51
C VAL A 35 5.91 -9.52 -4.48
N ALA A 36 6.75 -8.57 -4.90
CA ALA A 36 6.37 -7.56 -5.88
C ALA A 36 6.15 -8.15 -7.29
N LYS A 37 6.95 -9.16 -7.69
CA LYS A 37 6.81 -9.90 -8.97
C LYS A 37 5.52 -10.74 -8.99
N ARG A 38 5.34 -11.58 -7.96
CA ARG A 38 4.11 -12.39 -7.75
C ARG A 38 2.90 -11.47 -7.61
N GLY A 39 3.12 -10.32 -6.99
CA GLY A 39 2.17 -9.23 -6.81
C GLY A 39 1.65 -8.72 -8.14
N GLY A 40 2.55 -8.40 -9.07
CA GLY A 40 2.21 -7.94 -10.42
C GLY A 40 1.27 -8.90 -11.14
N GLU A 41 1.55 -10.21 -11.09
CA GLU A 41 0.69 -11.21 -11.75
C GLU A 41 -0.67 -11.41 -11.05
N LEU A 42 -0.71 -11.35 -9.72
CA LEU A 42 -1.93 -11.49 -8.92
C LEU A 42 -2.85 -10.25 -9.01
N TRP A 43 -2.28 -9.04 -8.99
CA TRP A 43 -3.05 -7.79 -9.14
C TRP A 43 -3.65 -7.65 -10.54
N ARG A 44 -3.00 -8.21 -11.59
CA ARG A 44 -3.52 -8.23 -12.97
C ARG A 44 -4.82 -9.05 -13.08
N ALA A 45 -5.06 -9.99 -12.15
CA ALA A 45 -6.26 -10.83 -12.05
C ALA A 45 -7.21 -10.42 -10.90
N MET A 46 -7.08 -9.22 -10.33
CA MET A 46 -7.86 -8.71 -9.20
C MET A 46 -8.87 -7.66 -9.66
N LYS A 47 -10.07 -8.15 -9.94
CA LYS A 47 -11.26 -7.33 -10.24
C LYS A 47 -11.97 -6.90 -8.94
N ASP A 48 -12.75 -5.82 -8.97
CA ASP A 48 -13.48 -5.24 -7.83
C ASP A 48 -12.57 -4.99 -6.60
N LYS A 49 -11.65 -4.03 -6.73
CA LYS A 49 -10.58 -3.68 -5.77
C LYS A 49 -10.97 -2.68 -4.68
N SER A 50 -12.26 -2.52 -4.42
CA SER A 50 -12.80 -1.52 -3.49
C SER A 50 -12.29 -1.59 -2.05
N GLU A 51 -11.95 -2.77 -1.52
CA GLU A 51 -11.35 -2.86 -0.18
C GLU A 51 -9.98 -2.19 -0.13
N TRP A 52 -9.21 -2.35 -1.20
CA TRP A 52 -7.86 -1.85 -1.32
C TRP A 52 -7.85 -0.37 -1.70
N GLU A 53 -8.80 0.04 -2.55
CA GLU A 53 -8.98 1.43 -2.92
C GLU A 53 -9.57 2.26 -1.77
N ALA A 54 -10.47 1.71 -0.94
CA ALA A 54 -11.04 2.44 0.19
C ALA A 54 -9.98 2.69 1.29
N LYS A 55 -9.11 1.70 1.56
CA LYS A 55 -8.05 1.85 2.57
C LYS A 55 -7.00 2.88 2.18
N ALA A 56 -6.60 2.94 0.91
CA ALA A 56 -5.65 3.96 0.45
C ALA A 56 -6.32 5.36 0.34
N ALA A 57 -7.61 5.43 -0.03
CA ALA A 57 -8.34 6.70 -0.05
C ALA A 57 -8.50 7.28 1.38
N LYS A 58 -8.65 6.42 2.40
CA LYS A 58 -8.69 6.82 3.82
C LYS A 58 -7.33 7.40 4.26
N ALA A 59 -6.24 6.76 3.86
CA ALA A 59 -4.88 7.25 4.10
C ALA A 59 -4.63 8.61 3.43
N LYS A 60 -5.22 8.86 2.24
CA LYS A 60 -5.14 10.13 1.51
C LYS A 60 -5.74 11.31 2.29
N ASP A 61 -6.82 11.08 3.05
CA ASP A 61 -7.47 12.11 3.89
C ASP A 61 -6.62 12.50 5.11
N ASP A 62 -6.03 11.52 5.81
CA ASP A 62 -5.12 11.77 6.94
C ASP A 62 -3.80 12.38 6.46
N TYR A 63 -3.34 12.03 5.25
CA TYR A 63 -2.17 12.63 4.61
C TYR A 63 -2.43 14.11 4.34
N ASP A 64 -3.57 14.47 3.74
CA ASP A 64 -3.96 15.88 3.52
C ASP A 64 -4.00 16.66 4.85
N ARG A 65 -4.47 16.03 5.92
CA ARG A 65 -4.51 16.61 7.27
C ARG A 65 -3.10 16.89 7.83
N ALA A 66 -2.17 15.97 7.62
CA ALA A 66 -0.77 16.10 8.01
C ALA A 66 -0.03 17.13 7.14
N VAL A 67 -0.32 17.15 5.84
CA VAL A 67 0.20 18.10 4.86
C VAL A 67 -0.21 19.54 5.19
N LYS A 68 -1.39 19.75 5.80
CA LYS A 68 -1.83 21.08 6.25
C LYS A 68 -0.87 21.67 7.30
N GLU A 69 -0.33 20.84 8.20
CA GLU A 69 0.65 21.28 9.19
C GLU A 69 2.05 21.41 8.57
N PHE A 70 2.38 20.57 7.58
CA PHE A 70 3.62 20.64 6.83
C PHE A 70 3.75 21.98 6.07
N GLU A 71 2.66 22.49 5.48
CA GLU A 71 2.67 23.81 4.82
C GLU A 71 2.82 24.97 5.83
N ALA A 72 2.36 24.80 7.07
CA ALA A 72 2.50 25.80 8.12
C ALA A 72 3.92 25.84 8.73
N ASN A 73 4.67 24.74 8.63
CA ASN A 73 6.02 24.56 9.19
C ASN A 73 7.15 24.39 8.16
N GLY A 74 6.83 24.61 6.88
CA GLY A 74 7.74 24.51 5.72
C GLY A 74 8.48 25.82 5.43
N SER A 2 9.89 19.67 12.05
CA SER A 2 8.93 19.00 11.15
C SER A 2 9.57 18.67 9.80
N ASP A 3 9.02 17.70 9.07
CA ASP A 3 9.49 17.23 7.76
C ASP A 3 8.31 16.68 6.92
N LYS A 4 8.57 16.26 5.67
CA LYS A 4 7.58 15.72 4.73
C LYS A 4 6.83 14.53 5.34
N PRO A 5 5.49 14.44 5.27
CA PRO A 5 4.76 13.37 5.94
C PRO A 5 4.78 12.06 5.14
N LYS A 6 4.48 10.94 5.81
CA LYS A 6 4.36 9.64 5.14
C LYS A 6 3.21 9.71 4.13
N ARG A 7 3.55 9.56 2.84
CA ARG A 7 2.58 9.60 1.73
C ARG A 7 1.57 8.45 1.85
N PRO A 8 0.41 8.55 1.17
CA PRO A 8 -0.59 7.48 1.16
C PRO A 8 -0.01 6.23 0.49
N LEU A 9 -0.70 5.10 0.65
CA LEU A 9 -0.28 3.82 0.09
C LEU A 9 -1.31 3.43 -0.96
N SER A 10 -0.86 3.09 -2.17
CA SER A 10 -1.76 2.73 -3.26
C SER A 10 -2.64 1.53 -2.91
N ALA A 11 -3.74 1.34 -3.66
CA ALA A 11 -4.58 0.16 -3.52
C ALA A 11 -3.71 -1.11 -3.65
N PHE A 12 -2.68 -1.07 -4.50
CA PHE A 12 -1.69 -2.13 -4.67
C PHE A 12 -0.89 -2.41 -3.39
N MET A 13 -0.24 -1.39 -2.84
CA MET A 13 0.61 -1.50 -1.64
C MET A 13 -0.20 -2.04 -0.44
N LEU A 14 -1.43 -1.54 -0.28
CA LEU A 14 -2.36 -1.97 0.76
C LEU A 14 -2.72 -3.45 0.66
N TRP A 15 -2.88 -4.00 -0.55
CA TRP A 15 -3.11 -5.43 -0.75
C TRP A 15 -1.81 -6.25 -0.63
N LEU A 16 -0.70 -5.72 -1.16
CA LEU A 16 0.62 -6.36 -1.17
C LEU A 16 1.03 -6.82 0.24
N ASN A 17 0.66 -6.04 1.25
CA ASN A 17 0.97 -6.30 2.66
C ASN A 17 0.23 -7.52 3.25
N SER A 18 -0.92 -7.89 2.69
CA SER A 18 -1.67 -9.10 3.06
C SER A 18 -1.25 -10.27 2.17
N ALA A 19 -1.03 -10.00 0.87
CA ALA A 19 -0.52 -10.98 -0.07
C ALA A 19 0.90 -11.43 0.30
N ARG A 20 1.70 -10.61 1.00
CA ARG A 20 3.04 -10.95 1.50
C ARG A 20 3.01 -12.18 2.39
N GLU A 21 2.05 -12.27 3.30
CA GLU A 21 1.89 -13.44 4.17
C GLU A 21 1.47 -14.69 3.39
N SER A 22 0.55 -14.53 2.41
CA SER A 22 0.10 -15.61 1.53
C SER A 22 1.22 -16.13 0.62
N ILE A 23 2.01 -15.23 0.03
CA ILE A 23 3.11 -15.58 -0.88
C ILE A 23 4.27 -16.19 -0.07
N LYS A 24 4.52 -15.77 1.17
CA LYS A 24 5.54 -16.36 2.05
C LYS A 24 5.16 -17.78 2.50
N ARG A 25 3.86 -18.06 2.60
CA ARG A 25 3.30 -19.38 2.95
C ARG A 25 3.40 -20.38 1.79
N GLU A 26 3.31 -19.89 0.55
CA GLU A 26 3.39 -20.72 -0.67
C GLU A 26 4.85 -20.88 -1.17
N ASN A 27 5.69 -19.87 -0.96
CA ASN A 27 7.08 -19.85 -1.44
C ASN A 27 8.07 -19.46 -0.31
N PRO A 28 8.96 -20.35 0.14
CA PRO A 28 9.98 -20.00 1.13
C PRO A 28 11.08 -19.10 0.53
N GLY A 29 11.71 -18.28 1.38
CA GLY A 29 12.82 -17.39 1.01
C GLY A 29 12.44 -16.04 0.37
N ILE A 30 11.18 -15.83 -0.02
CA ILE A 30 10.68 -14.56 -0.54
C ILE A 30 10.53 -13.51 0.58
N LYS A 31 10.79 -12.24 0.28
CA LYS A 31 10.83 -11.14 1.27
C LYS A 31 9.95 -9.93 0.89
N VAL A 32 10.37 -9.19 -0.14
CA VAL A 32 9.72 -7.95 -0.61
C VAL A 32 9.68 -7.85 -2.14
N THR A 33 10.82 -7.99 -2.81
CA THR A 33 10.90 -7.83 -4.27
C THR A 33 10.23 -8.97 -5.02
N GLU A 34 10.36 -10.21 -4.55
CA GLU A 34 9.69 -11.38 -5.13
C GLU A 34 8.16 -11.27 -4.94
N VAL A 35 7.73 -10.71 -3.79
CA VAL A 35 6.32 -10.42 -3.50
C VAL A 35 5.79 -9.39 -4.49
N ALA A 36 6.58 -8.37 -4.86
CA ALA A 36 6.18 -7.37 -5.84
C ALA A 36 6.02 -7.94 -7.26
N LYS A 37 6.87 -8.91 -7.65
CA LYS A 37 6.77 -9.60 -8.95
C LYS A 37 5.53 -10.51 -9.03
N ARG A 38 5.36 -11.38 -8.01
CA ARG A 38 4.18 -12.27 -7.89
C ARG A 38 2.91 -11.44 -7.72
N GLY A 39 3.05 -10.30 -7.03
CA GLY A 39 2.03 -9.30 -6.81
C GLY A 39 1.57 -8.66 -8.11
N GLY A 40 2.51 -8.34 -9.01
CA GLY A 40 2.23 -7.79 -10.34
C GLY A 40 1.30 -8.69 -11.15
N GLU A 41 1.59 -10.00 -11.19
CA GLU A 41 0.75 -10.96 -11.92
C GLU A 41 -0.62 -11.21 -11.25
N LEU A 42 -0.69 -11.17 -9.91
CA LEU A 42 -1.93 -11.33 -9.16
C LEU A 42 -2.85 -10.10 -9.23
N TRP A 43 -2.31 -8.88 -9.11
CA TRP A 43 -3.10 -7.65 -9.23
C TRP A 43 -3.68 -7.49 -10.64
N ARG A 44 -2.96 -7.95 -11.68
CA ARG A 44 -3.45 -7.95 -13.07
C ARG A 44 -4.67 -8.87 -13.30
N ALA A 45 -4.99 -9.74 -12.33
CA ALA A 45 -6.17 -10.61 -12.33
C ALA A 45 -7.16 -10.34 -11.16
N MET A 46 -6.95 -9.31 -10.33
CA MET A 46 -7.76 -9.00 -9.16
C MET A 46 -8.83 -7.95 -9.48
N LYS A 47 -9.89 -8.40 -10.15
CA LYS A 47 -11.10 -7.61 -10.42
C LYS A 47 -11.77 -7.17 -9.12
N ASP A 48 -12.42 -6.00 -9.13
CA ASP A 48 -13.05 -5.33 -7.97
C ASP A 48 -12.09 -5.09 -6.78
N LYS A 49 -11.32 -4.00 -6.84
CA LYS A 49 -10.33 -3.59 -5.81
C LYS A 49 -10.87 -2.58 -4.80
N SER A 50 -12.18 -2.51 -4.60
CA SER A 50 -12.83 -1.49 -3.75
C SER A 50 -12.38 -1.49 -2.29
N GLU A 51 -12.05 -2.66 -1.70
CA GLU A 51 -11.50 -2.72 -0.32
C GLU A 51 -10.15 -2.00 -0.22
N TRP A 52 -9.33 -2.19 -1.26
CA TRP A 52 -7.98 -1.63 -1.36
C TRP A 52 -8.00 -0.15 -1.73
N GLU A 53 -8.92 0.23 -2.61
CA GLU A 53 -9.15 1.62 -2.98
C GLU A 53 -9.79 2.43 -1.84
N ALA A 54 -10.68 1.84 -1.03
CA ALA A 54 -11.32 2.54 0.09
C ALA A 54 -10.32 2.86 1.21
N LYS A 55 -9.40 1.93 1.53
CA LYS A 55 -8.40 2.18 2.58
C LYS A 55 -7.34 3.19 2.14
N ALA A 56 -6.98 3.23 0.86
CA ALA A 56 -6.06 4.25 0.34
C ALA A 56 -6.73 5.63 0.27
N ALA A 57 -8.02 5.69 -0.09
CA ALA A 57 -8.79 6.94 -0.09
C ALA A 57 -8.94 7.52 1.32
N LYS A 58 -9.11 6.67 2.36
CA LYS A 58 -9.15 7.11 3.77
C LYS A 58 -7.79 7.64 4.22
N ALA A 59 -6.71 6.95 3.85
CA ALA A 59 -5.34 7.38 4.15
C ALA A 59 -5.00 8.74 3.50
N LYS A 60 -5.60 9.06 2.35
CA LYS A 60 -5.42 10.34 1.65
C LYS A 60 -5.93 11.56 2.46
N ASP A 61 -6.96 11.40 3.29
CA ASP A 61 -7.47 12.47 4.16
C ASP A 61 -6.50 12.79 5.31
N ASP A 62 -5.92 11.76 5.96
CA ASP A 62 -4.91 11.96 7.01
C ASP A 62 -3.59 12.46 6.40
N TYR A 63 -3.27 12.08 5.17
CA TYR A 63 -2.12 12.59 4.42
C TYR A 63 -2.30 14.09 4.13
N ASP A 64 -3.47 14.52 3.65
CA ASP A 64 -3.77 15.94 3.43
C ASP A 64 -3.62 16.73 4.75
N ARG A 65 -4.13 16.18 5.86
CA ARG A 65 -3.99 16.75 7.20
C ARG A 65 -2.52 16.90 7.62
N ALA A 66 -1.71 15.88 7.39
CA ALA A 66 -0.28 15.91 7.70
C ALA A 66 0.51 16.87 6.79
N VAL A 67 0.15 16.94 5.52
CA VAL A 67 0.74 17.88 4.54
C VAL A 67 0.39 19.33 4.88
N LYS A 68 -0.83 19.57 5.37
CA LYS A 68 -1.30 20.91 5.78
C LYS A 68 -0.53 21.45 6.98
N GLU A 69 -0.11 20.59 7.91
CA GLU A 69 0.73 20.99 9.04
C GLU A 69 2.22 21.07 8.62
N PHE A 70 2.67 20.20 7.71
CA PHE A 70 4.02 20.24 7.13
C PHE A 70 4.26 21.57 6.38
N GLU A 71 3.25 22.10 5.67
CA GLU A 71 3.32 23.41 5.01
C GLU A 71 3.34 24.58 6.00
N ALA A 72 2.73 24.43 7.19
CA ALA A 72 2.76 25.44 8.23
C ALA A 72 4.10 25.47 9.00
N ASN A 73 4.85 24.36 8.99
CA ASN A 73 6.12 24.18 9.67
C ASN A 73 7.34 24.02 8.74
N GLY A 74 7.15 24.31 7.45
CA GLY A 74 8.16 24.19 6.37
C GLY A 74 8.94 25.49 6.13
N SER A 2 7.61 19.20 13.28
CA SER A 2 7.34 18.13 12.29
C SER A 2 7.39 18.70 10.87
N ASP A 3 7.91 17.93 9.90
CA ASP A 3 8.10 18.33 8.50
C ASP A 3 8.03 17.11 7.57
N LYS A 4 7.53 17.30 6.33
CA LYS A 4 7.43 16.29 5.25
C LYS A 4 6.84 14.95 5.71
N PRO A 5 5.50 14.76 5.71
CA PRO A 5 4.88 13.58 6.29
C PRO A 5 5.05 12.30 5.46
N LYS A 6 4.86 11.13 6.11
CA LYS A 6 4.90 9.83 5.42
C LYS A 6 3.75 9.78 4.41
N ARG A 7 4.06 9.77 3.11
CA ARG A 7 3.07 9.82 2.03
C ARG A 7 2.11 8.61 2.05
N PRO A 8 0.89 8.75 1.47
CA PRO A 8 -0.11 7.69 1.43
C PRO A 8 0.27 6.66 0.34
N LEU A 9 -0.41 5.51 0.32
CA LEU A 9 -0.06 4.41 -0.58
C LEU A 9 -1.11 4.22 -1.67
N SER A 10 -0.95 3.16 -2.46
CA SER A 10 -1.90 2.74 -3.50
C SER A 10 -2.75 1.56 -3.01
N ALA A 11 -3.82 1.25 -3.75
CA ALA A 11 -4.63 0.05 -3.51
C ALA A 11 -3.73 -1.21 -3.62
N PHE A 12 -2.76 -1.17 -4.54
CA PHE A 12 -1.79 -2.24 -4.74
C PHE A 12 -0.97 -2.50 -3.47
N MET A 13 -0.38 -1.45 -2.89
CA MET A 13 0.47 -1.53 -1.73
C MET A 13 -0.26 -2.11 -0.51
N LEU A 14 -1.54 -1.73 -0.36
CA LEU A 14 -2.42 -2.23 0.68
C LEU A 14 -2.59 -3.75 0.57
N TRP A 15 -2.86 -4.26 -0.63
CA TRP A 15 -2.97 -5.70 -0.86
C TRP A 15 -1.62 -6.41 -0.77
N LEU A 16 -0.53 -5.81 -1.28
CA LEU A 16 0.82 -6.40 -1.30
C LEU A 16 1.25 -6.82 0.11
N ASN A 17 0.90 -6.01 1.11
CA ASN A 17 1.23 -6.27 2.52
C ASN A 17 0.53 -7.53 3.10
N SER A 18 -0.68 -7.86 2.61
CA SER A 18 -1.42 -9.07 3.00
C SER A 18 -1.01 -10.26 2.13
N ALA A 19 -0.81 -10.03 0.82
CA ALA A 19 -0.32 -11.04 -0.11
C ALA A 19 1.09 -11.51 0.26
N ARG A 20 1.91 -10.68 0.93
CA ARG A 20 3.24 -11.07 1.42
C ARG A 20 3.18 -12.31 2.31
N GLU A 21 2.20 -12.36 3.21
CA GLU A 21 2.00 -13.52 4.11
C GLU A 21 1.52 -14.76 3.33
N SER A 22 0.59 -14.58 2.40
CA SER A 22 0.07 -15.66 1.54
C SER A 22 1.14 -16.24 0.60
N ILE A 23 2.00 -15.39 0.03
CA ILE A 23 3.07 -15.81 -0.88
C ILE A 23 4.21 -16.45 -0.07
N LYS A 24 4.47 -16.00 1.16
CA LYS A 24 5.47 -16.60 2.06
C LYS A 24 5.06 -18.02 2.49
N ARG A 25 3.75 -18.27 2.63
CA ARG A 25 3.21 -19.60 2.97
C ARG A 25 3.39 -20.62 1.84
N GLU A 26 3.37 -20.16 0.59
CA GLU A 26 3.45 -21.00 -0.61
C GLU A 26 4.89 -21.12 -1.14
N ASN A 27 5.74 -20.10 -0.93
CA ASN A 27 7.13 -20.06 -1.37
C ASN A 27 8.06 -19.64 -0.21
N PRO A 28 8.92 -20.52 0.32
CA PRO A 28 9.88 -20.14 1.36
C PRO A 28 11.01 -19.26 0.78
N GLY A 29 11.57 -18.38 1.62
CA GLY A 29 12.70 -17.49 1.27
C GLY A 29 12.34 -16.16 0.60
N ILE A 30 11.10 -15.99 0.11
CA ILE A 30 10.62 -14.72 -0.46
C ILE A 30 10.44 -13.66 0.64
N LYS A 31 10.73 -12.39 0.32
CA LYS A 31 10.68 -11.27 1.29
C LYS A 31 9.76 -10.14 0.82
N VAL A 32 10.19 -9.38 -0.18
CA VAL A 32 9.49 -8.18 -0.72
C VAL A 32 9.56 -8.10 -2.24
N THR A 33 10.73 -8.32 -2.84
CA THR A 33 10.94 -8.16 -4.29
C THR A 33 10.28 -9.25 -5.12
N GLU A 34 10.30 -10.52 -4.66
CA GLU A 34 9.59 -11.62 -5.32
C GLU A 34 8.07 -11.44 -5.14
N VAL A 35 7.66 -10.90 -3.99
CA VAL A 35 6.25 -10.56 -3.71
C VAL A 35 5.76 -9.48 -4.68
N ALA A 36 6.59 -8.51 -5.04
CA ALA A 36 6.26 -7.47 -6.02
C ALA A 36 6.09 -8.03 -7.45
N LYS A 37 6.90 -9.03 -7.81
CA LYS A 37 6.84 -9.76 -9.10
C LYS A 37 5.56 -10.60 -9.22
N ARG A 38 5.33 -11.47 -8.22
CA ARG A 38 4.08 -12.27 -8.10
C ARG A 38 2.89 -11.31 -8.00
N GLY A 39 3.09 -10.19 -7.33
CA GLY A 39 2.14 -9.10 -7.17
C GLY A 39 1.69 -8.55 -8.51
N GLY A 40 2.63 -8.21 -9.40
CA GLY A 40 2.35 -7.71 -10.74
C GLY A 40 1.41 -8.63 -11.53
N GLU A 41 1.65 -9.95 -11.45
CA GLU A 41 0.79 -10.92 -12.14
C GLU A 41 -0.56 -11.20 -11.46
N LEU A 42 -0.61 -11.13 -10.12
CA LEU A 42 -1.84 -11.31 -9.33
C LEU A 42 -2.76 -10.09 -9.38
N TRP A 43 -2.22 -8.87 -9.29
CA TRP A 43 -3.01 -7.64 -9.41
C TRP A 43 -3.58 -7.47 -10.83
N ARG A 44 -2.86 -7.94 -11.86
CA ARG A 44 -3.39 -7.96 -13.25
C ARG A 44 -4.65 -8.83 -13.39
N ALA A 45 -4.94 -9.68 -12.41
CA ALA A 45 -6.13 -10.54 -12.33
C ALA A 45 -7.04 -10.23 -11.12
N MET A 46 -6.97 -9.02 -10.53
CA MET A 46 -7.79 -8.61 -9.36
C MET A 46 -8.64 -7.36 -9.64
N LYS A 47 -9.83 -7.63 -10.15
CA LYS A 47 -10.93 -6.68 -10.39
C LYS A 47 -11.73 -6.48 -9.08
N ASP A 48 -12.56 -5.44 -9.02
CA ASP A 48 -13.40 -5.11 -7.84
C ASP A 48 -12.59 -5.00 -6.53
N LYS A 49 -11.47 -4.26 -6.57
CA LYS A 49 -10.48 -4.07 -5.50
C LYS A 49 -10.89 -2.98 -4.48
N SER A 50 -12.18 -2.77 -4.31
CA SER A 50 -12.78 -1.72 -3.48
C SER A 50 -12.32 -1.70 -2.02
N GLU A 51 -11.96 -2.84 -1.43
CA GLU A 51 -11.40 -2.89 -0.07
C GLU A 51 -10.05 -2.17 -0.02
N TRP A 52 -9.19 -2.50 -0.99
CA TRP A 52 -7.85 -1.96 -1.14
C TRP A 52 -7.89 -0.48 -1.56
N GLU A 53 -8.85 -0.12 -2.40
CA GLU A 53 -9.08 1.25 -2.83
C GLU A 53 -9.64 2.12 -1.70
N ALA A 54 -10.55 1.62 -0.87
CA ALA A 54 -11.09 2.37 0.28
C ALA A 54 -10.02 2.59 1.37
N LYS A 55 -9.16 1.59 1.62
CA LYS A 55 -8.08 1.71 2.60
C LYS A 55 -7.02 2.75 2.19
N ALA A 56 -6.64 2.81 0.92
CA ALA A 56 -5.70 3.82 0.45
C ALA A 56 -6.36 5.22 0.35
N ALA A 57 -7.66 5.30 0.03
CA ALA A 57 -8.40 6.56 0.02
C ALA A 57 -8.49 7.18 1.43
N LYS A 58 -8.67 6.36 2.47
CA LYS A 58 -8.69 6.82 3.88
C LYS A 58 -7.32 7.36 4.32
N ALA A 59 -6.22 6.77 3.83
CA ALA A 59 -4.87 7.25 4.11
C ALA A 59 -4.62 8.65 3.48
N LYS A 60 -5.28 8.96 2.35
CA LYS A 60 -5.17 10.25 1.66
C LYS A 60 -5.71 11.43 2.50
N ASP A 61 -6.76 11.22 3.29
CA ASP A 61 -7.32 12.25 4.18
C ASP A 61 -6.38 12.55 5.38
N ASP A 62 -5.79 11.53 5.99
CA ASP A 62 -4.82 11.71 7.09
C ASP A 62 -3.49 12.31 6.56
N TYR A 63 -3.10 11.96 5.33
CA TYR A 63 -1.95 12.56 4.65
C TYR A 63 -2.20 14.06 4.42
N ASP A 64 -3.37 14.45 3.90
CA ASP A 64 -3.74 15.87 3.74
C ASP A 64 -3.71 16.61 5.08
N ARG A 65 -4.17 15.96 6.16
CA ARG A 65 -4.13 16.51 7.53
C ARG A 65 -2.69 16.69 8.03
N ALA A 66 -1.79 15.79 7.69
CA ALA A 66 -0.37 15.86 8.03
C ALA A 66 0.37 16.92 7.18
N VAL A 67 0.04 17.01 5.90
CA VAL A 67 0.58 18.01 4.95
C VAL A 67 0.19 19.44 5.35
N LYS A 68 -0.89 19.64 6.12
CA LYS A 68 -1.24 20.97 6.65
C LYS A 68 -0.15 21.47 7.63
N GLU A 69 0.48 20.57 8.38
CA GLU A 69 1.57 20.92 9.29
C GLU A 69 2.90 21.18 8.54
N PHE A 70 3.06 20.57 7.37
CA PHE A 70 4.21 20.78 6.47
C PHE A 70 4.26 22.25 6.02
N GLU A 71 3.10 22.89 5.81
CA GLU A 71 3.01 24.33 5.49
C GLU A 71 3.27 25.23 6.71
N ALA A 72 2.95 24.77 7.92
CA ALA A 72 3.20 25.49 9.16
C ALA A 72 4.69 25.47 9.57
N ASN A 73 5.45 24.49 9.09
CA ASN A 73 6.88 24.29 9.39
C ASN A 73 7.82 24.55 8.20
N GLY A 74 7.27 25.08 7.10
CA GLY A 74 7.97 25.43 5.86
C GLY A 74 8.51 26.86 5.84
N SER A 2 7.91 22.35 10.92
CA SER A 2 7.59 21.46 9.78
C SER A 2 6.84 20.21 10.23
N ASP A 3 6.18 19.51 9.31
CA ASP A 3 5.36 18.32 9.58
C ASP A 3 5.74 17.10 8.71
N LYS A 4 5.92 17.31 7.39
CA LYS A 4 6.39 16.34 6.39
C LYS A 4 5.86 14.90 6.55
N PRO A 5 4.63 14.58 6.05
CA PRO A 5 4.04 13.25 6.26
C PRO A 5 4.71 12.15 5.42
N LYS A 6 4.46 10.89 5.78
CA LYS A 6 4.93 9.67 5.05
C LYS A 6 4.27 9.47 3.67
N ARG A 7 3.40 10.42 3.31
CA ARG A 7 2.56 10.45 2.09
C ARG A 7 1.58 9.24 2.06
N PRO A 8 0.63 9.17 1.12
CA PRO A 8 -0.36 8.10 1.06
C PRO A 8 0.23 6.85 0.38
N LEU A 9 -0.50 5.74 0.43
CA LEU A 9 -0.14 4.49 -0.24
C LEU A 9 -1.21 4.13 -1.27
N SER A 10 -0.93 3.12 -2.09
CA SER A 10 -1.89 2.62 -3.09
C SER A 10 -2.68 1.42 -2.55
N ALA A 11 -3.78 1.11 -3.23
CA ALA A 11 -4.56 -0.10 -2.97
C ALA A 11 -3.66 -1.35 -3.12
N PHE A 12 -2.72 -1.28 -4.06
CA PHE A 12 -1.72 -2.31 -4.32
C PHE A 12 -0.81 -2.58 -3.11
N MET A 13 -0.23 -1.53 -2.51
CA MET A 13 0.70 -1.69 -1.39
C MET A 13 0.03 -2.29 -0.15
N LEU A 14 -1.20 -1.86 0.12
CA LEU A 14 -2.01 -2.40 1.21
C LEU A 14 -2.27 -3.91 1.02
N TRP A 15 -2.55 -4.36 -0.21
CA TRP A 15 -2.73 -5.78 -0.49
C TRP A 15 -1.41 -6.56 -0.50
N LEU A 16 -0.34 -6.02 -1.08
CA LEU A 16 0.96 -6.68 -1.23
C LEU A 16 1.54 -7.11 0.13
N ASN A 17 1.28 -6.31 1.17
CA ASN A 17 1.70 -6.63 2.54
C ASN A 17 1.03 -7.89 3.13
N SER A 18 -0.20 -8.21 2.71
CA SER A 18 -0.93 -9.42 3.10
C SER A 18 -0.64 -10.57 2.14
N ALA A 19 -0.51 -10.28 0.84
CA ALA A 19 -0.13 -11.27 -0.17
C ALA A 19 1.27 -11.82 0.08
N ARG A 20 2.18 -11.07 0.73
CA ARG A 20 3.51 -11.58 1.12
C ARG A 20 3.39 -12.86 1.95
N GLU A 21 2.48 -12.90 2.91
CA GLU A 21 2.29 -14.08 3.77
C GLU A 21 1.77 -15.28 2.96
N SER A 22 0.84 -15.06 2.05
CA SER A 22 0.28 -16.08 1.15
C SER A 22 1.31 -16.58 0.12
N ILE A 23 2.18 -15.70 -0.38
CA ILE A 23 3.23 -16.06 -1.34
C ILE A 23 4.40 -16.76 -0.60
N LYS A 24 4.71 -16.40 0.65
CA LYS A 24 5.75 -17.05 1.46
C LYS A 24 5.36 -18.48 1.84
N ARG A 25 4.05 -18.75 1.99
CA ARG A 25 3.50 -20.09 2.26
C ARG A 25 3.76 -21.08 1.11
N GLU A 26 3.85 -20.59 -0.12
CA GLU A 26 4.11 -21.39 -1.33
C GLU A 26 5.59 -21.34 -1.78
N ASN A 27 6.27 -20.21 -1.58
CA ASN A 27 7.67 -19.97 -1.97
C ASN A 27 8.51 -19.56 -0.74
N PRO A 28 9.27 -20.48 -0.10
CA PRO A 28 10.14 -20.11 1.02
C PRO A 28 11.28 -19.19 0.55
N GLY A 29 11.67 -18.23 1.39
CA GLY A 29 12.77 -17.27 1.13
C GLY A 29 12.36 -15.94 0.46
N ILE A 30 11.12 -15.81 -0.04
CA ILE A 30 10.62 -14.55 -0.62
C ILE A 30 10.39 -13.49 0.47
N LYS A 31 10.65 -12.21 0.16
CA LYS A 31 10.56 -11.11 1.14
C LYS A 31 9.70 -9.94 0.66
N VAL A 32 10.12 -9.27 -0.42
CA VAL A 32 9.47 -8.08 -0.99
C VAL A 32 9.56 -8.04 -2.51
N THR A 33 10.75 -8.26 -3.09
CA THR A 33 10.95 -8.14 -4.54
C THR A 33 10.29 -9.27 -5.34
N GLU A 34 10.28 -10.50 -4.84
CA GLU A 34 9.56 -11.61 -5.48
C GLU A 34 8.04 -11.41 -5.30
N VAL A 35 7.65 -10.84 -4.15
CA VAL A 35 6.25 -10.46 -3.88
C VAL A 35 5.79 -9.37 -4.84
N ALA A 36 6.68 -8.46 -5.26
CA ALA A 36 6.36 -7.41 -6.25
C ALA A 36 6.14 -8.01 -7.65
N LYS A 37 6.91 -9.05 -8.02
CA LYS A 37 6.78 -9.78 -9.30
C LYS A 37 5.47 -10.59 -9.35
N ARG A 38 5.26 -11.46 -8.36
CA ARG A 38 4.00 -12.23 -8.24
C ARG A 38 2.83 -11.27 -7.99
N GLY A 39 3.10 -10.16 -7.31
CA GLY A 39 2.16 -9.07 -7.06
C GLY A 39 1.61 -8.48 -8.35
N GLY A 40 2.50 -8.15 -9.29
CA GLY A 40 2.11 -7.65 -10.62
C GLY A 40 1.17 -8.61 -11.34
N GLU A 41 1.48 -9.92 -11.33
CA GLU A 41 0.64 -10.92 -11.99
C GLU A 41 -0.71 -11.21 -11.28
N LEU A 42 -0.76 -11.13 -9.95
CA LEU A 42 -2.00 -11.33 -9.18
C LEU A 42 -2.89 -10.07 -9.16
N TRP A 43 -2.31 -8.87 -9.06
CA TRP A 43 -3.08 -7.62 -9.12
C TRP A 43 -3.65 -7.38 -10.53
N ARG A 44 -3.04 -7.95 -11.59
CA ARG A 44 -3.61 -7.89 -12.96
C ARG A 44 -4.97 -8.59 -13.04
N ALA A 45 -5.30 -9.48 -12.10
CA ALA A 45 -6.59 -10.15 -11.95
C ALA A 45 -7.47 -9.54 -10.82
N MET A 46 -7.06 -8.42 -10.22
CA MET A 46 -7.72 -7.75 -9.09
C MET A 46 -8.68 -6.68 -9.58
N LYS A 47 -9.87 -7.14 -9.94
CA LYS A 47 -10.99 -6.30 -10.44
C LYS A 47 -12.06 -5.95 -9.39
N ASP A 48 -11.76 -6.26 -8.13
CA ASP A 48 -12.54 -5.96 -6.92
C ASP A 48 -11.58 -5.77 -5.73
N LYS A 49 -11.24 -4.51 -5.40
CA LYS A 49 -10.27 -4.13 -4.34
C LYS A 49 -10.79 -3.04 -3.40
N SER A 50 -12.08 -2.97 -3.15
CA SER A 50 -12.71 -1.90 -2.34
C SER A 50 -12.16 -1.80 -0.91
N GLU A 51 -11.68 -2.89 -0.31
CA GLU A 51 -11.03 -2.85 1.01
C GLU A 51 -9.73 -2.04 0.96
N TRP A 52 -8.91 -2.35 -0.04
CA TRP A 52 -7.62 -1.73 -0.28
C TRP A 52 -7.76 -0.29 -0.76
N GLU A 53 -8.78 -0.04 -1.58
CA GLU A 53 -9.11 1.30 -2.06
C GLU A 53 -9.69 2.19 -0.96
N ALA A 54 -10.52 1.65 -0.05
CA ALA A 54 -11.06 2.42 1.07
C ALA A 54 -9.97 2.78 2.09
N LYS A 55 -9.03 1.87 2.37
CA LYS A 55 -7.91 2.13 3.30
C LYS A 55 -6.94 3.18 2.76
N ALA A 56 -6.64 3.13 1.46
CA ALA A 56 -5.79 4.15 0.83
C ALA A 56 -6.51 5.52 0.73
N ALA A 57 -7.82 5.53 0.47
CA ALA A 57 -8.62 6.76 0.46
C ALA A 57 -8.68 7.42 1.84
N LYS A 58 -8.76 6.62 2.93
CA LYS A 58 -8.71 7.14 4.31
C LYS A 58 -7.34 7.75 4.62
N ALA A 59 -6.26 7.07 4.18
CA ALA A 59 -4.89 7.57 4.32
C ALA A 59 -4.69 8.88 3.55
N LYS A 60 -5.33 9.06 2.39
CA LYS A 60 -5.27 10.29 1.59
C LYS A 60 -5.88 11.50 2.32
N ASP A 61 -6.96 11.31 3.07
CA ASP A 61 -7.60 12.38 3.86
C ASP A 61 -6.72 12.82 5.04
N ASP A 62 -6.09 11.89 5.76
CA ASP A 62 -5.16 12.21 6.85
C ASP A 62 -3.84 12.80 6.32
N TYR A 63 -3.38 12.35 5.15
CA TYR A 63 -2.22 12.91 4.44
C TYR A 63 -2.49 14.37 4.07
N ASP A 64 -3.66 14.67 3.50
CA ASP A 64 -4.07 16.04 3.18
C ASP A 64 -4.11 16.92 4.45
N ARG A 65 -4.60 16.38 5.57
CA ARG A 65 -4.62 17.07 6.88
C ARG A 65 -3.20 17.39 7.36
N ALA A 66 -2.29 16.41 7.30
CA ALA A 66 -0.89 16.58 7.67
C ALA A 66 -0.16 17.60 6.76
N VAL A 67 -0.45 17.57 5.46
CA VAL A 67 0.08 18.51 4.46
C VAL A 67 -0.46 19.94 4.70
N LYS A 68 -1.70 20.08 5.18
CA LYS A 68 -2.28 21.39 5.52
C LYS A 68 -1.51 22.05 6.68
N GLU A 69 -1.08 21.25 7.66
CA GLU A 69 -0.23 21.71 8.76
C GLU A 69 1.20 22.01 8.28
N PHE A 70 1.72 21.27 7.29
CA PHE A 70 3.03 21.50 6.68
C PHE A 70 3.14 22.89 6.04
N GLU A 71 2.02 23.45 5.53
CA GLU A 71 1.98 24.82 5.00
C GLU A 71 1.88 25.88 6.11
N ALA A 72 1.13 25.58 7.18
CA ALA A 72 1.00 26.45 8.35
C ALA A 72 2.31 26.55 9.17
N ASN A 73 3.16 25.52 9.10
CA ASN A 73 4.42 25.40 9.82
C ASN A 73 5.65 25.35 8.88
N GLY A 74 5.51 25.87 7.65
CA GLY A 74 6.56 25.99 6.64
C GLY A 74 7.30 27.34 6.68
N SER A 2 12.41 20.23 8.72
CA SER A 2 11.20 19.44 8.36
C SER A 2 11.58 18.20 7.54
N ASP A 3 10.69 17.20 7.48
CA ASP A 3 10.95 15.89 6.85
C ASP A 3 9.91 15.39 5.82
N LYS A 4 8.83 16.17 5.55
CA LYS A 4 7.68 15.81 4.66
C LYS A 4 6.80 14.68 5.24
N PRO A 5 5.45 14.69 5.10
CA PRO A 5 4.64 13.66 5.74
C PRO A 5 4.61 12.36 4.90
N LYS A 6 4.25 11.23 5.54
CA LYS A 6 4.11 9.94 4.85
C LYS A 6 3.00 10.05 3.79
N ARG A 7 3.40 9.87 2.53
CA ARG A 7 2.51 9.98 1.35
C ARG A 7 1.42 8.90 1.37
N PRO A 8 0.30 9.08 0.64
CA PRO A 8 -0.76 8.10 0.56
C PRO A 8 -0.26 6.83 -0.13
N LEU A 9 -0.87 5.68 0.17
CA LEU A 9 -0.52 4.41 -0.43
C LEU A 9 -1.54 4.01 -1.48
N SER A 10 -1.17 3.10 -2.36
CA SER A 10 -2.06 2.56 -3.37
C SER A 10 -2.87 1.39 -2.81
N ALA A 11 -3.98 1.08 -3.48
CA ALA A 11 -4.78 -0.12 -3.20
C ALA A 11 -3.85 -1.36 -3.32
N PHE A 12 -2.86 -1.29 -4.22
CA PHE A 12 -1.84 -2.31 -4.43
C PHE A 12 -0.99 -2.58 -3.20
N MET A 13 -0.40 -1.55 -2.59
CA MET A 13 0.50 -1.73 -1.44
C MET A 13 -0.22 -2.30 -0.22
N LEU A 14 -1.46 -1.87 -0.01
CA LEU A 14 -2.31 -2.40 1.05
C LEU A 14 -2.58 -3.90 0.89
N TRP A 15 -2.82 -4.37 -0.34
CA TRP A 15 -2.99 -5.80 -0.59
C TRP A 15 -1.66 -6.56 -0.58
N LEU A 16 -0.58 -5.98 -1.12
CA LEU A 16 0.74 -6.61 -1.23
C LEU A 16 1.26 -7.09 0.12
N ASN A 17 0.96 -6.34 1.18
CA ASN A 17 1.30 -6.68 2.56
C ASN A 17 0.58 -7.95 3.08
N SER A 18 -0.62 -8.24 2.59
CA SER A 18 -1.40 -9.46 2.90
C SER A 18 -1.02 -10.60 1.95
N ALA A 19 -0.79 -10.30 0.68
CA ALA A 19 -0.33 -11.27 -0.31
C ALA A 19 1.07 -11.83 0.05
N ARG A 20 1.91 -11.08 0.78
CA ARG A 20 3.21 -11.56 1.27
C ARG A 20 3.04 -12.85 2.09
N GLU A 21 2.01 -12.96 2.92
CA GLU A 21 1.72 -14.17 3.70
C GLU A 21 1.36 -15.37 2.81
N SER A 22 0.51 -15.14 1.79
CA SER A 22 0.09 -16.17 0.83
C SER A 22 1.24 -16.63 -0.08
N ILE A 23 2.14 -15.71 -0.45
CA ILE A 23 3.32 -16.00 -1.28
C ILE A 23 4.41 -16.68 -0.43
N LYS A 24 4.54 -16.34 0.87
CA LYS A 24 5.49 -16.99 1.80
C LYS A 24 5.11 -18.47 2.02
N ARG A 25 3.82 -18.80 1.98
CA ARG A 25 3.32 -20.19 2.12
C ARG A 25 3.83 -21.10 0.99
N GLU A 26 3.98 -20.54 -0.21
CA GLU A 26 4.42 -21.28 -1.40
C GLU A 26 5.95 -21.19 -1.62
N ASN A 27 6.58 -20.10 -1.20
CA ASN A 27 8.02 -19.84 -1.35
C ASN A 27 8.64 -19.34 -0.02
N PRO A 28 9.50 -20.11 0.66
CA PRO A 28 10.05 -19.70 1.95
C PRO A 28 11.16 -18.62 1.87
N GLY A 29 11.81 -18.49 0.71
CA GLY A 29 12.94 -17.56 0.50
C GLY A 29 12.59 -16.09 0.26
N ILE A 30 11.33 -15.77 -0.04
CA ILE A 30 10.84 -14.43 -0.42
C ILE A 30 10.80 -13.42 0.75
N LYS A 31 10.82 -12.10 0.43
CA LYS A 31 10.71 -10.98 1.39
C LYS A 31 9.78 -9.88 0.90
N VAL A 32 10.14 -9.19 -0.19
CA VAL A 32 9.41 -8.04 -0.77
C VAL A 32 9.51 -7.96 -2.28
N THR A 33 10.71 -8.03 -2.86
CA THR A 33 10.91 -7.86 -4.32
C THR A 33 10.33 -8.99 -5.16
N GLU A 34 10.33 -10.21 -4.63
CA GLU A 34 9.73 -11.38 -5.26
C GLU A 34 8.20 -11.27 -5.16
N VAL A 35 7.73 -10.77 -4.01
CA VAL A 35 6.32 -10.47 -3.75
C VAL A 35 5.82 -9.38 -4.70
N ALA A 36 6.63 -8.39 -5.05
CA ALA A 36 6.25 -7.34 -5.99
C ALA A 36 6.10 -7.87 -7.43
N LYS A 37 6.94 -8.84 -7.82
CA LYS A 37 6.88 -9.52 -9.13
C LYS A 37 5.64 -10.42 -9.26
N ARG A 38 5.45 -11.32 -8.29
CA ARG A 38 4.26 -12.20 -8.19
C ARG A 38 3.00 -11.36 -7.96
N GLY A 39 3.14 -10.28 -7.21
CA GLY A 39 2.11 -9.29 -6.93
C GLY A 39 1.63 -8.58 -8.18
N GLY A 40 2.55 -8.21 -9.07
CA GLY A 40 2.26 -7.61 -10.38
C GLY A 40 1.32 -8.51 -11.18
N GLU A 41 1.64 -9.81 -11.28
CA GLU A 41 0.81 -10.76 -12.02
C GLU A 41 -0.54 -11.08 -11.35
N LEU A 42 -0.59 -11.14 -10.01
CA LEU A 42 -1.82 -11.38 -9.25
C LEU A 42 -2.76 -10.15 -9.23
N TRP A 43 -2.23 -8.93 -9.05
CA TRP A 43 -3.04 -7.70 -9.09
C TRP A 43 -3.70 -7.50 -10.46
N ARG A 44 -2.99 -7.88 -11.56
CA ARG A 44 -3.53 -7.83 -12.93
C ARG A 44 -4.74 -8.77 -13.14
N ALA A 45 -5.03 -9.67 -12.18
CA ALA A 45 -6.18 -10.58 -12.17
C ALA A 45 -7.13 -10.40 -10.96
N MET A 46 -6.90 -9.42 -10.07
CA MET A 46 -7.71 -9.17 -8.88
C MET A 46 -8.79 -8.13 -9.16
N LYS A 47 -9.85 -8.57 -9.83
CA LYS A 47 -11.06 -7.77 -10.08
C LYS A 47 -11.73 -7.35 -8.75
N ASP A 48 -12.42 -6.21 -8.75
CA ASP A 48 -13.14 -5.63 -7.60
C ASP A 48 -12.26 -5.40 -6.34
N LYS A 49 -11.46 -4.31 -6.33
CA LYS A 49 -10.50 -3.96 -5.26
C LYS A 49 -11.02 -2.96 -4.22
N SER A 50 -12.33 -2.87 -4.01
CA SER A 50 -12.94 -1.86 -3.14
C SER A 50 -12.46 -1.86 -1.68
N GLU A 51 -12.06 -3.01 -1.13
CA GLU A 51 -11.47 -3.07 0.24
C GLU A 51 -10.15 -2.30 0.26
N TRP A 52 -9.33 -2.54 -0.77
CA TRP A 52 -8.01 -1.96 -0.93
C TRP A 52 -8.07 -0.48 -1.29
N GLU A 53 -9.05 -0.09 -2.10
CA GLU A 53 -9.31 1.31 -2.44
C GLU A 53 -9.89 2.10 -1.25
N ALA A 54 -10.75 1.48 -0.41
CA ALA A 54 -11.31 2.16 0.76
C ALA A 54 -10.25 2.40 1.86
N LYS A 55 -9.32 1.47 2.07
CA LYS A 55 -8.23 1.63 3.05
C LYS A 55 -7.22 2.69 2.62
N ALA A 56 -6.94 2.83 1.32
CA ALA A 56 -6.06 3.87 0.82
C ALA A 56 -6.70 5.27 0.90
N ALA A 57 -8.03 5.38 0.72
CA ALA A 57 -8.75 6.65 0.86
C ALA A 57 -8.62 7.24 2.27
N LYS A 58 -8.62 6.39 3.31
CA LYS A 58 -8.42 6.81 4.72
C LYS A 58 -7.02 7.41 4.92
N ALA A 59 -6.00 6.76 4.37
CA ALA A 59 -4.62 7.26 4.41
C ALA A 59 -4.47 8.57 3.62
N LYS A 60 -5.18 8.72 2.49
CA LYS A 60 -5.17 9.94 1.67
C LYS A 60 -5.79 11.15 2.36
N ASP A 61 -6.81 10.96 3.20
CA ASP A 61 -7.42 12.04 3.99
C ASP A 61 -6.49 12.50 5.13
N ASP A 62 -5.81 11.56 5.82
CA ASP A 62 -4.85 11.91 6.87
C ASP A 62 -3.55 12.51 6.29
N TYR A 63 -3.15 12.09 5.08
CA TYR A 63 -2.02 12.68 4.36
C TYR A 63 -2.30 14.16 4.05
N ASP A 64 -3.50 14.50 3.58
CA ASP A 64 -3.90 15.88 3.34
C ASP A 64 -3.83 16.72 4.62
N ARG A 65 -4.24 16.15 5.76
CA ARG A 65 -4.14 16.79 7.09
C ARG A 65 -2.69 17.00 7.49
N ALA A 66 -1.83 16.00 7.29
CA ALA A 66 -0.41 16.06 7.59
C ALA A 66 0.34 17.07 6.70
N VAL A 67 -0.02 17.16 5.42
CA VAL A 67 0.54 18.15 4.47
C VAL A 67 0.15 19.58 4.87
N LYS A 68 -1.05 19.80 5.42
CA LYS A 68 -1.47 21.11 5.92
C LYS A 68 -0.62 21.60 7.10
N GLU A 69 -0.27 20.70 8.03
CA GLU A 69 0.60 21.06 9.15
C GLU A 69 2.08 21.16 8.70
N PHE A 70 2.50 20.32 7.75
CA PHE A 70 3.83 20.36 7.15
C PHE A 70 4.08 21.71 6.45
N GLU A 71 3.07 22.28 5.78
CA GLU A 71 3.16 23.61 5.16
C GLU A 71 3.26 24.75 6.19
N ALA A 72 2.68 24.57 7.38
CA ALA A 72 2.78 25.54 8.48
C ALA A 72 4.15 25.48 9.18
N ASN A 73 4.86 24.35 9.07
CA ASN A 73 6.17 24.07 9.68
C ASN A 73 7.32 23.95 8.64
N GLY A 74 7.10 24.43 7.41
CA GLY A 74 8.03 24.35 6.28
C GLY A 74 9.34 25.12 6.48
N SER A 2 4.15 18.82 13.67
CA SER A 2 4.39 17.94 12.50
C SER A 2 4.58 18.74 11.23
N ASP A 3 5.39 18.24 10.28
CA ASP A 3 5.74 18.90 9.02
C ASP A 3 5.55 17.95 7.82
N LYS A 4 6.64 17.31 7.34
CA LYS A 4 6.61 16.36 6.22
C LYS A 4 6.03 14.99 6.65
N PRO A 5 4.95 14.49 6.01
CA PRO A 5 4.40 13.17 6.35
C PRO A 5 5.17 12.03 5.67
N LYS A 6 4.89 10.77 6.06
CA LYS A 6 5.46 9.56 5.43
C LYS A 6 4.76 9.18 4.10
N ARG A 7 3.93 10.09 3.58
CA ARG A 7 3.10 9.99 2.36
C ARG A 7 2.05 8.84 2.39
N PRO A 8 1.01 8.90 1.53
CA PRO A 8 -0.08 7.91 1.48
C PRO A 8 0.34 6.71 0.62
N LEU A 9 -0.47 5.63 0.59
CA LEU A 9 -0.15 4.39 -0.12
C LEU A 9 -1.26 4.02 -1.10
N SER A 10 -1.01 3.06 -1.98
CA SER A 10 -1.94 2.64 -3.01
C SER A 10 -2.78 1.43 -2.61
N ALA A 11 -3.84 1.17 -3.39
CA ALA A 11 -4.64 -0.05 -3.26
C ALA A 11 -3.73 -1.29 -3.41
N PHE A 12 -2.73 -1.19 -4.27
CA PHE A 12 -1.72 -2.21 -4.51
C PHE A 12 -0.88 -2.53 -3.27
N MET A 13 -0.25 -1.51 -2.68
CA MET A 13 0.61 -1.65 -1.51
C MET A 13 -0.14 -2.28 -0.32
N LEU A 14 -1.37 -1.83 -0.10
CA LEU A 14 -2.27 -2.35 0.94
C LEU A 14 -2.56 -3.84 0.80
N TRP A 15 -2.67 -4.37 -0.43
CA TRP A 15 -2.85 -5.81 -0.67
C TRP A 15 -1.51 -6.57 -0.75
N LEU A 16 -0.43 -5.95 -1.24
CA LEU A 16 0.90 -6.57 -1.32
C LEU A 16 1.35 -7.07 0.06
N ASN A 17 0.97 -6.34 1.10
CA ASN A 17 1.28 -6.65 2.50
C ASN A 17 0.50 -7.86 3.05
N SER A 18 -0.69 -8.17 2.52
CA SER A 18 -1.47 -9.36 2.88
C SER A 18 -1.11 -10.54 1.98
N ALA A 19 -0.79 -10.29 0.71
CA ALA A 19 -0.32 -11.29 -0.23
C ALA A 19 1.07 -11.81 0.16
N ARG A 20 1.91 -11.02 0.87
CA ARG A 20 3.22 -11.46 1.38
C ARG A 20 3.08 -12.72 2.23
N GLU A 21 2.06 -12.79 3.09
CA GLU A 21 1.82 -13.96 3.93
C GLU A 21 1.38 -15.19 3.09
N SER A 22 0.49 -14.98 2.13
CA SER A 22 0.03 -16.03 1.21
C SER A 22 1.14 -16.55 0.28
N ILE A 23 2.03 -15.66 -0.19
CA ILE A 23 3.13 -16.03 -1.09
C ILE A 23 4.27 -16.68 -0.28
N LYS A 24 4.50 -16.28 0.98
CA LYS A 24 5.48 -16.91 1.87
C LYS A 24 5.07 -18.35 2.21
N ARG A 25 3.75 -18.63 2.27
CA ARG A 25 3.19 -19.96 2.52
C ARG A 25 3.41 -20.94 1.35
N GLU A 26 3.43 -20.44 0.11
CA GLU A 26 3.69 -21.24 -1.08
C GLU A 26 5.18 -21.33 -1.43
N ASN A 27 5.95 -20.26 -1.18
CA ASN A 27 7.37 -20.15 -1.54
C ASN A 27 8.24 -19.71 -0.35
N PRO A 28 9.10 -20.57 0.22
CA PRO A 28 10.02 -20.16 1.28
C PRO A 28 11.13 -19.25 0.71
N GLY A 29 11.63 -18.32 1.53
CA GLY A 29 12.72 -17.40 1.19
C GLY A 29 12.31 -16.08 0.52
N ILE A 30 11.08 -15.96 -0.01
CA ILE A 30 10.57 -14.70 -0.58
C ILE A 30 10.30 -13.69 0.55
N LYS A 31 10.59 -12.39 0.32
CA LYS A 31 10.48 -11.34 1.36
C LYS A 31 9.69 -10.11 0.94
N VAL A 32 10.13 -9.43 -0.13
CA VAL A 32 9.51 -8.20 -0.67
C VAL A 32 9.58 -8.13 -2.20
N THR A 33 10.75 -8.35 -2.80
CA THR A 33 10.97 -8.20 -4.24
C THR A 33 10.29 -9.27 -5.09
N GLU A 34 10.34 -10.54 -4.65
CA GLU A 34 9.62 -11.63 -5.32
C GLU A 34 8.11 -11.47 -5.11
N VAL A 35 7.71 -10.91 -3.96
CA VAL A 35 6.30 -10.58 -3.67
C VAL A 35 5.81 -9.49 -4.62
N ALA A 36 6.63 -8.48 -4.94
CA ALA A 36 6.29 -7.41 -5.88
C ALA A 36 6.11 -7.95 -7.32
N LYS A 37 6.95 -8.90 -7.73
CA LYS A 37 6.88 -9.58 -9.04
C LYS A 37 5.61 -10.44 -9.18
N ARG A 38 5.40 -11.35 -8.22
CA ARG A 38 4.19 -12.20 -8.14
C ARG A 38 2.95 -11.32 -7.95
N GLY A 39 3.13 -10.21 -7.23
CA GLY A 39 2.15 -9.18 -6.97
C GLY A 39 1.64 -8.54 -8.26
N GLY A 40 2.55 -8.13 -9.15
CA GLY A 40 2.21 -7.57 -10.46
C GLY A 40 1.31 -8.51 -11.28
N GLU A 41 1.64 -9.80 -11.31
CA GLU A 41 0.83 -10.78 -12.04
C GLU A 41 -0.54 -11.09 -11.38
N LEU A 42 -0.60 -11.13 -10.05
CA LEU A 42 -1.84 -11.36 -9.28
C LEU A 42 -2.76 -10.13 -9.28
N TRP A 43 -2.25 -8.92 -9.14
CA TRP A 43 -3.04 -7.69 -9.18
C TRP A 43 -3.66 -7.47 -10.56
N ARG A 44 -2.99 -7.89 -11.65
CA ARG A 44 -3.54 -7.84 -13.02
C ARG A 44 -4.88 -8.61 -13.13
N ALA A 45 -5.07 -9.62 -12.28
CA ALA A 45 -6.27 -10.46 -12.21
C ALA A 45 -7.20 -10.17 -11.00
N MET A 46 -7.05 -9.03 -10.30
CA MET A 46 -7.86 -8.66 -9.12
C MET A 46 -8.71 -7.40 -9.35
N LYS A 47 -9.87 -7.65 -9.95
CA LYS A 47 -10.96 -6.66 -10.13
C LYS A 47 -11.80 -6.56 -8.85
N ASP A 48 -12.65 -5.53 -8.75
CA ASP A 48 -13.47 -5.24 -7.56
C ASP A 48 -12.64 -5.11 -6.26
N LYS A 49 -11.53 -4.36 -6.35
CA LYS A 49 -10.52 -4.12 -5.29
C LYS A 49 -10.92 -3.03 -4.28
N SER A 50 -12.22 -2.85 -4.08
CA SER A 50 -12.82 -1.79 -3.25
C SER A 50 -12.35 -1.77 -1.79
N GLU A 51 -11.98 -2.91 -1.20
CA GLU A 51 -11.41 -2.95 0.16
C GLU A 51 -10.06 -2.22 0.21
N TRP A 52 -9.24 -2.47 -0.80
CA TRP A 52 -7.91 -1.91 -0.96
C TRP A 52 -7.97 -0.44 -1.37
N GLU A 53 -8.95 -0.09 -2.22
CA GLU A 53 -9.17 1.28 -2.63
C GLU A 53 -9.77 2.15 -1.50
N ALA A 54 -10.66 1.59 -0.66
CA ALA A 54 -11.24 2.33 0.46
C ALA A 54 -10.21 2.62 1.56
N LYS A 55 -9.31 1.67 1.86
CA LYS A 55 -8.28 1.88 2.91
C LYS A 55 -7.18 2.86 2.48
N ALA A 56 -6.87 2.97 1.18
CA ALA A 56 -5.92 3.98 0.72
C ALA A 56 -6.55 5.40 0.70
N ALA A 57 -7.85 5.51 0.43
CA ALA A 57 -8.56 6.80 0.47
C ALA A 57 -8.55 7.40 1.89
N LYS A 58 -8.68 6.55 2.94
CA LYS A 58 -8.57 6.98 4.35
C LYS A 58 -7.17 7.50 4.68
N ALA A 59 -6.13 6.84 4.17
CA ALA A 59 -4.74 7.29 4.31
C ALA A 59 -4.49 8.62 3.56
N LYS A 60 -5.12 8.82 2.40
CA LYS A 60 -5.01 10.07 1.61
C LYS A 60 -5.63 11.27 2.31
N ASP A 61 -6.72 11.08 3.07
CA ASP A 61 -7.36 12.14 3.86
C ASP A 61 -6.45 12.59 5.02
N ASP A 62 -5.82 11.65 5.76
CA ASP A 62 -4.88 11.99 6.83
C ASP A 62 -3.58 12.59 6.27
N TYR A 63 -3.14 12.17 5.07
CA TYR A 63 -2.00 12.75 4.38
C TYR A 63 -2.27 14.23 4.05
N ASP A 64 -3.45 14.57 3.51
CA ASP A 64 -3.81 15.97 3.26
C ASP A 64 -3.80 16.78 4.56
N ARG A 65 -4.36 16.22 5.65
CA ARG A 65 -4.36 16.84 6.98
C ARG A 65 -2.93 17.14 7.47
N ALA A 66 -2.01 16.19 7.28
CA ALA A 66 -0.60 16.36 7.62
C ALA A 66 0.11 17.42 6.76
N VAL A 67 -0.16 17.43 5.45
CA VAL A 67 0.39 18.43 4.51
C VAL A 67 -0.18 19.84 4.76
N LYS A 68 -1.41 19.96 5.26
CA LYS A 68 -1.99 21.27 5.65
C LYS A 68 -1.23 21.88 6.83
N GLU A 69 -0.71 21.06 7.74
CA GLU A 69 0.17 21.52 8.83
C GLU A 69 1.55 21.95 8.30
N PHE A 70 2.04 21.32 7.22
CA PHE A 70 3.30 21.65 6.56
C PHE A 70 3.28 23.10 6.01
N GLU A 71 2.13 23.54 5.51
CA GLU A 71 1.91 24.92 5.04
C GLU A 71 1.71 25.90 6.20
N ALA A 72 1.12 25.45 7.31
CA ALA A 72 0.93 26.27 8.51
C ALA A 72 2.25 26.50 9.29
N ASN A 73 3.24 25.62 9.12
CA ASN A 73 4.55 25.66 9.77
C ASN A 73 5.73 25.92 8.81
N GLY A 74 5.42 26.38 7.59
CA GLY A 74 6.36 26.70 6.51
C GLY A 74 7.32 27.86 6.83
N SER A 2 4.69 17.67 14.89
CA SER A 2 5.62 17.18 13.86
C SER A 2 5.09 17.45 12.45
N ASP A 3 5.98 17.55 11.45
CA ASP A 3 5.68 17.88 10.05
C ASP A 3 6.29 16.86 9.06
N LYS A 4 6.03 17.04 7.75
CA LYS A 4 6.44 16.15 6.64
C LYS A 4 5.90 14.71 6.79
N PRO A 5 4.72 14.37 6.24
CA PRO A 5 4.13 13.05 6.44
C PRO A 5 4.85 11.93 5.67
N LYS A 6 4.55 10.67 6.01
CA LYS A 6 5.07 9.45 5.36
C LYS A 6 4.53 9.20 3.93
N ARG A 7 3.72 10.14 3.44
CA ARG A 7 2.96 10.14 2.17
C ARG A 7 1.95 8.97 2.10
N PRO A 8 0.91 9.06 1.26
CA PRO A 8 -0.12 8.01 1.15
C PRO A 8 0.43 6.82 0.32
N LEU A 9 -0.27 5.69 0.34
CA LEU A 9 0.13 4.46 -0.35
C LEU A 9 -0.95 4.06 -1.35
N SER A 10 -0.61 3.20 -2.30
CA SER A 10 -1.54 2.74 -3.33
C SER A 10 -2.46 1.62 -2.84
N ALA A 11 -3.55 1.39 -3.59
CA ALA A 11 -4.44 0.26 -3.38
C ALA A 11 -3.61 -1.05 -3.45
N PHE A 12 -2.63 -1.08 -4.37
CA PHE A 12 -1.69 -2.18 -4.54
C PHE A 12 -0.87 -2.46 -3.28
N MET A 13 -0.25 -1.43 -2.68
CA MET A 13 0.61 -1.59 -1.51
C MET A 13 -0.11 -2.22 -0.33
N LEU A 14 -1.35 -1.81 -0.05
CA LEU A 14 -2.12 -2.41 1.04
C LEU A 14 -2.39 -3.90 0.82
N TRP A 15 -2.70 -4.30 -0.41
CA TRP A 15 -2.90 -5.72 -0.71
C TRP A 15 -1.58 -6.50 -0.71
N LEU A 16 -0.50 -5.92 -1.24
CA LEU A 16 0.84 -6.52 -1.33
C LEU A 16 1.33 -7.00 0.05
N ASN A 17 1.00 -6.24 1.09
CA ASN A 17 1.39 -6.55 2.47
C ASN A 17 0.69 -7.80 3.02
N SER A 18 -0.59 -8.03 2.68
CA SER A 18 -1.35 -9.24 3.06
C SER A 18 -1.04 -10.41 2.12
N ALA A 19 -0.78 -10.13 0.83
CA ALA A 19 -0.39 -11.13 -0.15
C ALA A 19 1.03 -11.66 0.15
N ARG A 20 1.92 -10.87 0.77
CA ARG A 20 3.25 -11.34 1.19
C ARG A 20 3.14 -12.59 2.06
N GLU A 21 2.23 -12.57 3.03
CA GLU A 21 2.02 -13.69 3.95
C GLU A 21 1.49 -14.93 3.21
N SER A 22 0.59 -14.74 2.24
CA SER A 22 0.06 -15.83 1.40
C SER A 22 1.12 -16.42 0.47
N ILE A 23 1.98 -15.58 -0.12
CA ILE A 23 3.04 -16.03 -1.03
C ILE A 23 4.17 -16.70 -0.22
N LYS A 24 4.50 -16.20 0.97
CA LYS A 24 5.52 -16.82 1.85
C LYS A 24 5.07 -18.16 2.41
N ARG A 25 3.76 -18.35 2.59
CA ARG A 25 3.17 -19.64 3.03
C ARG A 25 3.31 -20.73 1.97
N GLU A 26 3.26 -20.37 0.68
CA GLU A 26 3.36 -21.31 -0.44
C GLU A 26 4.80 -21.49 -0.96
N ASN A 27 5.64 -20.45 -0.85
CA ASN A 27 7.02 -20.47 -1.36
C ASN A 27 8.03 -20.00 -0.29
N PRO A 28 9.02 -20.81 0.10
CA PRO A 28 10.07 -20.40 1.04
C PRO A 28 11.15 -19.55 0.33
N GLY A 29 11.88 -18.74 1.10
CA GLY A 29 13.01 -17.92 0.63
C GLY A 29 12.68 -16.65 -0.16
N ILE A 30 11.42 -16.44 -0.59
CA ILE A 30 10.96 -15.23 -1.27
C ILE A 30 11.01 -13.99 -0.35
N LYS A 31 11.53 -12.88 -0.87
CA LYS A 31 11.58 -11.56 -0.21
C LYS A 31 10.54 -10.63 -0.84
N VAL A 32 10.45 -9.40 -0.33
CA VAL A 32 9.50 -8.37 -0.78
C VAL A 32 9.59 -8.11 -2.29
N THR A 33 10.76 -8.30 -2.92
CA THR A 33 10.94 -8.16 -4.38
C THR A 33 10.36 -9.31 -5.20
N GLU A 34 10.47 -10.57 -4.75
CA GLU A 34 9.81 -11.71 -5.42
C GLU A 34 8.29 -11.56 -5.26
N VAL A 35 7.86 -11.15 -4.06
CA VAL A 35 6.46 -10.85 -3.75
C VAL A 35 5.93 -9.70 -4.63
N ALA A 36 6.76 -8.71 -4.98
CA ALA A 36 6.36 -7.62 -5.87
C ALA A 36 6.12 -8.12 -7.31
N LYS A 37 6.94 -9.04 -7.82
CA LYS A 37 6.78 -9.67 -9.15
C LYS A 37 5.52 -10.55 -9.21
N ARG A 38 5.38 -11.47 -8.25
CA ARG A 38 4.19 -12.34 -8.13
C ARG A 38 2.95 -11.47 -7.89
N GLY A 39 3.12 -10.38 -7.15
CA GLY A 39 2.12 -9.36 -6.88
C GLY A 39 1.61 -8.71 -8.16
N GLY A 40 2.52 -8.34 -9.07
CA GLY A 40 2.21 -7.77 -10.39
C GLY A 40 1.25 -8.65 -11.19
N GLU A 41 1.54 -9.96 -11.28
CA GLU A 41 0.65 -10.89 -12.00
C GLU A 41 -0.69 -11.15 -11.31
N LEU A 42 -0.73 -11.17 -9.97
CA LEU A 42 -1.95 -11.36 -9.18
C LEU A 42 -2.86 -10.13 -9.18
N TRP A 43 -2.32 -8.91 -9.03
CA TRP A 43 -3.10 -7.67 -9.09
C TRP A 43 -3.70 -7.46 -10.48
N ARG A 44 -3.03 -7.92 -11.55
CA ARG A 44 -3.56 -7.85 -12.93
C ARG A 44 -4.90 -8.59 -13.08
N ALA A 45 -5.17 -9.59 -12.23
CA ALA A 45 -6.43 -10.35 -12.19
C ALA A 45 -7.44 -9.87 -11.11
N MET A 46 -7.08 -8.92 -10.22
CA MET A 46 -7.94 -8.45 -9.13
C MET A 46 -8.88 -7.34 -9.60
N LYS A 47 -9.85 -7.74 -10.42
CA LYS A 47 -10.96 -6.94 -10.99
C LYS A 47 -12.01 -6.44 -9.98
N ASP A 48 -11.73 -6.58 -8.69
CA ASP A 48 -12.50 -6.14 -7.53
C ASP A 48 -11.51 -5.76 -6.42
N LYS A 49 -11.24 -4.45 -6.26
CA LYS A 49 -10.21 -3.90 -5.33
C LYS A 49 -10.72 -2.78 -4.40
N SER A 50 -12.02 -2.72 -4.16
CA SER A 50 -12.67 -1.66 -3.37
C SER A 50 -12.21 -1.58 -1.91
N GLU A 51 -11.85 -2.68 -1.26
CA GLU A 51 -11.28 -2.66 0.10
C GLU A 51 -9.97 -1.86 0.11
N TRP A 52 -9.17 -2.07 -0.93
CA TRP A 52 -7.86 -1.48 -1.10
C TRP A 52 -7.95 -0.02 -1.50
N GLU A 53 -8.94 0.32 -2.32
CA GLU A 53 -9.21 1.70 -2.72
C GLU A 53 -9.82 2.51 -1.57
N ALA A 54 -10.69 1.90 -0.73
CA ALA A 54 -11.30 2.59 0.40
C ALA A 54 -10.30 2.85 1.53
N LYS A 55 -9.41 1.89 1.84
CA LYS A 55 -8.39 2.08 2.88
C LYS A 55 -7.29 3.06 2.46
N ALA A 56 -6.91 3.10 1.18
CA ALA A 56 -5.92 4.10 0.73
C ALA A 56 -6.55 5.51 0.68
N ALA A 57 -7.85 5.64 0.41
CA ALA A 57 -8.55 6.94 0.46
C ALA A 57 -8.56 7.52 1.90
N LYS A 58 -8.66 6.66 2.92
CA LYS A 58 -8.56 7.05 4.35
C LYS A 58 -7.17 7.62 4.64
N ALA A 59 -6.12 6.93 4.18
CA ALA A 59 -4.74 7.39 4.30
C ALA A 59 -4.51 8.71 3.54
N LYS A 60 -5.15 8.91 2.38
CA LYS A 60 -5.07 10.16 1.60
C LYS A 60 -5.71 11.35 2.32
N ASP A 61 -6.85 11.13 3.00
CA ASP A 61 -7.51 12.19 3.79
C ASP A 61 -6.66 12.62 5.00
N ASP A 62 -6.04 11.67 5.71
CA ASP A 62 -5.13 11.98 6.82
C ASP A 62 -3.81 12.61 6.33
N TYR A 63 -3.33 12.20 5.14
CA TYR A 63 -2.16 12.80 4.49
C TYR A 63 -2.45 14.27 4.15
N ASP A 64 -3.61 14.58 3.56
CA ASP A 64 -4.00 15.96 3.28
C ASP A 64 -4.08 16.80 4.57
N ARG A 65 -4.54 16.20 5.67
CA ARG A 65 -4.60 16.84 7.00
C ARG A 65 -3.19 17.15 7.53
N ALA A 66 -2.27 16.18 7.43
CA ALA A 66 -0.87 16.33 7.82
C ALA A 66 -0.12 17.38 6.97
N VAL A 67 -0.39 17.41 5.67
CA VAL A 67 0.17 18.38 4.73
C VAL A 67 -0.36 19.79 4.99
N LYS A 68 -1.62 19.93 5.43
CA LYS A 68 -2.19 21.24 5.81
C LYS A 68 -1.47 21.85 7.02
N GLU A 69 -1.08 21.01 7.98
CA GLU A 69 -0.27 21.44 9.14
C GLU A 69 1.16 21.84 8.71
N PHE A 70 1.71 21.21 7.68
CA PHE A 70 3.03 21.54 7.12
C PHE A 70 3.10 23.00 6.63
N GLU A 71 2.00 23.53 6.09
CA GLU A 71 1.91 24.94 5.67
C GLU A 71 1.69 25.89 6.86
N ALA A 72 0.99 25.44 7.90
CA ALA A 72 0.77 26.21 9.13
C ALA A 72 2.05 26.35 9.98
N ASN A 73 3.00 25.42 9.83
CA ASN A 73 4.28 25.37 10.53
C ASN A 73 5.49 25.65 9.61
N GLY A 74 5.23 26.23 8.43
CA GLY A 74 6.23 26.60 7.41
C GLY A 74 7.15 27.75 7.84
N SER A 2 3.37 16.54 12.80
CA SER A 2 4.50 17.49 13.00
C SER A 2 4.70 18.36 11.75
N ASP A 3 5.37 17.84 10.71
CA ASP A 3 5.71 18.57 9.47
C ASP A 3 5.46 17.69 8.23
N LYS A 4 6.48 17.00 7.72
CA LYS A 4 6.42 16.16 6.51
C LYS A 4 5.77 14.79 6.82
N PRO A 5 4.67 14.38 6.14
CA PRO A 5 4.10 13.05 6.34
C PRO A 5 4.90 11.97 5.57
N LYS A 6 4.61 10.69 5.83
CA LYS A 6 5.23 9.56 5.11
C LYS A 6 4.62 9.30 3.72
N ARG A 7 3.81 10.25 3.23
CA ARG A 7 3.02 10.24 1.98
C ARG A 7 1.96 9.10 1.94
N PRO A 8 0.91 9.21 1.11
CA PRO A 8 -0.16 8.22 1.02
C PRO A 8 0.30 7.03 0.15
N LEU A 9 -0.46 5.93 0.15
CA LEU A 9 -0.08 4.71 -0.55
C LEU A 9 -1.17 4.33 -1.56
N SER A 10 -0.88 3.38 -2.44
CA SER A 10 -1.84 2.86 -3.41
C SER A 10 -2.66 1.70 -2.84
N ALA A 11 -3.79 1.40 -3.49
CA ALA A 11 -4.59 0.22 -3.19
C ALA A 11 -3.70 -1.05 -3.32
N PHE A 12 -2.78 -1.02 -4.29
CA PHE A 12 -1.79 -2.06 -4.53
C PHE A 12 -0.88 -2.28 -3.33
N MET A 13 -0.28 -1.22 -2.78
CA MET A 13 0.69 -1.29 -1.68
C MET A 13 0.10 -1.95 -0.42
N LEU A 14 -1.14 -1.58 -0.12
CA LEU A 14 -1.90 -2.14 0.99
C LEU A 14 -2.12 -3.65 0.83
N TRP A 15 -2.48 -4.12 -0.36
CA TRP A 15 -2.63 -5.56 -0.62
C TRP A 15 -1.28 -6.27 -0.76
N LEU A 16 -0.22 -5.63 -1.27
CA LEU A 16 1.10 -6.25 -1.40
C LEU A 16 1.60 -6.72 -0.04
N ASN A 17 1.31 -5.95 1.01
CA ASN A 17 1.65 -6.30 2.40
C ASN A 17 0.88 -7.53 2.94
N SER A 18 -0.37 -7.76 2.52
CA SER A 18 -1.17 -8.93 2.92
C SER A 18 -0.88 -10.16 2.05
N ALA A 19 -0.65 -9.95 0.75
CA ALA A 19 -0.26 -11.00 -0.18
C ALA A 19 1.14 -11.53 0.13
N ARG A 20 2.02 -10.73 0.76
CA ARG A 20 3.35 -11.17 1.21
C ARG A 20 3.25 -12.39 2.12
N GLU A 21 2.32 -12.39 3.07
CA GLU A 21 2.09 -13.52 3.97
C GLU A 21 1.56 -14.76 3.23
N SER A 22 0.66 -14.57 2.28
CA SER A 22 0.12 -15.66 1.44
C SER A 22 1.19 -16.28 0.53
N ILE A 23 2.06 -15.46 -0.07
CA ILE A 23 3.15 -15.91 -0.94
C ILE A 23 4.25 -16.58 -0.08
N LYS A 24 4.52 -16.10 1.14
CA LYS A 24 5.47 -16.70 2.09
C LYS A 24 5.05 -18.11 2.53
N ARG A 25 3.73 -18.36 2.61
CA ARG A 25 3.16 -19.68 2.95
C ARG A 25 3.37 -20.73 1.85
N GLU A 26 3.39 -20.29 0.59
CA GLU A 26 3.51 -21.17 -0.58
C GLU A 26 4.95 -21.30 -1.10
N ASN A 27 5.79 -20.27 -0.90
CA ASN A 27 7.19 -20.23 -1.34
C ASN A 27 8.13 -19.80 -0.19
N PRO A 28 9.04 -20.68 0.28
CA PRO A 28 10.03 -20.28 1.28
C PRO A 28 11.13 -19.41 0.63
N GLY A 29 11.84 -18.62 1.44
CA GLY A 29 12.97 -17.78 1.01
C GLY A 29 12.59 -16.40 0.43
N ILE A 30 11.37 -16.19 -0.06
CA ILE A 30 10.87 -14.90 -0.57
C ILE A 30 10.79 -13.85 0.56
N LYS A 31 11.02 -12.57 0.23
CA LYS A 31 10.96 -11.43 1.18
C LYS A 31 9.95 -10.37 0.74
N VAL A 32 10.27 -9.64 -0.33
CA VAL A 32 9.49 -8.50 -0.87
C VAL A 32 9.63 -8.36 -2.39
N THR A 33 10.80 -8.58 -2.99
CA THR A 33 11.01 -8.39 -4.43
C THR A 33 10.37 -9.49 -5.28
N GLU A 34 10.36 -10.73 -4.79
CA GLU A 34 9.67 -11.84 -5.45
C GLU A 34 8.17 -11.61 -5.36
N VAL A 35 7.73 -11.14 -4.18
CA VAL A 35 6.35 -10.74 -3.90
C VAL A 35 5.92 -9.57 -4.80
N ALA A 36 6.82 -8.66 -5.19
CA ALA A 36 6.51 -7.57 -6.12
C ALA A 36 6.22 -8.09 -7.54
N LYS A 37 6.99 -9.09 -8.01
CA LYS A 37 6.78 -9.74 -9.32
C LYS A 37 5.48 -10.56 -9.36
N ARG A 38 5.29 -11.43 -8.37
CA ARG A 38 4.04 -12.20 -8.19
C ARG A 38 2.87 -11.24 -8.00
N GLY A 39 3.11 -10.14 -7.29
CA GLY A 39 2.18 -9.06 -7.03
C GLY A 39 1.66 -8.43 -8.31
N GLY A 40 2.56 -8.09 -9.25
CA GLY A 40 2.20 -7.54 -10.56
C GLY A 40 1.23 -8.45 -11.32
N GLU A 41 1.51 -9.75 -11.37
CA GLU A 41 0.62 -10.71 -12.06
C GLU A 41 -0.71 -10.98 -11.34
N LEU A 42 -0.70 -11.03 -10.00
CA LEU A 42 -1.90 -11.24 -9.18
C LEU A 42 -2.83 -10.01 -9.17
N TRP A 43 -2.28 -8.79 -9.04
CA TRP A 43 -3.08 -7.56 -9.08
C TRP A 43 -3.74 -7.35 -10.44
N ARG A 44 -3.09 -7.75 -11.56
CA ARG A 44 -3.68 -7.70 -12.90
C ARG A 44 -4.96 -8.55 -13.02
N ALA A 45 -5.10 -9.58 -12.18
CA ALA A 45 -6.25 -10.48 -12.10
C ALA A 45 -7.19 -10.24 -10.89
N MET A 46 -6.95 -9.22 -10.06
CA MET A 46 -7.77 -8.88 -8.90
C MET A 46 -8.82 -7.85 -9.28
N LYS A 47 -9.93 -8.37 -9.82
CA LYS A 47 -11.10 -7.63 -10.34
C LYS A 47 -12.09 -7.13 -9.26
N ASP A 48 -11.64 -7.11 -8.00
CA ASP A 48 -12.34 -6.61 -6.82
C ASP A 48 -11.33 -6.01 -5.83
N LYS A 49 -11.28 -4.66 -5.77
CA LYS A 49 -10.27 -3.91 -5.00
C LYS A 49 -10.84 -2.85 -4.04
N SER A 50 -12.14 -2.90 -3.75
CA SER A 50 -12.81 -1.87 -2.93
C SER A 50 -12.28 -1.77 -1.49
N GLU A 51 -11.87 -2.86 -0.85
CA GLU A 51 -11.25 -2.82 0.48
C GLU A 51 -9.92 -2.04 0.44
N TRP A 52 -9.13 -2.29 -0.62
CA TRP A 52 -7.83 -1.70 -0.86
C TRP A 52 -7.94 -0.23 -1.26
N GLU A 53 -8.93 0.10 -2.08
CA GLU A 53 -9.23 1.46 -2.50
C GLU A 53 -9.81 2.29 -1.34
N ALA A 54 -10.64 1.72 -0.46
CA ALA A 54 -11.17 2.41 0.71
C ALA A 54 -10.07 2.74 1.73
N LYS A 55 -9.12 1.81 1.96
CA LYS A 55 -8.02 2.02 2.89
C LYS A 55 -7.04 3.10 2.41
N ALA A 56 -6.71 3.11 1.11
CA ALA A 56 -5.85 4.16 0.56
C ALA A 56 -6.56 5.52 0.49
N ALA A 57 -7.88 5.55 0.26
CA ALA A 57 -8.66 6.80 0.29
C ALA A 57 -8.63 7.43 1.69
N LYS A 58 -8.72 6.61 2.76
CA LYS A 58 -8.60 7.08 4.15
C LYS A 58 -7.19 7.60 4.45
N ALA A 59 -6.16 6.90 3.96
CA ALA A 59 -4.77 7.34 4.07
C ALA A 59 -4.53 8.67 3.34
N LYS A 60 -5.22 8.92 2.21
CA LYS A 60 -5.14 10.18 1.46
C LYS A 60 -5.76 11.35 2.24
N ASP A 61 -6.88 11.13 2.93
CA ASP A 61 -7.51 12.14 3.79
C ASP A 61 -6.60 12.49 5.00
N ASP A 62 -5.99 11.50 5.65
CA ASP A 62 -5.05 11.73 6.75
C ASP A 62 -3.73 12.39 6.25
N TYR A 63 -3.29 12.07 5.03
CA TYR A 63 -2.14 12.70 4.39
C TYR A 63 -2.43 14.19 4.14
N ASP A 64 -3.60 14.54 3.58
CA ASP A 64 -3.99 15.94 3.39
C ASP A 64 -4.03 16.70 4.73
N ARG A 65 -4.50 16.04 5.79
CA ARG A 65 -4.54 16.59 7.16
C ARG A 65 -3.11 16.87 7.68
N ALA A 66 -2.19 15.95 7.47
CA ALA A 66 -0.78 16.09 7.83
C ALA A 66 -0.06 17.19 7.00
N VAL A 67 -0.38 17.30 5.71
CA VAL A 67 0.15 18.33 4.81
C VAL A 67 -0.35 19.73 5.19
N LYS A 68 -1.57 19.86 5.74
CA LYS A 68 -2.08 21.15 6.23
C LYS A 68 -1.28 21.66 7.44
N GLU A 69 -0.78 20.77 8.29
CA GLU A 69 0.13 21.13 9.39
C GLU A 69 1.50 21.60 8.85
N PHE A 70 1.95 21.02 7.73
CA PHE A 70 3.20 21.40 7.07
C PHE A 70 3.21 22.87 6.62
N GLU A 71 2.05 23.37 6.18
CA GLU A 71 1.87 24.79 5.80
C GLU A 71 1.75 25.71 7.02
N ALA A 72 1.16 25.22 8.12
CA ALA A 72 1.05 25.96 9.38
C ALA A 72 2.39 26.10 10.12
N ASN A 73 3.34 25.19 9.88
CA ASN A 73 4.66 25.12 10.50
C ASN A 73 5.82 25.41 9.53
N GLY A 74 5.52 25.92 8.34
CA GLY A 74 6.45 26.27 7.27
C GLY A 74 7.46 27.37 7.63
N SER A 2 12.89 19.06 9.66
CA SER A 2 12.29 19.56 8.40
C SER A 2 12.13 18.42 7.41
N ASP A 3 10.94 17.83 7.33
CA ASP A 3 10.63 16.67 6.49
C ASP A 3 9.13 16.59 6.12
N LYS A 4 8.84 16.07 4.92
CA LYS A 4 7.48 15.87 4.38
C LYS A 4 6.78 14.69 5.07
N PRO A 5 5.44 14.65 5.20
CA PRO A 5 4.76 13.54 5.89
C PRO A 5 4.73 12.28 5.02
N LYS A 6 4.46 11.12 5.63
CA LYS A 6 4.33 9.86 4.87
C LYS A 6 3.19 9.96 3.86
N ARG A 7 3.52 9.73 2.58
CA ARG A 7 2.63 9.86 1.42
C ARG A 7 1.52 8.78 1.44
N PRO A 8 0.42 8.97 0.68
CA PRO A 8 -0.64 7.97 0.57
C PRO A 8 -0.13 6.78 -0.24
N LEU A 9 -0.66 5.58 0.02
CA LEU A 9 -0.22 4.36 -0.65
C LEU A 9 -1.30 3.89 -1.61
N SER A 10 -0.90 3.12 -2.63
CA SER A 10 -1.85 2.55 -3.58
C SER A 10 -2.71 1.45 -2.95
N ALA A 11 -3.88 1.20 -3.54
CA ALA A 11 -4.71 0.03 -3.25
C ALA A 11 -3.83 -1.25 -3.37
N PHE A 12 -2.87 -1.22 -4.30
CA PHE A 12 -1.88 -2.27 -4.50
C PHE A 12 -1.03 -2.52 -3.25
N MET A 13 -0.52 -1.46 -2.62
CA MET A 13 0.35 -1.53 -1.46
C MET A 13 -0.33 -2.22 -0.28
N LEU A 14 -1.58 -1.86 0.03
CA LEU A 14 -2.32 -2.52 1.10
C LEU A 14 -2.54 -4.01 0.84
N TRP A 15 -2.85 -4.39 -0.40
CA TRP A 15 -3.02 -5.80 -0.73
C TRP A 15 -1.69 -6.56 -0.74
N LEU A 16 -0.61 -5.93 -1.23
CA LEU A 16 0.75 -6.51 -1.27
C LEU A 16 1.18 -6.98 0.12
N ASN A 17 0.79 -6.25 1.16
CA ASN A 17 1.11 -6.58 2.55
C ASN A 17 0.35 -7.80 3.10
N SER A 18 -0.80 -8.16 2.52
CA SER A 18 -1.57 -9.37 2.86
C SER A 18 -1.12 -10.54 1.95
N ALA A 19 -0.89 -10.25 0.66
CA ALA A 19 -0.36 -11.22 -0.29
C ALA A 19 1.05 -11.66 0.09
N ARG A 20 1.84 -10.82 0.78
CA ARG A 20 3.18 -11.15 1.31
C ARG A 20 3.13 -12.40 2.18
N GLU A 21 2.16 -12.48 3.07
CA GLU A 21 1.97 -13.64 3.95
C GLU A 21 1.52 -14.89 3.18
N SER A 22 0.64 -14.71 2.18
CA SER A 22 0.19 -15.81 1.30
C SER A 22 1.28 -16.33 0.37
N ILE A 23 2.16 -15.46 -0.14
CA ILE A 23 3.28 -15.82 -1.01
C ILE A 23 4.40 -16.47 -0.17
N LYS A 24 4.64 -16.00 1.07
CA LYS A 24 5.60 -16.61 2.00
C LYS A 24 5.20 -18.04 2.39
N ARG A 25 3.90 -18.33 2.43
CA ARG A 25 3.37 -19.67 2.75
C ARG A 25 3.69 -20.71 1.67
N GLU A 26 3.79 -20.28 0.42
CA GLU A 26 4.01 -21.15 -0.75
C GLU A 26 5.46 -21.12 -1.26
N ASN A 27 6.22 -20.04 -1.02
CA ASN A 27 7.61 -19.87 -1.41
C ASN A 27 8.48 -19.43 -0.22
N PRO A 28 9.38 -20.27 0.33
CA PRO A 28 10.29 -19.85 1.39
C PRO A 28 11.37 -18.88 0.87
N GLY A 29 11.85 -17.99 1.74
CA GLY A 29 12.94 -17.04 1.44
C GLY A 29 12.54 -15.73 0.74
N ILE A 30 11.30 -15.59 0.26
CA ILE A 30 10.77 -14.36 -0.35
C ILE A 30 10.52 -13.27 0.72
N LYS A 31 10.69 -12.00 0.37
CA LYS A 31 10.62 -10.85 1.28
C LYS A 31 9.76 -9.69 0.78
N VAL A 32 10.17 -9.06 -0.30
CA VAL A 32 9.53 -7.85 -0.86
C VAL A 32 9.56 -7.78 -2.39
N THR A 33 10.72 -7.96 -3.04
CA THR A 33 10.82 -7.83 -4.49
C THR A 33 10.21 -8.99 -5.26
N GLU A 34 10.28 -10.20 -4.70
CA GLU A 34 9.65 -11.40 -5.25
C GLU A 34 8.14 -11.28 -5.06
N VAL A 35 7.73 -10.73 -3.90
CA VAL A 35 6.32 -10.42 -3.59
C VAL A 35 5.78 -9.37 -4.55
N ALA A 36 6.57 -8.36 -4.95
CA ALA A 36 6.16 -7.36 -5.93
C ALA A 36 6.01 -7.95 -7.34
N LYS A 37 6.90 -8.86 -7.75
CA LYS A 37 6.81 -9.58 -9.04
C LYS A 37 5.57 -10.47 -9.10
N ARG A 38 5.41 -11.36 -8.11
CA ARG A 38 4.25 -12.27 -8.00
C ARG A 38 2.97 -11.46 -7.80
N GLY A 39 3.08 -10.36 -7.05
CA GLY A 39 2.02 -9.40 -6.80
C GLY A 39 1.51 -8.76 -8.09
N GLY A 40 2.43 -8.39 -9.00
CA GLY A 40 2.11 -7.85 -10.33
C GLY A 40 1.19 -8.80 -11.11
N GLU A 41 1.57 -10.09 -11.19
CA GLU A 41 0.74 -11.08 -11.91
C GLU A 41 -0.62 -11.37 -11.23
N LEU A 42 -0.69 -11.33 -9.89
CA LEU A 42 -1.94 -11.55 -9.15
C LEU A 42 -2.88 -10.33 -9.19
N TRP A 43 -2.35 -9.09 -9.12
CA TRP A 43 -3.17 -7.86 -9.21
C TRP A 43 -3.79 -7.69 -10.61
N ARG A 44 -3.13 -8.19 -11.68
CA ARG A 44 -3.70 -8.20 -13.05
C ARG A 44 -4.97 -9.06 -13.14
N ALA A 45 -5.20 -9.97 -12.17
CA ALA A 45 -6.32 -10.91 -12.10
C ALA A 45 -7.19 -10.77 -10.83
N MET A 46 -7.21 -9.58 -10.19
CA MET A 46 -8.03 -9.28 -9.02
C MET A 46 -9.05 -8.20 -9.33
N LYS A 47 -10.25 -8.65 -9.70
CA LYS A 47 -11.45 -7.81 -9.87
C LYS A 47 -12.00 -7.34 -8.51
N ASP A 48 -12.89 -6.35 -8.52
CA ASP A 48 -13.57 -5.81 -7.32
C ASP A 48 -12.61 -5.40 -6.18
N LYS A 49 -11.67 -4.50 -6.50
CA LYS A 49 -10.61 -3.98 -5.61
C LYS A 49 -11.09 -2.95 -4.58
N SER A 50 -12.39 -2.87 -4.36
CA SER A 50 -13.04 -1.88 -3.49
C SER A 50 -12.59 -1.91 -2.04
N GLU A 51 -12.18 -3.06 -1.49
CA GLU A 51 -11.61 -3.12 -0.12
C GLU A 51 -10.29 -2.33 -0.08
N TRP A 52 -9.45 -2.57 -1.08
CA TRP A 52 -8.13 -1.96 -1.20
C TRP A 52 -8.19 -0.48 -1.53
N GLU A 53 -9.17 -0.10 -2.34
CA GLU A 53 -9.43 1.30 -2.68
C GLU A 53 -10.09 2.06 -1.51
N ALA A 54 -10.97 1.43 -0.73
CA ALA A 54 -11.61 2.08 0.42
C ALA A 54 -10.66 2.27 1.61
N LYS A 55 -9.74 1.32 1.87
CA LYS A 55 -8.75 1.48 2.95
C LYS A 55 -7.65 2.48 2.62
N ALA A 56 -7.23 2.61 1.35
CA ALA A 56 -6.24 3.62 0.98
C ALA A 56 -6.81 5.05 1.01
N ALA A 57 -8.13 5.21 0.82
CA ALA A 57 -8.79 6.52 0.92
C ALA A 57 -8.64 7.16 2.32
N LYS A 58 -8.65 6.35 3.40
CA LYS A 58 -8.42 6.84 4.76
C LYS A 58 -6.99 7.35 4.96
N ALA A 59 -6.00 6.65 4.38
CA ALA A 59 -4.60 7.10 4.39
C ALA A 59 -4.44 8.40 3.58
N LYS A 60 -5.16 8.54 2.47
CA LYS A 60 -5.14 9.73 1.62
C LYS A 60 -5.77 10.97 2.30
N ASP A 61 -6.79 10.78 3.13
CA ASP A 61 -7.41 11.86 3.91
C ASP A 61 -6.50 12.31 5.07
N ASP A 62 -5.85 11.38 5.77
CA ASP A 62 -4.91 11.71 6.85
C ASP A 62 -3.61 12.31 6.30
N TYR A 63 -3.17 11.89 5.10
CA TYR A 63 -2.02 12.48 4.40
C TYR A 63 -2.29 13.96 4.10
N ASP A 64 -3.48 14.29 3.59
CA ASP A 64 -3.87 15.69 3.33
C ASP A 64 -3.87 16.52 4.62
N ARG A 65 -4.33 15.93 5.74
CA ARG A 65 -4.32 16.58 7.06
C ARG A 65 -2.88 16.78 7.58
N ALA A 66 -2.00 15.80 7.36
CA ALA A 66 -0.59 15.87 7.72
C ALA A 66 0.18 16.91 6.89
N VAL A 67 -0.10 16.99 5.59
CA VAL A 67 0.48 17.97 4.67
C VAL A 67 0.09 19.40 5.04
N LYS A 68 -1.15 19.62 5.51
CA LYS A 68 -1.60 20.94 5.97
C LYS A 68 -0.79 21.43 7.19
N GLU A 69 -0.46 20.55 8.12
CA GLU A 69 0.41 20.89 9.26
C GLU A 69 1.87 21.05 8.84
N PHE A 70 2.36 20.20 7.92
CA PHE A 70 3.70 20.29 7.36
C PHE A 70 3.92 21.63 6.61
N GLU A 71 2.91 22.14 5.91
CA GLU A 71 2.95 23.45 5.25
C GLU A 71 2.89 24.62 6.23
N ALA A 72 2.15 24.48 7.33
CA ALA A 72 2.06 25.49 8.38
C ALA A 72 3.36 25.59 9.22
N ASN A 73 4.17 24.53 9.26
CA ASN A 73 5.39 24.40 10.04
C ASN A 73 6.67 24.22 9.19
N GLY A 74 6.57 24.50 7.87
CA GLY A 74 7.65 24.36 6.88
C GLY A 74 8.74 25.43 6.98
N SER A 2 8.93 21.51 9.25
CA SER A 2 9.64 20.21 9.30
C SER A 2 8.69 19.09 9.75
N ASP A 3 7.95 18.50 8.80
CA ASP A 3 7.01 17.39 9.06
C ASP A 3 7.15 16.25 8.03
N LYS A 4 6.97 16.56 6.74
CA LYS A 4 7.13 15.64 5.58
C LYS A 4 6.47 14.26 5.84
N PRO A 5 5.13 14.18 5.80
CA PRO A 5 4.40 13.00 6.26
C PRO A 5 4.43 11.82 5.28
N LYS A 6 4.16 10.61 5.78
CA LYS A 6 4.06 9.41 4.93
C LYS A 6 2.88 9.56 3.96
N ARG A 7 3.19 9.48 2.67
CA ARG A 7 2.26 9.61 1.53
C ARG A 7 1.23 8.46 1.51
N PRO A 8 0.16 8.53 0.69
CA PRO A 8 -0.76 7.41 0.52
C PRO A 8 0.03 6.22 -0.06
N LEU A 9 -0.48 4.99 0.10
CA LEU A 9 0.27 3.79 -0.32
C LEU A 9 -0.27 3.08 -1.55
N SER A 10 -1.27 3.66 -2.21
CA SER A 10 -2.01 3.03 -3.31
C SER A 10 -2.75 1.76 -2.87
N ALA A 11 -3.75 1.39 -3.65
CA ALA A 11 -4.50 0.16 -3.49
C ALA A 11 -3.54 -1.07 -3.52
N PHE A 12 -2.46 -0.95 -4.31
CA PHE A 12 -1.49 -2.02 -4.51
C PHE A 12 -0.70 -2.37 -3.26
N MET A 13 -0.01 -1.40 -2.65
CA MET A 13 0.84 -1.66 -1.50
C MET A 13 0.02 -2.10 -0.29
N LEU A 14 -1.21 -1.57 -0.16
CA LEU A 14 -2.14 -1.96 0.89
C LEU A 14 -2.51 -3.44 0.83
N TRP A 15 -2.59 -4.01 -0.38
CA TRP A 15 -2.81 -5.45 -0.57
C TRP A 15 -1.49 -6.24 -0.55
N LEU A 16 -0.39 -5.72 -1.12
CA LEU A 16 0.90 -6.41 -1.17
C LEU A 16 1.38 -6.77 0.24
N ASN A 17 1.08 -5.91 1.22
CA ASN A 17 1.40 -6.14 2.63
C ASN A 17 0.60 -7.29 3.29
N SER A 18 -0.62 -7.58 2.83
CA SER A 18 -1.42 -8.72 3.30
C SER A 18 -1.09 -9.98 2.49
N ALA A 19 -0.81 -9.81 1.19
CA ALA A 19 -0.38 -10.87 0.30
C ALA A 19 1.01 -11.39 0.67
N ARG A 20 1.91 -10.56 1.24
CA ARG A 20 3.23 -11.01 1.73
C ARG A 20 3.10 -12.14 2.74
N GLU A 21 2.14 -12.05 3.66
CA GLU A 21 1.88 -13.11 4.64
C GLU A 21 1.32 -14.38 3.98
N SER A 22 0.41 -14.23 3.02
CA SER A 22 -0.18 -15.34 2.26
C SER A 22 0.84 -16.05 1.35
N ILE A 23 1.71 -15.28 0.68
CA ILE A 23 2.74 -15.78 -0.22
C ILE A 23 3.86 -16.43 0.60
N LYS A 24 4.19 -15.91 1.80
CA LYS A 24 5.21 -16.53 2.68
C LYS A 24 4.74 -17.87 3.26
N ARG A 25 3.42 -18.05 3.41
CA ARG A 25 2.83 -19.32 3.86
C ARG A 25 2.94 -20.43 2.80
N GLU A 26 2.89 -20.07 1.52
CA GLU A 26 3.00 -21.02 0.40
C GLU A 26 4.45 -21.22 -0.08
N ASN A 27 5.27 -20.16 -0.04
CA ASN A 27 6.65 -20.16 -0.52
C ASN A 27 7.63 -19.75 0.60
N PRO A 28 8.46 -20.66 1.14
CA PRO A 28 9.46 -20.29 2.14
C PRO A 28 10.60 -19.46 1.51
N GLY A 29 11.17 -18.54 2.29
CA GLY A 29 12.31 -17.71 1.89
C GLY A 29 11.98 -16.42 1.12
N ILE A 30 10.73 -16.18 0.72
CA ILE A 30 10.29 -14.94 0.05
C ILE A 30 10.26 -13.77 1.05
N LYS A 31 10.65 -12.57 0.61
CA LYS A 31 10.79 -11.36 1.46
C LYS A 31 10.03 -10.14 0.93
N VAL A 32 10.48 -9.59 -0.20
CA VAL A 32 9.91 -8.38 -0.83
C VAL A 32 9.87 -8.47 -2.35
N THR A 33 11.00 -8.73 -3.02
CA THR A 33 11.05 -8.73 -4.49
C THR A 33 10.35 -9.94 -5.13
N GLU A 34 10.25 -11.06 -4.42
CA GLU A 34 9.48 -12.24 -4.85
C GLU A 34 7.98 -11.96 -4.70
N VAL A 35 7.60 -11.25 -3.61
CA VAL A 35 6.22 -10.79 -3.38
C VAL A 35 5.81 -9.79 -4.46
N ALA A 36 6.71 -8.89 -4.90
CA ALA A 36 6.42 -7.94 -5.97
C ALA A 36 6.16 -8.62 -7.32
N LYS A 37 6.88 -9.70 -7.65
CA LYS A 37 6.65 -10.51 -8.87
C LYS A 37 5.27 -11.18 -8.85
N ARG A 38 4.98 -11.90 -7.76
CA ARG A 38 3.66 -12.51 -7.53
C ARG A 38 2.57 -11.43 -7.48
N GLY A 39 2.92 -10.26 -6.95
CA GLY A 39 2.09 -9.08 -6.87
C GLY A 39 1.62 -8.60 -8.23
N GLY A 40 2.54 -8.40 -9.17
CA GLY A 40 2.21 -8.00 -10.53
C GLY A 40 1.21 -8.96 -11.19
N GLU A 41 1.41 -10.27 -11.03
CA GLU A 41 0.52 -11.28 -11.63
C GLU A 41 -0.84 -11.43 -10.91
N LEU A 42 -0.85 -11.37 -9.58
CA LEU A 42 -2.09 -11.48 -8.79
C LEU A 42 -2.95 -10.22 -8.87
N TRP A 43 -2.35 -9.03 -8.86
CA TRP A 43 -3.08 -7.77 -9.01
C TRP A 43 -3.70 -7.65 -10.41
N ARG A 44 -3.02 -8.15 -11.47
CA ARG A 44 -3.57 -8.18 -12.84
C ARG A 44 -4.86 -9.01 -12.94
N ALA A 45 -5.09 -9.93 -12.00
CA ALA A 45 -6.27 -10.78 -11.89
C ALA A 45 -7.22 -10.44 -10.71
N MET A 46 -6.98 -9.35 -9.96
CA MET A 46 -7.76 -8.96 -8.78
C MET A 46 -8.72 -7.81 -9.09
N LYS A 47 -9.84 -8.19 -9.69
CA LYS A 47 -10.99 -7.32 -9.97
C LYS A 47 -11.79 -7.08 -8.68
N ASP A 48 -12.64 -6.05 -8.65
CA ASP A 48 -13.43 -5.64 -7.48
C ASP A 48 -12.56 -5.37 -6.22
N LYS A 49 -11.43 -4.67 -6.42
CA LYS A 49 -10.41 -4.31 -5.40
C LYS A 49 -10.84 -3.15 -4.48
N SER A 50 -12.15 -2.96 -4.33
CA SER A 50 -12.78 -1.85 -3.58
C SER A 50 -12.31 -1.72 -2.13
N GLU A 51 -11.94 -2.82 -1.45
CA GLU A 51 -11.38 -2.74 -0.08
C GLU A 51 -10.06 -1.97 -0.08
N TRP A 52 -9.18 -2.31 -1.02
CA TRP A 52 -7.85 -1.73 -1.19
C TRP A 52 -7.93 -0.30 -1.73
N GLU A 53 -8.86 -0.08 -2.66
CA GLU A 53 -9.10 1.22 -3.25
C GLU A 53 -9.75 2.20 -2.26
N ALA A 54 -10.63 1.74 -1.37
CA ALA A 54 -11.22 2.59 -0.34
C ALA A 54 -10.19 2.93 0.75
N LYS A 55 -9.31 1.98 1.12
CA LYS A 55 -8.27 2.21 2.13
C LYS A 55 -7.24 3.25 1.71
N ALA A 56 -6.81 3.22 0.44
CA ALA A 56 -5.87 4.22 -0.08
C ALA A 56 -6.53 5.61 -0.22
N ALA A 57 -7.80 5.67 -0.64
CA ALA A 57 -8.56 6.92 -0.72
C ALA A 57 -8.78 7.55 0.68
N LYS A 58 -9.02 6.71 1.71
CA LYS A 58 -9.16 7.14 3.11
C LYS A 58 -7.83 7.64 3.68
N ALA A 59 -6.73 6.94 3.38
CA ALA A 59 -5.38 7.33 3.79
C ALA A 59 -4.96 8.70 3.19
N LYS A 60 -5.40 9.00 1.96
CA LYS A 60 -5.15 10.29 1.28
C LYS A 60 -5.73 11.49 2.04
N ASP A 61 -6.86 11.33 2.72
CA ASP A 61 -7.48 12.39 3.54
C ASP A 61 -6.66 12.72 4.81
N ASP A 62 -6.13 11.71 5.49
CA ASP A 62 -5.24 11.91 6.66
C ASP A 62 -3.86 12.43 6.21
N TYR A 63 -3.39 12.03 5.03
CA TYR A 63 -2.16 12.57 4.44
C TYR A 63 -2.33 14.07 4.14
N ASP A 64 -3.46 14.50 3.59
CA ASP A 64 -3.75 15.92 3.37
C ASP A 64 -3.78 16.70 4.70
N ARG A 65 -4.38 16.12 5.76
CA ARG A 65 -4.39 16.68 7.11
C ARG A 65 -2.96 16.83 7.67
N ALA A 66 -2.09 15.86 7.41
CA ALA A 66 -0.68 15.89 7.80
C ALA A 66 0.14 16.95 7.03
N VAL A 67 -0.14 17.14 5.75
CA VAL A 67 0.52 18.16 4.91
C VAL A 67 0.05 19.58 5.27
N LYS A 68 -1.16 19.75 5.81
CA LYS A 68 -1.63 21.05 6.33
C LYS A 68 -0.75 21.52 7.49
N GLU A 69 -0.25 20.59 8.32
CA GLU A 69 0.72 20.91 9.38
C GLU A 69 2.12 21.18 8.82
N PHE A 70 2.51 20.51 7.73
CA PHE A 70 3.78 20.75 7.04
C PHE A 70 3.87 22.19 6.51
N GLU A 71 2.74 22.76 6.07
CA GLU A 71 2.63 24.18 5.66
C GLU A 71 2.61 25.14 6.86
N ALA A 72 1.97 24.75 7.97
CA ALA A 72 1.93 25.54 9.20
C ALA A 72 3.30 25.65 9.89
N ASN A 73 4.20 24.68 9.63
CA ASN A 73 5.55 24.59 10.19
C ASN A 73 6.65 24.70 9.11
N GLY A 74 6.33 25.33 7.97
CA GLY A 74 7.24 25.56 6.84
C GLY A 74 8.43 26.47 7.17
N SER A 2 9.90 18.89 13.29
CA SER A 2 8.76 18.87 12.35
C SER A 2 9.23 18.54 10.94
N ASP A 3 8.68 17.47 10.34
CA ASP A 3 9.07 16.96 9.02
C ASP A 3 7.85 16.47 8.20
N LYS A 4 8.08 16.15 6.92
CA LYS A 4 7.08 15.60 5.97
C LYS A 4 6.32 14.42 6.58
N PRO A 5 4.98 14.35 6.39
CA PRO A 5 4.22 13.22 6.91
C PRO A 5 4.46 11.98 6.03
N LYS A 6 4.17 10.78 6.57
CA LYS A 6 4.25 9.55 5.76
C LYS A 6 3.26 9.66 4.60
N ARG A 7 3.78 9.69 3.38
CA ARG A 7 2.97 9.87 2.17
C ARG A 7 1.97 8.71 2.00
N PRO A 8 0.83 8.96 1.35
CA PRO A 8 -0.24 7.98 1.16
C PRO A 8 0.24 6.87 0.22
N LEU A 9 -0.39 5.72 0.31
CA LEU A 9 -0.01 4.52 -0.44
C LEU A 9 -1.03 4.25 -1.55
N SER A 10 -0.79 3.21 -2.34
CA SER A 10 -1.70 2.75 -3.37
C SER A 10 -2.58 1.60 -2.88
N ALA A 11 -3.65 1.32 -3.61
CA ALA A 11 -4.51 0.15 -3.38
C ALA A 11 -3.63 -1.12 -3.41
N PHE A 12 -2.65 -1.15 -4.33
CA PHE A 12 -1.68 -2.22 -4.47
C PHE A 12 -0.84 -2.42 -3.22
N MET A 13 -0.32 -1.34 -2.64
CA MET A 13 0.59 -1.40 -1.50
C MET A 13 -0.04 -2.04 -0.26
N LEU A 14 -1.32 -1.74 0.02
CA LEU A 14 -2.01 -2.40 1.13
C LEU A 14 -2.15 -3.90 0.89
N TRP A 15 -2.48 -4.30 -0.35
CA TRP A 15 -2.60 -5.72 -0.68
C TRP A 15 -1.24 -6.43 -0.77
N LEU A 16 -0.16 -5.76 -1.19
CA LEU A 16 1.18 -6.35 -1.23
C LEU A 16 1.61 -6.80 0.18
N ASN A 17 1.23 -6.01 1.18
CA ASN A 17 1.50 -6.32 2.59
C ASN A 17 0.71 -7.56 3.11
N SER A 18 -0.52 -7.78 2.65
CA SER A 18 -1.32 -8.97 3.02
C SER A 18 -0.97 -10.19 2.16
N ALA A 19 -0.62 -9.98 0.89
CA ALA A 19 -0.17 -11.01 -0.02
C ALA A 19 1.23 -11.52 0.34
N ARG A 20 2.12 -10.70 0.93
CA ARG A 20 3.42 -11.19 1.41
C ARG A 20 3.23 -12.36 2.37
N GLU A 21 2.27 -12.29 3.29
CA GLU A 21 2.01 -13.36 4.24
C GLU A 21 1.53 -14.66 3.56
N SER A 22 0.65 -14.52 2.56
CA SER A 22 0.14 -15.65 1.77
C SER A 22 1.23 -16.28 0.89
N ILE A 23 2.04 -15.45 0.23
CA ILE A 23 3.12 -15.89 -0.65
C ILE A 23 4.27 -16.48 0.17
N LYS A 24 4.57 -15.96 1.37
CA LYS A 24 5.61 -16.49 2.27
C LYS A 24 5.21 -17.85 2.86
N ARG A 25 3.91 -18.11 3.01
CA ARG A 25 3.39 -19.41 3.48
C ARG A 25 3.55 -20.52 2.43
N GLU A 26 3.52 -20.17 1.14
CA GLU A 26 3.67 -21.11 0.03
C GLU A 26 5.11 -21.21 -0.50
N ASN A 27 5.88 -20.11 -0.46
CA ASN A 27 7.25 -20.04 -0.97
C ASN A 27 8.23 -19.58 0.14
N PRO A 28 9.09 -20.45 0.69
CA PRO A 28 10.10 -20.03 1.67
C PRO A 28 11.20 -19.22 0.96
N GLY A 29 11.81 -18.27 1.69
CA GLY A 29 12.92 -17.41 1.20
C GLY A 29 12.50 -16.12 0.48
N ILE A 30 11.20 -15.87 0.25
CA ILE A 30 10.68 -14.63 -0.33
C ILE A 30 10.52 -13.54 0.75
N LYS A 31 10.76 -12.26 0.39
CA LYS A 31 10.65 -11.11 1.31
C LYS A 31 9.79 -9.97 0.76
N VAL A 32 10.24 -9.34 -0.32
CA VAL A 32 9.59 -8.17 -0.94
C VAL A 32 9.65 -8.19 -2.47
N THR A 33 10.82 -8.36 -3.08
CA THR A 33 10.98 -8.31 -4.55
C THR A 33 10.31 -9.49 -5.26
N GLU A 34 10.35 -10.68 -4.65
CA GLU A 34 9.64 -11.86 -5.14
C GLU A 34 8.12 -11.68 -5.00
N VAL A 35 7.68 -11.01 -3.91
CA VAL A 35 6.27 -10.65 -3.69
C VAL A 35 5.81 -9.63 -4.75
N ALA A 36 6.66 -8.69 -5.16
CA ALA A 36 6.34 -7.68 -6.18
C ALA A 36 6.11 -8.32 -7.58
N LYS A 37 6.89 -9.36 -7.92
CA LYS A 37 6.75 -10.14 -9.16
C LYS A 37 5.42 -10.93 -9.20
N ARG A 38 5.20 -11.72 -8.15
CA ARG A 38 3.96 -12.49 -7.95
C ARG A 38 2.75 -11.54 -7.87
N GLY A 39 2.98 -10.39 -7.25
CA GLY A 39 2.03 -9.29 -7.11
C GLY A 39 1.58 -8.75 -8.44
N GLY A 40 2.50 -8.50 -9.37
CA GLY A 40 2.17 -8.04 -10.73
C GLY A 40 1.19 -8.99 -11.41
N GLU A 41 1.44 -10.31 -11.33
CA GLU A 41 0.52 -11.29 -11.94
C GLU A 41 -0.83 -11.46 -11.19
N LEU A 42 -0.82 -11.38 -9.86
CA LEU A 42 -2.02 -11.51 -9.02
C LEU A 42 -2.93 -10.27 -9.08
N TRP A 43 -2.36 -9.06 -9.05
CA TRP A 43 -3.11 -7.80 -9.17
C TRP A 43 -3.74 -7.66 -10.57
N ARG A 44 -3.11 -8.22 -11.62
CA ARG A 44 -3.68 -8.24 -12.98
C ARG A 44 -4.98 -9.06 -13.07
N ALA A 45 -5.19 -9.99 -12.13
CA ALA A 45 -6.37 -10.84 -11.99
C ALA A 45 -7.30 -10.44 -10.82
N MET A 46 -7.15 -9.23 -10.26
CA MET A 46 -7.92 -8.69 -9.14
C MET A 46 -8.88 -7.61 -9.64
N LYS A 47 -10.09 -8.04 -9.96
CA LYS A 47 -11.23 -7.17 -10.31
C LYS A 47 -12.08 -6.91 -9.05
N ASP A 48 -12.76 -5.75 -8.99
CA ASP A 48 -13.56 -5.29 -7.83
C ASP A 48 -12.74 -5.22 -6.52
N LYS A 49 -11.72 -4.35 -6.51
CA LYS A 49 -10.72 -4.13 -5.44
C LYS A 49 -11.06 -2.97 -4.48
N SER A 50 -12.35 -2.77 -4.24
CA SER A 50 -12.88 -1.66 -3.42
C SER A 50 -12.35 -1.64 -1.97
N GLU A 51 -11.98 -2.79 -1.38
CA GLU A 51 -11.37 -2.81 -0.03
C GLU A 51 -10.02 -2.06 -0.06
N TRP A 52 -9.21 -2.37 -1.05
CA TRP A 52 -7.87 -1.81 -1.22
C TRP A 52 -7.93 -0.36 -1.68
N GLU A 53 -8.90 -0.03 -2.53
CA GLU A 53 -9.11 1.34 -2.99
C GLU A 53 -9.70 2.24 -1.90
N ALA A 54 -10.60 1.74 -1.03
CA ALA A 54 -11.17 2.55 0.04
C ALA A 54 -10.14 2.86 1.13
N LYS A 55 -9.25 1.91 1.47
CA LYS A 55 -8.23 2.14 2.51
C LYS A 55 -7.17 3.16 2.08
N ALA A 56 -6.73 3.12 0.82
CA ALA A 56 -5.77 4.13 0.33
C ALA A 56 -6.44 5.51 0.17
N ALA A 57 -7.72 5.57 -0.20
CA ALA A 57 -8.47 6.82 -0.27
C ALA A 57 -8.66 7.45 1.14
N LYS A 58 -8.83 6.62 2.18
CA LYS A 58 -8.92 7.10 3.57
C LYS A 58 -7.57 7.61 4.09
N ALA A 59 -6.47 6.99 3.69
CA ALA A 59 -5.10 7.45 4.01
C ALA A 59 -4.82 8.83 3.39
N LYS A 60 -5.36 9.09 2.18
CA LYS A 60 -5.23 10.37 1.47
C LYS A 60 -5.83 11.56 2.24
N ASP A 61 -6.89 11.32 3.00
CA ASP A 61 -7.56 12.34 3.84
C ASP A 61 -6.71 12.73 5.06
N ASP A 62 -6.14 11.78 5.80
CA ASP A 62 -5.24 12.12 6.93
C ASP A 62 -3.89 12.65 6.40
N TYR A 63 -3.45 12.23 5.21
CA TYR A 63 -2.26 12.78 4.55
C TYR A 63 -2.46 14.28 4.27
N ASP A 64 -3.58 14.68 3.67
CA ASP A 64 -3.89 16.10 3.44
C ASP A 64 -3.94 16.89 4.75
N ARG A 65 -4.56 16.33 5.79
CA ARG A 65 -4.63 16.91 7.14
C ARG A 65 -3.24 17.07 7.78
N ALA A 66 -2.35 16.09 7.59
CA ALA A 66 -0.98 16.11 8.08
C ALA A 66 -0.11 17.13 7.31
N VAL A 67 -0.27 17.19 6.00
CA VAL A 67 0.42 18.15 5.12
C VAL A 67 -0.03 19.59 5.42
N LYS A 68 -1.29 19.79 5.81
CA LYS A 68 -1.82 21.11 6.19
C LYS A 68 -1.10 21.68 7.41
N GLU A 69 -0.73 20.82 8.37
CA GLU A 69 0.11 21.22 9.51
C GLU A 69 1.57 21.37 9.10
N PHE A 70 2.08 20.52 8.20
CA PHE A 70 3.45 20.61 7.69
C PHE A 70 3.71 21.93 6.92
N GLU A 71 2.72 22.48 6.22
CA GLU A 71 2.88 23.80 5.56
C GLU A 71 2.87 24.96 6.56
N ALA A 72 2.09 24.84 7.64
CA ALA A 72 2.03 25.84 8.71
C ALA A 72 3.27 25.82 9.62
N ASN A 73 3.98 24.68 9.70
CA ASN A 73 5.14 24.45 10.57
C ASN A 73 6.45 24.11 9.80
N GLY A 74 6.49 24.40 8.50
CA GLY A 74 7.62 24.12 7.60
C GLY A 74 8.90 24.91 7.90
N SER A 2 9.91 19.58 12.26
CA SER A 2 9.41 18.33 11.65
C SER A 2 9.77 18.24 10.17
N ASP A 3 9.55 17.09 9.54
CA ASP A 3 9.88 16.78 8.14
C ASP A 3 8.66 16.28 7.34
N LYS A 4 8.84 16.06 6.02
CA LYS A 4 7.81 15.57 5.07
C LYS A 4 7.10 14.33 5.63
N PRO A 5 5.76 14.21 5.52
CA PRO A 5 5.04 13.10 6.17
C PRO A 5 5.11 11.78 5.39
N LYS A 6 4.69 10.68 6.05
CA LYS A 6 4.59 9.32 5.48
C LYS A 6 3.49 9.32 4.40
N ARG A 7 3.87 9.60 3.15
CA ARG A 7 3.01 9.75 1.97
C ARG A 7 1.99 8.61 1.80
N PRO A 8 0.85 8.87 1.13
CA PRO A 8 -0.21 7.89 0.92
C PRO A 8 0.27 6.82 -0.07
N LEU A 9 -0.39 5.65 -0.05
CA LEU A 9 0.01 4.49 -0.82
C LEU A 9 -1.03 4.14 -1.89
N SER A 10 -0.67 3.24 -2.80
CA SER A 10 -1.59 2.71 -3.81
C SER A 10 -2.47 1.61 -3.21
N ALA A 11 -3.60 1.33 -3.86
CA ALA A 11 -4.44 0.18 -3.56
C ALA A 11 -3.58 -1.10 -3.60
N PHE A 12 -2.62 -1.13 -4.53
CA PHE A 12 -1.65 -2.22 -4.71
C PHE A 12 -0.79 -2.46 -3.48
N MET A 13 -0.13 -1.42 -2.98
CA MET A 13 0.81 -1.48 -1.87
C MET A 13 0.15 -1.97 -0.58
N LEU A 14 -1.10 -1.53 -0.36
CA LEU A 14 -1.94 -1.95 0.75
C LEU A 14 -2.25 -3.45 0.69
N TRP A 15 -2.57 -3.98 -0.49
CA TRP A 15 -2.79 -5.42 -0.66
C TRP A 15 -1.47 -6.21 -0.58
N LEU A 16 -0.37 -5.68 -1.14
CA LEU A 16 0.94 -6.34 -1.19
C LEU A 16 1.42 -6.74 0.21
N ASN A 17 1.14 -5.89 1.20
CA ASN A 17 1.50 -6.17 2.60
C ASN A 17 0.75 -7.38 3.21
N SER A 18 -0.47 -7.68 2.73
CA SER A 18 -1.27 -8.86 3.13
C SER A 18 -0.90 -10.07 2.26
N ALA A 19 -0.67 -9.85 0.96
CA ALA A 19 -0.23 -10.89 0.04
C ALA A 19 1.15 -11.45 0.42
N ARG A 20 2.02 -10.66 1.05
CA ARG A 20 3.32 -11.11 1.56
C ARG A 20 3.17 -12.29 2.52
N GLU A 21 2.20 -12.22 3.44
CA GLU A 21 1.93 -13.31 4.39
C GLU A 21 1.37 -14.56 3.68
N SER A 22 0.54 -14.38 2.66
CA SER A 22 -0.02 -15.47 1.84
C SER A 22 1.07 -16.16 1.00
N ILE A 23 1.99 -15.39 0.41
CA ILE A 23 3.09 -15.94 -0.41
C ILE A 23 4.16 -16.58 0.52
N LYS A 24 4.37 -16.04 1.73
CA LYS A 24 5.26 -16.61 2.78
C LYS A 24 4.80 -18.00 3.21
N ARG A 25 3.49 -18.26 3.20
CA ARG A 25 2.92 -19.57 3.58
C ARG A 25 3.29 -20.69 2.60
N GLU A 26 3.43 -20.37 1.31
CA GLU A 26 3.76 -21.33 0.25
C GLU A 26 5.26 -21.35 -0.10
N ASN A 27 5.99 -20.25 0.08
CA ASN A 27 7.41 -20.12 -0.23
C ASN A 27 8.19 -19.53 0.96
N PRO A 28 9.19 -20.24 1.54
CA PRO A 28 9.90 -19.76 2.74
C PRO A 28 10.99 -18.72 2.46
N GLY A 29 11.66 -18.78 1.30
CA GLY A 29 12.80 -17.93 0.93
C GLY A 29 12.47 -16.50 0.47
N ILE A 30 11.19 -16.18 0.28
CA ILE A 30 10.71 -14.88 -0.22
C ILE A 30 10.74 -13.79 0.87
N LYS A 31 10.88 -12.53 0.46
CA LYS A 31 10.96 -11.35 1.35
C LYS A 31 9.98 -10.25 0.89
N VAL A 32 10.34 -9.54 -0.17
CA VAL A 32 9.59 -8.40 -0.75
C VAL A 32 9.64 -8.39 -2.28
N THR A 33 10.79 -8.65 -2.91
CA THR A 33 10.92 -8.58 -4.38
C THR A 33 10.21 -9.73 -5.10
N GLU A 34 10.23 -10.94 -4.54
CA GLU A 34 9.49 -12.08 -5.11
C GLU A 34 7.98 -11.87 -4.92
N VAL A 35 7.60 -11.22 -3.81
CA VAL A 35 6.22 -10.81 -3.51
C VAL A 35 5.76 -9.72 -4.48
N ALA A 36 6.63 -8.81 -4.91
CA ALA A 36 6.30 -7.80 -5.91
C ALA A 36 6.06 -8.43 -7.30
N LYS A 37 6.85 -9.46 -7.66
CA LYS A 37 6.69 -10.25 -8.91
C LYS A 37 5.38 -11.04 -8.93
N ARG A 38 5.17 -11.88 -7.91
CA ARG A 38 3.91 -12.63 -7.74
C ARG A 38 2.73 -11.68 -7.55
N GLY A 39 3.01 -10.51 -6.96
CA GLY A 39 2.08 -9.42 -6.77
C GLY A 39 1.53 -8.90 -8.09
N GLY A 40 2.40 -8.61 -9.04
CA GLY A 40 2.02 -8.17 -10.39
C GLY A 40 1.08 -9.18 -11.09
N GLU A 41 1.38 -10.47 -10.99
CA GLU A 41 0.55 -11.53 -11.61
C GLU A 41 -0.80 -11.76 -10.89
N LEU A 42 -0.86 -11.60 -9.58
CA LEU A 42 -2.09 -11.71 -8.78
C LEU A 42 -2.98 -10.47 -8.89
N TRP A 43 -2.41 -9.27 -8.90
CA TRP A 43 -3.14 -8.01 -9.06
C TRP A 43 -3.78 -7.91 -10.46
N ARG A 44 -3.17 -8.52 -11.50
CA ARG A 44 -3.75 -8.60 -12.86
C ARG A 44 -5.12 -9.30 -12.86
N ALA A 45 -5.36 -10.22 -11.91
CA ALA A 45 -6.62 -10.94 -11.74
C ALA A 45 -7.56 -10.34 -10.66
N MET A 46 -7.24 -9.15 -10.11
CA MET A 46 -7.99 -8.50 -9.03
C MET A 46 -9.03 -7.51 -9.54
N LYS A 47 -10.16 -8.08 -9.94
CA LYS A 47 -11.38 -7.36 -10.31
C LYS A 47 -12.19 -7.02 -9.03
N ASP A 48 -12.88 -5.89 -9.01
CA ASP A 48 -13.64 -5.36 -7.85
C ASP A 48 -12.77 -5.24 -6.57
N LYS A 49 -11.87 -4.25 -6.57
CA LYS A 49 -10.83 -3.98 -5.55
C LYS A 49 -11.16 -2.86 -4.54
N SER A 50 -12.44 -2.61 -4.27
CA SER A 50 -12.91 -1.50 -3.43
C SER A 50 -12.37 -1.49 -1.99
N GLU A 51 -11.97 -2.63 -1.42
CA GLU A 51 -11.36 -2.65 -0.07
C GLU A 51 -10.01 -1.90 -0.10
N TRP A 52 -9.20 -2.21 -1.11
CA TRP A 52 -7.87 -1.66 -1.31
C TRP A 52 -7.92 -0.22 -1.78
N GLU A 53 -8.90 0.10 -2.62
CA GLU A 53 -9.11 1.47 -3.09
C GLU A 53 -9.70 2.38 -1.99
N ALA A 54 -10.58 1.88 -1.11
CA ALA A 54 -11.11 2.68 -0.01
C ALA A 54 -10.04 2.97 1.05
N LYS A 55 -9.14 2.01 1.32
CA LYS A 55 -8.07 2.19 2.32
C LYS A 55 -7.05 3.25 1.91
N ALA A 56 -6.68 3.30 0.63
CA ALA A 56 -5.77 4.34 0.12
C ALA A 56 -6.46 5.72 0.06
N ALA A 57 -7.74 5.77 -0.30
CA ALA A 57 -8.51 7.01 -0.29
C ALA A 57 -8.63 7.59 1.14
N LYS A 58 -8.79 6.74 2.16
CA LYS A 58 -8.83 7.14 3.58
C LYS A 58 -7.46 7.63 4.08
N ALA A 59 -6.37 7.00 3.64
CA ALA A 59 -5.00 7.44 3.95
C ALA A 59 -4.71 8.84 3.38
N LYS A 60 -5.31 9.19 2.23
CA LYS A 60 -5.19 10.50 1.58
C LYS A 60 -5.64 11.67 2.48
N ASP A 61 -6.72 11.48 3.26
CA ASP A 61 -7.25 12.51 4.17
C ASP A 61 -6.30 12.79 5.35
N ASP A 62 -5.72 11.75 5.96
CA ASP A 62 -4.74 11.92 7.03
C ASP A 62 -3.40 12.44 6.50
N TYR A 63 -3.03 12.08 5.26
CA TYR A 63 -1.86 12.62 4.58
C TYR A 63 -2.01 14.13 4.36
N ASP A 64 -3.18 14.59 3.88
CA ASP A 64 -3.44 16.02 3.71
C ASP A 64 -3.34 16.76 5.06
N ARG A 65 -3.84 16.15 6.14
CA ARG A 65 -3.73 16.70 7.50
C ARG A 65 -2.27 16.80 7.96
N ALA A 66 -1.48 15.77 7.70
CA ALA A 66 -0.06 15.73 8.05
C ALA A 66 0.77 16.77 7.27
N VAL A 67 0.49 16.94 5.97
CA VAL A 67 1.16 17.97 5.15
C VAL A 67 0.75 19.37 5.61
N LYS A 68 -0.51 19.58 6.03
CA LYS A 68 -0.99 20.87 6.53
C LYS A 68 -0.26 21.32 7.81
N GLU A 69 0.09 20.38 8.69
CA GLU A 69 0.86 20.70 9.90
C GLU A 69 2.36 20.84 9.56
N PHE A 70 2.87 20.04 8.62
CA PHE A 70 4.25 20.13 8.12
C PHE A 70 4.52 21.50 7.46
N GLU A 71 3.56 22.09 6.73
CA GLU A 71 3.71 23.44 6.18
C GLU A 71 3.84 24.53 7.25
N ALA A 72 3.17 24.35 8.40
CA ALA A 72 3.23 25.28 9.52
C ALA A 72 4.55 25.19 10.31
N ASN A 73 5.26 24.06 10.20
CA ASN A 73 6.53 23.77 10.86
C ASN A 73 7.74 23.69 9.92
N GLY A 74 7.55 24.07 8.65
CA GLY A 74 8.55 24.05 7.57
C GLY A 74 9.44 25.30 7.49
N SER A 2 11.09 19.88 10.63
CA SER A 2 9.93 19.30 9.92
C SER A 2 10.33 18.84 8.52
N ASP A 3 9.70 17.77 8.02
CA ASP A 3 9.98 17.13 6.72
C ASP A 3 8.70 16.65 6.03
N LYS A 4 8.81 16.30 4.74
CA LYS A 4 7.72 15.79 3.88
C LYS A 4 7.00 14.60 4.56
N PRO A 5 5.66 14.56 4.63
CA PRO A 5 4.98 13.50 5.38
C PRO A 5 4.85 12.20 4.57
N LYS A 6 4.47 11.12 5.27
CA LYS A 6 4.21 9.81 4.63
C LYS A 6 3.06 9.96 3.64
N ARG A 7 3.39 9.79 2.35
CA ARG A 7 2.45 9.87 1.22
C ARG A 7 1.35 8.79 1.33
N PRO A 8 0.24 8.91 0.58
CA PRO A 8 -0.79 7.87 0.56
C PRO A 8 -0.19 6.56 0.06
N LEU A 9 -0.87 5.45 0.35
CA LEU A 9 -0.44 4.12 -0.09
C LEU A 9 -1.52 3.62 -1.04
N SER A 10 -1.12 3.25 -2.25
CA SER A 10 -2.02 2.73 -3.27
C SER A 10 -2.83 1.54 -2.74
N ALA A 11 -3.99 1.31 -3.36
CA ALA A 11 -4.80 0.11 -3.15
C ALA A 11 -3.88 -1.13 -3.29
N PHE A 12 -2.90 -1.05 -4.20
CA PHE A 12 -1.88 -2.07 -4.44
C PHE A 12 -1.01 -2.33 -3.22
N MET A 13 -0.37 -1.28 -2.67
CA MET A 13 0.54 -1.36 -1.53
C MET A 13 -0.15 -2.00 -0.31
N LEU A 14 -1.41 -1.60 -0.07
CA LEU A 14 -2.26 -2.15 0.99
C LEU A 14 -2.48 -3.66 0.83
N TRP A 15 -2.79 -4.13 -0.39
CA TRP A 15 -2.92 -5.56 -0.64
C TRP A 15 -1.58 -6.30 -0.58
N LEU A 16 -0.49 -5.68 -1.09
CA LEU A 16 0.86 -6.27 -1.17
C LEU A 16 1.35 -6.71 0.21
N ASN A 17 1.01 -5.95 1.25
CA ASN A 17 1.40 -6.27 2.63
C ASN A 17 0.76 -7.57 3.16
N SER A 18 -0.48 -7.87 2.77
CA SER A 18 -1.18 -9.12 3.12
C SER A 18 -0.83 -10.24 2.15
N ALA A 19 -0.57 -9.91 0.88
CA ALA A 19 -0.11 -10.86 -0.12
C ALA A 19 1.31 -11.37 0.17
N ARG A 20 2.17 -10.60 0.85
CA ARG A 20 3.52 -11.07 1.25
C ARG A 20 3.40 -12.34 2.09
N GLU A 21 2.52 -12.34 3.09
CA GLU A 21 2.36 -13.51 3.97
C GLU A 21 1.81 -14.71 3.20
N SER A 22 0.87 -14.49 2.28
CA SER A 22 0.30 -15.53 1.42
C SER A 22 1.31 -16.11 0.43
N ILE A 23 2.18 -15.28 -0.16
CA ILE A 23 3.22 -15.75 -1.08
C ILE A 23 4.36 -16.43 -0.29
N LYS A 24 4.72 -15.93 0.90
CA LYS A 24 5.76 -16.54 1.76
C LYS A 24 5.31 -17.90 2.32
N ARG A 25 4.00 -18.11 2.49
CA ARG A 25 3.40 -19.38 2.93
C ARG A 25 3.62 -20.51 1.90
N GLU A 26 3.71 -20.15 0.61
CA GLU A 26 3.85 -21.10 -0.50
C GLU A 26 5.27 -21.17 -1.09
N ASN A 27 6.03 -20.05 -1.05
CA ASN A 27 7.40 -19.96 -1.57
C ASN A 27 8.39 -19.55 -0.44
N PRO A 28 9.36 -20.39 -0.05
CA PRO A 28 10.37 -20.01 0.94
C PRO A 28 11.43 -19.07 0.32
N GLY A 29 12.02 -18.20 1.15
CA GLY A 29 13.11 -17.28 0.78
C GLY A 29 12.73 -15.98 0.06
N ILE A 30 11.51 -15.84 -0.47
CA ILE A 30 11.03 -14.66 -1.20
C ILE A 30 11.05 -13.38 -0.35
N LYS A 31 11.69 -12.35 -0.91
CA LYS A 31 11.77 -11.01 -0.35
C LYS A 31 10.65 -10.12 -0.91
N VAL A 32 10.56 -8.90 -0.37
CA VAL A 32 9.63 -7.85 -0.79
C VAL A 32 9.66 -7.62 -2.31
N THR A 33 10.81 -7.76 -2.95
CA THR A 33 10.98 -7.61 -4.41
C THR A 33 10.40 -8.75 -5.23
N GLU A 34 10.51 -10.01 -4.77
CA GLU A 34 9.90 -11.17 -5.44
C GLU A 34 8.38 -11.06 -5.30
N VAL A 35 7.92 -10.65 -4.11
CA VAL A 35 6.51 -10.36 -3.82
C VAL A 35 5.98 -9.21 -4.68
N ALA A 36 6.79 -8.21 -5.03
CA ALA A 36 6.37 -7.13 -5.92
C ALA A 36 6.15 -7.62 -7.36
N LYS A 37 6.96 -8.57 -7.85
CA LYS A 37 6.81 -9.19 -9.18
C LYS A 37 5.59 -10.12 -9.26
N ARG A 38 5.47 -11.06 -8.31
CA ARG A 38 4.28 -11.93 -8.18
C ARG A 38 3.04 -11.08 -7.93
N GLY A 39 3.21 -9.99 -7.19
CA GLY A 39 2.20 -8.98 -6.89
C GLY A 39 1.65 -8.36 -8.16
N GLY A 40 2.51 -7.94 -9.08
CA GLY A 40 2.14 -7.38 -10.38
C GLY A 40 1.22 -8.31 -11.16
N GLU A 41 1.58 -9.59 -11.27
CA GLU A 41 0.77 -10.58 -12.00
C GLU A 41 -0.57 -10.91 -11.32
N LEU A 42 -0.62 -10.91 -9.99
CA LEU A 42 -1.83 -11.14 -9.19
C LEU A 42 -2.79 -9.94 -9.22
N TRP A 43 -2.28 -8.71 -9.11
CA TRP A 43 -3.10 -7.49 -9.18
C TRP A 43 -3.71 -7.29 -10.58
N ARG A 44 -3.01 -7.73 -11.64
CA ARG A 44 -3.51 -7.73 -13.02
C ARG A 44 -4.66 -8.74 -13.22
N ALA A 45 -4.93 -9.59 -12.23
CA ALA A 45 -6.01 -10.58 -12.18
C ALA A 45 -6.92 -10.45 -10.93
N MET A 46 -7.01 -9.24 -10.33
CA MET A 46 -7.86 -8.92 -9.18
C MET A 46 -8.68 -7.66 -9.50
N LYS A 47 -9.96 -7.88 -9.75
CA LYS A 47 -11.01 -6.86 -9.94
C LYS A 47 -11.89 -6.76 -8.68
N ASP A 48 -12.74 -5.72 -8.60
CA ASP A 48 -13.59 -5.40 -7.44
C ASP A 48 -12.76 -5.26 -6.13
N LYS A 49 -11.89 -4.25 -6.14
CA LYS A 49 -10.88 -3.93 -5.11
C LYS A 49 -11.33 -2.89 -4.08
N SER A 50 -12.63 -2.86 -3.77
CA SER A 50 -13.24 -1.85 -2.89
C SER A 50 -12.64 -1.82 -1.47
N GLU A 51 -12.18 -2.95 -0.92
CA GLU A 51 -11.48 -2.95 0.39
C GLU A 51 -10.19 -2.14 0.28
N TRP A 52 -9.39 -2.45 -0.74
CA TRP A 52 -8.11 -1.82 -1.01
C TRP A 52 -8.26 -0.35 -1.38
N GLU A 53 -9.33 0.01 -2.09
CA GLU A 53 -9.64 1.38 -2.45
C GLU A 53 -10.16 2.19 -1.25
N ALA A 54 -10.98 1.61 -0.37
CA ALA A 54 -11.48 2.29 0.83
C ALA A 54 -10.35 2.53 1.85
N LYS A 55 -9.42 1.58 1.99
CA LYS A 55 -8.25 1.71 2.87
C LYS A 55 -7.32 2.84 2.42
N ALA A 56 -7.06 2.96 1.12
CA ALA A 56 -6.24 4.05 0.58
C ALA A 56 -6.97 5.41 0.62
N ALA A 57 -8.30 5.43 0.45
CA ALA A 57 -9.10 6.65 0.59
C ALA A 57 -9.02 7.20 2.02
N LYS A 58 -8.98 6.32 3.04
CA LYS A 58 -8.80 6.72 4.45
C LYS A 58 -7.39 7.28 4.69
N ALA A 59 -6.37 6.65 4.10
CA ALA A 59 -4.98 7.13 4.17
C ALA A 59 -4.79 8.52 3.53
N LYS A 60 -5.54 8.82 2.45
CA LYS A 60 -5.52 10.14 1.78
C LYS A 60 -5.99 11.30 2.68
N ASP A 61 -6.86 11.05 3.65
CA ASP A 61 -7.31 12.09 4.59
C ASP A 61 -6.22 12.42 5.64
N ASP A 62 -5.57 11.41 6.21
CA ASP A 62 -4.46 11.61 7.15
C ASP A 62 -3.22 12.19 6.44
N TYR A 63 -3.01 11.86 5.17
CA TYR A 63 -1.95 12.44 4.35
C TYR A 63 -2.17 13.95 4.16
N ASP A 64 -3.39 14.37 3.76
CA ASP A 64 -3.74 15.80 3.63
C ASP A 64 -3.55 16.54 4.96
N ARG A 65 -3.94 15.90 6.08
CA ARG A 65 -3.76 16.43 7.45
C ARG A 65 -2.28 16.60 7.80
N ALA A 66 -1.44 15.63 7.47
CA ALA A 66 0.01 15.69 7.69
C ALA A 66 0.69 16.74 6.79
N VAL A 67 0.24 16.87 5.54
CA VAL A 67 0.72 17.87 4.58
C VAL A 67 0.41 19.29 5.06
N LYS A 68 -0.73 19.51 5.73
CA LYS A 68 -1.08 20.83 6.28
C LYS A 68 -0.07 21.30 7.33
N GLU A 69 0.43 20.40 8.18
CA GLU A 69 1.49 20.72 9.15
C GLU A 69 2.85 20.90 8.48
N PHE A 70 3.15 20.09 7.45
CA PHE A 70 4.37 20.22 6.65
C PHE A 70 4.45 21.57 5.91
N GLU A 71 3.33 22.08 5.38
CA GLU A 71 3.27 23.39 4.75
C GLU A 71 3.39 24.54 5.76
N ALA A 72 2.81 24.37 6.96
CA ALA A 72 2.88 25.37 8.03
C ALA A 72 4.29 25.50 8.63
N ASN A 73 5.13 24.45 8.52
CA ASN A 73 6.48 24.37 9.07
C ASN A 73 7.57 24.19 8.00
N GLY A 74 7.26 24.49 6.74
CA GLY A 74 8.14 24.39 5.57
C GLY A 74 9.28 25.41 5.54
N SER A 2 4.21 19.24 12.63
CA SER A 2 5.09 18.32 11.88
C SER A 2 5.28 18.76 10.42
N ASP A 3 6.28 18.19 9.75
CA ASP A 3 6.69 18.50 8.36
C ASP A 3 6.96 17.21 7.56
N LYS A 4 6.83 17.28 6.23
CA LYS A 4 7.11 16.19 5.26
C LYS A 4 6.62 14.81 5.73
N PRO A 5 5.29 14.59 5.79
CA PRO A 5 4.72 13.38 6.37
C PRO A 5 4.89 12.13 5.50
N LYS A 6 4.75 10.94 6.09
CA LYS A 6 4.77 9.67 5.34
C LYS A 6 3.57 9.68 4.37
N ARG A 7 3.88 9.75 3.08
CA ARG A 7 2.90 9.87 1.99
C ARG A 7 1.95 8.65 1.93
N PRO A 8 0.72 8.81 1.43
CA PRO A 8 -0.27 7.76 1.38
C PRO A 8 0.14 6.75 0.30
N LEU A 9 -0.33 5.52 0.45
CA LEU A 9 0.06 4.41 -0.42
C LEU A 9 -0.98 4.18 -1.52
N SER A 10 -0.65 3.33 -2.49
CA SER A 10 -1.58 2.92 -3.54
C SER A 10 -2.48 1.78 -3.07
N ALA A 11 -3.57 1.54 -3.79
CA ALA A 11 -4.42 0.37 -3.56
C ALA A 11 -3.57 -0.92 -3.68
N PHE A 12 -2.58 -0.89 -4.59
CA PHE A 12 -1.62 -1.97 -4.81
C PHE A 12 -0.81 -2.28 -3.56
N MET A 13 -0.13 -1.27 -3.00
CA MET A 13 0.69 -1.41 -1.80
C MET A 13 -0.12 -1.96 -0.62
N LEU A 14 -1.37 -1.50 -0.46
CA LEU A 14 -2.28 -1.98 0.57
C LEU A 14 -2.50 -3.49 0.51
N TRP A 15 -2.72 -4.04 -0.68
CA TRP A 15 -2.86 -5.49 -0.88
C TRP A 15 -1.50 -6.20 -0.85
N LEU A 16 -0.43 -5.61 -1.38
CA LEU A 16 0.91 -6.23 -1.42
C LEU A 16 1.37 -6.59 -0.01
N ASN A 17 1.08 -5.71 0.95
CA ASN A 17 1.36 -5.90 2.37
C ASN A 17 0.61 -7.10 3.00
N SER A 18 -0.61 -7.42 2.56
CA SER A 18 -1.37 -8.58 3.05
C SER A 18 -1.02 -9.85 2.27
N ALA A 19 -0.75 -9.71 0.97
CA ALA A 19 -0.29 -10.78 0.10
C ALA A 19 1.12 -11.25 0.48
N ARG A 20 1.96 -10.40 1.09
CA ARG A 20 3.30 -10.80 1.57
C ARG A 20 3.22 -11.97 2.54
N GLU A 21 2.24 -11.96 3.46
CA GLU A 21 2.02 -13.05 4.41
C GLU A 21 1.49 -14.32 3.73
N SER A 22 0.56 -14.16 2.77
CA SER A 22 -0.01 -15.28 2.01
C SER A 22 1.01 -15.94 1.07
N ILE A 23 1.88 -15.15 0.44
CA ILE A 23 2.92 -15.64 -0.47
C ILE A 23 4.06 -16.28 0.34
N LYS A 24 4.36 -15.79 1.56
CA LYS A 24 5.36 -16.39 2.46
C LYS A 24 4.94 -17.79 2.91
N ARG A 25 3.63 -18.01 3.09
CA ARG A 25 3.05 -19.31 3.47
C ARG A 25 3.20 -20.38 2.37
N GLU A 26 3.22 -19.97 1.11
CA GLU A 26 3.34 -20.87 -0.05
C GLU A 26 4.77 -21.00 -0.58
N ASN A 27 5.60 -19.96 -0.41
CA ASN A 27 7.00 -19.92 -0.87
C ASN A 27 7.94 -19.47 0.27
N PRO A 28 8.78 -20.36 0.85
CA PRO A 28 9.75 -19.94 1.86
C PRO A 28 10.88 -19.12 1.24
N GLY A 29 11.44 -18.18 2.01
CA GLY A 29 12.58 -17.32 1.61
C GLY A 29 12.22 -16.03 0.88
N ILE A 30 10.98 -15.87 0.38
CA ILE A 30 10.49 -14.63 -0.24
C ILE A 30 10.42 -13.51 0.82
N LYS A 31 10.71 -12.27 0.41
CA LYS A 31 10.78 -11.09 1.32
C LYS A 31 9.86 -9.96 0.85
N VAL A 32 10.21 -9.32 -0.25
CA VAL A 32 9.50 -8.14 -0.81
C VAL A 32 9.54 -8.11 -2.34
N THR A 33 10.70 -8.35 -2.95
CA THR A 33 10.87 -8.26 -4.42
C THR A 33 10.19 -9.40 -5.18
N GLU A 34 10.15 -10.61 -4.61
CA GLU A 34 9.44 -11.74 -5.18
C GLU A 34 7.93 -11.50 -5.07
N VAL A 35 7.50 -10.94 -3.92
CA VAL A 35 6.11 -10.54 -3.67
C VAL A 35 5.66 -9.44 -4.63
N ALA A 36 6.53 -8.49 -4.99
CA ALA A 36 6.24 -7.45 -5.97
C ALA A 36 6.02 -8.02 -7.39
N LYS A 37 6.84 -9.01 -7.79
CA LYS A 37 6.72 -9.72 -9.08
C LYS A 37 5.46 -10.59 -9.16
N ARG A 38 5.23 -11.40 -8.11
CA ARG A 38 3.99 -12.19 -7.96
C ARG A 38 2.79 -11.25 -7.92
N GLY A 39 2.97 -10.07 -7.32
CA GLY A 39 2.02 -8.98 -7.26
C GLY A 39 1.63 -8.49 -8.65
N GLY A 40 2.60 -8.27 -9.55
CA GLY A 40 2.33 -7.88 -10.93
C GLY A 40 1.33 -8.84 -11.59
N GLU A 41 1.54 -10.15 -11.43
CA GLU A 41 0.59 -11.15 -11.98
C GLU A 41 -0.74 -11.27 -11.22
N LEU A 42 -0.74 -11.15 -9.89
CA LEU A 42 -1.93 -11.29 -9.04
C LEU A 42 -2.85 -10.07 -9.12
N TRP A 43 -2.29 -8.85 -9.15
CA TRP A 43 -3.05 -7.60 -9.32
C TRP A 43 -3.61 -7.48 -10.74
N ARG A 44 -2.93 -8.04 -11.76
CA ARG A 44 -3.46 -8.08 -13.14
C ARG A 44 -4.78 -8.86 -13.25
N ALA A 45 -5.02 -9.79 -12.32
CA ALA A 45 -6.22 -10.64 -12.23
C ALA A 45 -7.16 -10.28 -11.04
N MET A 46 -7.07 -9.05 -10.49
CA MET A 46 -7.88 -8.56 -9.37
C MET A 46 -8.88 -7.51 -9.86
N LYS A 47 -10.07 -7.98 -10.17
CA LYS A 47 -11.23 -7.12 -10.49
C LYS A 47 -11.97 -6.73 -9.20
N ASP A 48 -12.66 -5.59 -9.21
CA ASP A 48 -13.36 -5.00 -8.04
C ASP A 48 -12.44 -4.80 -6.83
N LYS A 49 -11.50 -3.85 -6.94
CA LYS A 49 -10.42 -3.55 -5.96
C LYS A 49 -10.86 -2.61 -4.83
N SER A 50 -12.16 -2.49 -4.59
CA SER A 50 -12.76 -1.53 -3.65
C SER A 50 -12.29 -1.60 -2.21
N GLU A 51 -11.94 -2.79 -1.68
CA GLU A 51 -11.38 -2.89 -0.32
C GLU A 51 -10.03 -2.16 -0.24
N TRP A 52 -9.23 -2.33 -1.28
CA TRP A 52 -7.87 -1.79 -1.38
C TRP A 52 -7.89 -0.31 -1.73
N GLU A 53 -8.87 0.11 -2.55
CA GLU A 53 -9.09 1.50 -2.88
C GLU A 53 -9.67 2.30 -1.71
N ALA A 54 -10.61 1.74 -0.94
CA ALA A 54 -11.18 2.44 0.22
C ALA A 54 -10.15 2.60 1.34
N LYS A 55 -9.30 1.58 1.55
CA LYS A 55 -8.27 1.60 2.60
C LYS A 55 -7.17 2.64 2.32
N ALA A 56 -6.76 2.79 1.06
CA ALA A 56 -5.78 3.82 0.69
C ALA A 56 -6.41 5.22 0.62
N ALA A 57 -7.68 5.32 0.22
CA ALA A 57 -8.40 6.60 0.22
C ALA A 57 -8.54 7.17 1.64
N LYS A 58 -8.65 6.31 2.67
CA LYS A 58 -8.67 6.74 4.08
C LYS A 58 -7.33 7.34 4.50
N ALA A 59 -6.21 6.74 4.08
CA ALA A 59 -4.87 7.26 4.32
C ALA A 59 -4.64 8.63 3.64
N LYS A 60 -5.27 8.86 2.48
CA LYS A 60 -5.21 10.14 1.74
C LYS A 60 -5.78 11.31 2.57
N ASP A 61 -6.83 11.08 3.35
CA ASP A 61 -7.46 12.11 4.20
C ASP A 61 -6.56 12.54 5.39
N ASP A 62 -5.90 11.58 6.06
CA ASP A 62 -4.95 11.88 7.13
C ASP A 62 -3.65 12.48 6.57
N TYR A 63 -3.25 12.10 5.36
CA TYR A 63 -2.10 12.70 4.67
C TYR A 63 -2.40 14.17 4.36
N ASP A 64 -3.58 14.49 3.83
CA ASP A 64 -3.99 15.88 3.59
C ASP A 64 -3.97 16.70 4.89
N ARG A 65 -4.37 16.10 6.02
CA ARG A 65 -4.30 16.74 7.35
C ARG A 65 -2.84 17.00 7.75
N ALA A 66 -1.97 16.01 7.60
CA ALA A 66 -0.54 16.10 7.94
C ALA A 66 0.21 17.11 7.06
N VAL A 67 -0.15 17.20 5.79
CA VAL A 67 0.41 18.16 4.83
C VAL A 67 -0.10 19.58 5.09
N LYS A 68 -1.25 19.76 5.75
CA LYS A 68 -1.72 21.09 6.17
C LYS A 68 -0.75 21.69 7.19
N GLU A 69 -0.16 20.86 8.05
CA GLU A 69 0.89 21.28 9.00
C GLU A 69 2.23 21.57 8.29
N PHE A 70 2.54 20.86 7.20
CA PHE A 70 3.74 21.08 6.38
C PHE A 70 3.73 22.50 5.76
N GLU A 71 2.54 23.04 5.45
CA GLU A 71 2.38 24.43 4.98
C GLU A 71 2.44 25.43 6.15
N ALA A 72 1.92 25.06 7.32
CA ALA A 72 1.91 25.91 8.51
C ALA A 72 3.31 26.07 9.14
N ASN A 73 4.20 25.11 8.93
CA ASN A 73 5.58 25.09 9.43
C ASN A 73 6.64 25.34 8.34
N GLY A 74 6.20 25.71 7.14
CA GLY A 74 7.02 26.07 5.97
C GLY A 74 7.57 27.51 5.98
N SER A 2 2.76 17.75 12.90
CA SER A 2 4.11 17.63 12.29
C SER A 2 4.06 17.77 10.77
N ASP A 3 5.19 18.10 10.15
CA ASP A 3 5.33 18.36 8.71
C ASP A 3 5.85 17.14 7.91
N LYS A 4 5.79 17.22 6.57
CA LYS A 4 6.31 16.25 5.59
C LYS A 4 5.81 14.79 5.82
N PRO A 5 4.60 14.43 5.34
CA PRO A 5 4.00 13.12 5.61
C PRO A 5 4.64 11.94 4.85
N LYS A 6 4.25 10.71 5.26
CA LYS A 6 4.64 9.42 4.62
C LYS A 6 3.93 9.15 3.27
N ARG A 7 3.01 10.05 2.91
CA ARG A 7 2.13 10.02 1.72
C ARG A 7 1.15 8.82 1.76
N PRO A 8 0.04 8.79 1.00
CA PRO A 8 -0.91 7.68 1.04
C PRO A 8 -0.28 6.41 0.45
N LEU A 9 -0.80 5.23 0.82
CA LEU A 9 -0.36 3.95 0.29
C LEU A 9 -1.51 3.42 -0.53
N SER A 10 -1.36 3.52 -1.85
CA SER A 10 -2.36 3.18 -2.86
C SER A 10 -2.88 1.75 -2.72
N ALA A 11 -4.03 1.49 -3.36
CA ALA A 11 -4.76 0.21 -3.31
C ALA A 11 -3.83 -1.01 -3.52
N PHE A 12 -2.88 -0.88 -4.46
CA PHE A 12 -1.87 -1.92 -4.74
C PHE A 12 -0.99 -2.22 -3.52
N MET A 13 -0.35 -1.18 -2.98
CA MET A 13 0.56 -1.29 -1.84
C MET A 13 -0.14 -1.88 -0.61
N LEU A 14 -1.37 -1.43 -0.37
CA LEU A 14 -2.20 -1.89 0.74
C LEU A 14 -2.55 -3.38 0.64
N TRP A 15 -2.80 -3.90 -0.58
CA TRP A 15 -3.02 -5.33 -0.77
C TRP A 15 -1.70 -6.12 -0.70
N LEU A 16 -0.63 -5.59 -1.30
CA LEU A 16 0.68 -6.24 -1.38
C LEU A 16 1.20 -6.62 0.02
N ASN A 17 0.88 -5.82 1.02
CA ASN A 17 1.25 -6.06 2.42
C ASN A 17 0.65 -7.36 2.99
N SER A 18 -0.62 -7.68 2.65
CA SER A 18 -1.27 -8.92 3.05
C SER A 18 -0.90 -10.08 2.13
N ALA A 19 -0.75 -9.80 0.83
CA ALA A 19 -0.31 -10.78 -0.15
C ALA A 19 1.12 -11.26 0.13
N ARG A 20 1.99 -10.44 0.74
CA ARG A 20 3.36 -10.84 1.12
C ARG A 20 3.36 -12.06 2.05
N GLU A 21 2.44 -12.10 3.01
CA GLU A 21 2.33 -13.22 3.95
C GLU A 21 1.77 -14.49 3.26
N SER A 22 0.81 -14.30 2.34
CA SER A 22 0.22 -15.38 1.54
C SER A 22 1.23 -15.98 0.56
N ILE A 23 2.05 -15.14 -0.09
CA ILE A 23 3.09 -15.58 -1.02
C ILE A 23 4.22 -16.28 -0.26
N LYS A 24 4.56 -15.85 0.97
CA LYS A 24 5.56 -16.53 1.82
C LYS A 24 5.14 -17.97 2.12
N ARG A 25 3.83 -18.20 2.34
CA ARG A 25 3.29 -19.54 2.67
C ARG A 25 3.41 -20.54 1.51
N GLU A 26 3.35 -20.06 0.27
CA GLU A 26 3.48 -20.90 -0.94
C GLU A 26 4.92 -20.98 -1.47
N ASN A 27 5.73 -19.93 -1.26
CA ASN A 27 7.11 -19.84 -1.74
C ASN A 27 8.08 -19.49 -0.59
N PRO A 28 8.86 -20.44 -0.03
CA PRO A 28 9.85 -20.12 1.00
C PRO A 28 11.01 -19.28 0.41
N GLY A 29 11.60 -18.41 1.23
CA GLY A 29 12.74 -17.55 0.88
C GLY A 29 12.39 -16.19 0.26
N ILE A 30 11.16 -15.97 -0.20
CA ILE A 30 10.67 -14.67 -0.71
C ILE A 30 10.57 -13.63 0.42
N LYS A 31 10.78 -12.35 0.11
CA LYS A 31 10.82 -11.26 1.10
C LYS A 31 9.94 -10.07 0.70
N VAL A 32 10.31 -9.38 -0.39
CA VAL A 32 9.66 -8.14 -0.88
C VAL A 32 9.72 -8.00 -2.41
N THR A 33 10.87 -8.20 -3.05
CA THR A 33 11.00 -8.00 -4.50
C THR A 33 10.34 -9.08 -5.34
N GLU A 34 10.35 -10.33 -4.86
CA GLU A 34 9.66 -11.46 -5.51
C GLU A 34 8.16 -11.26 -5.37
N VAL A 35 7.73 -10.78 -4.20
CA VAL A 35 6.34 -10.40 -3.90
C VAL A 35 5.87 -9.27 -4.82
N ALA A 36 6.73 -8.32 -5.18
CA ALA A 36 6.37 -7.24 -6.10
C ALA A 36 6.13 -7.74 -7.53
N LYS A 37 6.92 -8.72 -8.01
CA LYS A 37 6.72 -9.35 -9.34
C LYS A 37 5.47 -10.24 -9.38
N ARG A 38 5.33 -11.12 -8.38
CA ARG A 38 4.15 -11.99 -8.22
C ARG A 38 2.90 -11.13 -8.00
N GLY A 39 3.09 -10.00 -7.32
CA GLY A 39 2.09 -8.97 -7.07
C GLY A 39 1.59 -8.34 -8.36
N GLY A 40 2.49 -8.00 -9.28
CA GLY A 40 2.16 -7.45 -10.60
C GLY A 40 1.20 -8.36 -11.39
N GLU A 41 1.48 -9.66 -11.42
CA GLU A 41 0.59 -10.61 -12.12
C GLU A 41 -0.74 -10.89 -11.40
N LEU A 42 -0.75 -10.85 -10.07
CA LEU A 42 -1.95 -11.03 -9.25
C LEU A 42 -2.87 -9.81 -9.26
N TRP A 43 -2.33 -8.59 -9.17
CA TRP A 43 -3.12 -7.35 -9.24
C TRP A 43 -3.75 -7.16 -10.63
N ARG A 44 -3.06 -7.60 -11.71
CA ARG A 44 -3.59 -7.57 -13.09
C ARG A 44 -4.92 -8.35 -13.21
N ALA A 45 -5.14 -9.34 -12.35
CA ALA A 45 -6.35 -10.16 -12.29
C ALA A 45 -7.32 -9.83 -11.12
N MET A 46 -7.08 -8.78 -10.33
CA MET A 46 -7.88 -8.43 -9.14
C MET A 46 -8.87 -7.27 -9.40
N LYS A 47 -9.97 -7.64 -10.03
CA LYS A 47 -11.15 -6.78 -10.25
C LYS A 47 -11.93 -6.63 -8.93
N ASP A 48 -12.77 -5.60 -8.81
CA ASP A 48 -13.55 -5.28 -7.59
C ASP A 48 -12.68 -5.20 -6.31
N LYS A 49 -11.79 -4.20 -6.27
CA LYS A 49 -10.77 -3.96 -5.23
C LYS A 49 -11.13 -2.89 -4.20
N SER A 50 -12.42 -2.72 -3.92
CA SER A 50 -12.96 -1.66 -3.04
C SER A 50 -12.42 -1.67 -1.60
N GLU A 51 -12.01 -2.82 -1.05
CA GLU A 51 -11.38 -2.86 0.28
C GLU A 51 -10.04 -2.11 0.28
N TRP A 52 -9.26 -2.34 -0.78
CA TRP A 52 -7.94 -1.75 -0.97
C TRP A 52 -8.05 -0.27 -1.35
N GLU A 53 -9.07 0.08 -2.13
CA GLU A 53 -9.34 1.46 -2.52
C GLU A 53 -9.92 2.29 -1.36
N ALA A 54 -10.80 1.74 -0.52
CA ALA A 54 -11.35 2.43 0.64
C ALA A 54 -10.30 2.62 1.74
N LYS A 55 -9.44 1.62 1.95
CA LYS A 55 -8.41 1.70 3.01
C LYS A 55 -7.28 2.68 2.65
N ALA A 56 -7.00 2.89 1.36
CA ALA A 56 -6.02 3.90 0.95
C ALA A 56 -6.58 5.32 1.13
N ALA A 57 -7.89 5.52 0.90
CA ALA A 57 -8.56 6.80 1.14
C ALA A 57 -8.56 7.20 2.63
N LYS A 58 -8.68 6.22 3.55
CA LYS A 58 -8.59 6.45 5.00
C LYS A 58 -7.21 6.94 5.42
N ALA A 59 -6.14 6.41 4.81
CA ALA A 59 -4.77 6.87 5.03
C ALA A 59 -4.55 8.25 4.38
N LYS A 60 -5.16 8.48 3.21
CA LYS A 60 -5.07 9.76 2.50
C LYS A 60 -5.74 10.92 3.26
N ASP A 61 -6.77 10.67 4.06
CA ASP A 61 -7.39 11.71 4.90
C ASP A 61 -6.39 12.29 5.92
N ASP A 62 -5.52 11.45 6.50
CA ASP A 62 -4.46 11.92 7.41
C ASP A 62 -3.32 12.60 6.64
N TYR A 63 -3.05 12.16 5.40
CA TYR A 63 -2.08 12.80 4.51
C TYR A 63 -2.51 14.23 4.17
N ASP A 64 -3.76 14.44 3.74
CA ASP A 64 -4.32 15.78 3.48
C ASP A 64 -4.26 16.68 4.73
N ARG A 65 -4.44 16.09 5.93
CA ARG A 65 -4.33 16.82 7.20
C ARG A 65 -2.88 17.25 7.49
N ALA A 66 -1.92 16.36 7.26
CA ALA A 66 -0.49 16.63 7.41
C ALA A 66 0.04 17.65 6.39
N VAL A 67 -0.48 17.57 5.16
CA VAL A 67 -0.18 18.50 4.06
C VAL A 67 -0.68 19.92 4.37
N LYS A 68 -1.75 20.08 5.16
CA LYS A 68 -2.24 21.40 5.60
C LYS A 68 -1.22 22.09 6.52
N GLU A 69 -0.59 21.34 7.42
CA GLU A 69 0.50 21.87 8.28
C GLU A 69 1.73 22.24 7.45
N PHE A 70 2.02 21.48 6.39
CA PHE A 70 3.14 21.76 5.47
C PHE A 70 3.00 23.14 4.80
N GLU A 71 1.77 23.59 4.52
CA GLU A 71 1.47 24.93 3.99
C GLU A 71 1.50 26.01 5.07
N ALA A 72 1.14 25.68 6.32
CA ALA A 72 1.19 26.59 7.45
C ALA A 72 2.64 26.86 7.93
N ASN A 73 3.56 25.92 7.67
CA ASN A 73 4.97 25.97 8.06
C ASN A 73 5.93 26.12 6.86
N GLY A 74 5.39 26.48 5.69
CA GLY A 74 6.13 26.71 4.43
C GLY A 74 6.53 28.17 4.22
N SER A 2 14.47 19.58 6.33
CA SER A 2 13.28 19.63 5.46
C SER A 2 12.84 18.21 5.13
N ASP A 3 11.71 17.76 5.68
CA ASP A 3 11.19 16.39 5.54
C ASP A 3 9.66 16.38 5.38
N LYS A 4 9.19 15.77 4.28
CA LYS A 4 7.76 15.58 3.96
C LYS A 4 7.13 14.48 4.84
N PRO A 5 5.81 14.45 5.09
CA PRO A 5 5.20 13.43 5.94
C PRO A 5 5.08 12.08 5.20
N LYS A 6 4.70 11.02 5.93
CA LYS A 6 4.43 9.69 5.33
C LYS A 6 3.32 9.88 4.27
N ARG A 7 3.66 9.67 3.00
CA ARG A 7 2.77 9.86 1.84
C ARG A 7 1.65 8.80 1.87
N PRO A 8 0.55 8.99 1.12
CA PRO A 8 -0.51 8.00 1.03
C PRO A 8 -0.05 6.86 0.13
N LEU A 9 -0.74 5.72 0.21
CA LEU A 9 -0.39 4.52 -0.53
C LEU A 9 -1.45 4.28 -1.62
N SER A 10 -1.23 3.25 -2.44
CA SER A 10 -2.17 2.82 -3.48
C SER A 10 -2.87 1.53 -3.06
N ALA A 11 -4.01 1.24 -3.69
CA ALA A 11 -4.75 0.00 -3.55
C ALA A 11 -3.79 -1.21 -3.72
N PHE A 12 -2.82 -1.10 -4.64
CA PHE A 12 -1.80 -2.10 -4.87
C PHE A 12 -0.91 -2.31 -3.64
N MET A 13 -0.29 -1.24 -3.13
CA MET A 13 0.62 -1.27 -1.98
C MET A 13 -0.09 -1.85 -0.74
N LEU A 14 -1.32 -1.42 -0.50
CA LEU A 14 -2.16 -1.88 0.60
C LEU A 14 -2.43 -3.40 0.53
N TRP A 15 -2.72 -3.93 -0.66
CA TRP A 15 -2.89 -5.37 -0.83
C TRP A 15 -1.56 -6.12 -0.79
N LEU A 16 -0.48 -5.56 -1.35
CA LEU A 16 0.86 -6.17 -1.40
C LEU A 16 1.32 -6.60 0.00
N ASN A 17 1.02 -5.77 1.00
CA ASN A 17 1.36 -6.03 2.41
C ASN A 17 0.61 -7.24 3.01
N SER A 18 -0.61 -7.54 2.54
CA SER A 18 -1.40 -8.70 2.97
C SER A 18 -1.04 -9.94 2.14
N ALA A 19 -0.83 -9.76 0.83
CA ALA A 19 -0.38 -10.83 -0.05
C ALA A 19 1.04 -11.31 0.31
N ARG A 20 1.89 -10.46 0.91
CA ARG A 20 3.22 -10.84 1.39
C ARG A 20 3.16 -12.01 2.37
N GLU A 21 2.23 -11.98 3.31
CA GLU A 21 2.05 -13.07 4.29
C GLU A 21 1.54 -14.36 3.63
N SER A 22 0.60 -14.23 2.68
CA SER A 22 0.05 -15.36 1.91
C SER A 22 1.10 -16.01 0.99
N ILE A 23 1.91 -15.20 0.31
CA ILE A 23 2.97 -15.69 -0.58
C ILE A 23 4.11 -16.30 0.26
N LYS A 24 4.40 -15.76 1.45
CA LYS A 24 5.45 -16.30 2.36
C LYS A 24 5.08 -17.66 2.93
N ARG A 25 3.78 -17.93 3.09
CA ARG A 25 3.28 -19.24 3.55
C ARG A 25 3.44 -20.35 2.50
N GLU A 26 3.38 -19.99 1.22
CA GLU A 26 3.50 -20.92 0.09
C GLU A 26 4.95 -21.04 -0.43
N ASN A 27 5.73 -19.95 -0.36
CA ASN A 27 7.12 -19.89 -0.83
C ASN A 27 8.05 -19.41 0.30
N PRO A 28 8.87 -20.28 0.93
CA PRO A 28 9.83 -19.84 1.94
C PRO A 28 10.96 -19.02 1.31
N GLY A 29 11.52 -18.08 2.07
CA GLY A 29 12.65 -17.22 1.66
C GLY A 29 12.26 -15.92 0.93
N ILE A 30 11.01 -15.76 0.46
CA ILE A 30 10.52 -14.53 -0.16
C ILE A 30 10.38 -13.41 0.89
N LYS A 31 10.66 -12.15 0.50
CA LYS A 31 10.68 -10.98 1.38
C LYS A 31 9.74 -9.87 0.89
N VAL A 32 10.11 -9.22 -0.21
CA VAL A 32 9.40 -8.06 -0.80
C VAL A 32 9.50 -8.03 -2.33
N THR A 33 10.69 -8.23 -2.90
CA THR A 33 10.88 -8.12 -4.36
C THR A 33 10.27 -9.30 -5.12
N GLU A 34 10.25 -10.49 -4.52
CA GLU A 34 9.58 -11.68 -5.08
C GLU A 34 8.06 -11.50 -4.97
N VAL A 35 7.61 -10.88 -3.87
CA VAL A 35 6.20 -10.51 -3.65
C VAL A 35 5.76 -9.45 -4.67
N ALA A 36 6.65 -8.55 -5.11
CA ALA A 36 6.34 -7.56 -6.15
C ALA A 36 6.19 -8.22 -7.54
N LYS A 37 6.96 -9.27 -7.83
CA LYS A 37 6.86 -10.08 -9.08
C LYS A 37 5.51 -10.82 -9.14
N ARG A 38 5.24 -11.62 -8.10
CA ARG A 38 3.95 -12.33 -7.92
C ARG A 38 2.81 -11.32 -7.87
N GLY A 39 3.06 -10.18 -7.23
CA GLY A 39 2.17 -9.05 -7.10
C GLY A 39 1.72 -8.51 -8.45
N GLY A 40 2.66 -8.27 -9.36
CA GLY A 40 2.37 -7.82 -10.72
C GLY A 40 1.40 -8.75 -11.44
N GLU A 41 1.63 -10.07 -11.38
CA GLU A 41 0.72 -11.02 -12.05
C GLU A 41 -0.62 -11.25 -11.34
N LEU A 42 -0.65 -11.22 -10.00
CA LEU A 42 -1.86 -11.37 -9.20
C LEU A 42 -2.77 -10.13 -9.26
N TRP A 43 -2.21 -8.92 -9.16
CA TRP A 43 -2.99 -7.68 -9.27
C TRP A 43 -3.58 -7.51 -10.67
N ARG A 44 -2.86 -7.93 -11.73
CA ARG A 44 -3.38 -7.90 -13.11
C ARG A 44 -4.66 -8.73 -13.28
N ALA A 45 -4.89 -9.72 -12.41
CA ALA A 45 -6.10 -10.57 -12.39
C ALA A 45 -7.10 -10.23 -11.25
N MET A 46 -6.81 -9.25 -10.37
CA MET A 46 -7.65 -8.91 -9.21
C MET A 46 -8.72 -7.86 -9.55
N LYS A 47 -9.70 -8.31 -10.33
CA LYS A 47 -10.93 -7.55 -10.65
C LYS A 47 -11.71 -7.25 -9.35
N ASP A 48 -12.41 -6.11 -9.30
CA ASP A 48 -13.15 -5.61 -8.12
C ASP A 48 -12.27 -5.48 -6.86
N LYS A 49 -11.49 -4.39 -6.80
CA LYS A 49 -10.49 -4.06 -5.75
C LYS A 49 -10.92 -2.92 -4.80
N SER A 50 -12.22 -2.73 -4.60
CA SER A 50 -12.79 -1.63 -3.78
C SER A 50 -12.35 -1.65 -2.32
N GLU A 51 -12.01 -2.81 -1.73
CA GLU A 51 -11.49 -2.90 -0.36
C GLU A 51 -10.13 -2.20 -0.23
N TRP A 52 -9.32 -2.32 -1.28
CA TRP A 52 -7.98 -1.76 -1.37
C TRP A 52 -8.03 -0.28 -1.73
N GLU A 53 -8.95 0.10 -2.62
CA GLU A 53 -9.17 1.51 -2.97
C GLU A 53 -9.79 2.30 -1.81
N ALA A 54 -10.68 1.70 -1.00
CA ALA A 54 -11.30 2.38 0.14
C ALA A 54 -10.28 2.68 1.26
N LYS A 55 -9.35 1.77 1.56
CA LYS A 55 -8.32 2.00 2.59
C LYS A 55 -7.27 3.02 2.15
N ALA A 56 -6.92 3.10 0.87
CA ALA A 56 -6.01 4.13 0.38
C ALA A 56 -6.68 5.52 0.38
N ALA A 57 -7.99 5.59 0.08
CA ALA A 57 -8.75 6.83 0.15
C ALA A 57 -8.82 7.35 1.61
N LYS A 58 -8.88 6.45 2.61
CA LYS A 58 -8.83 6.80 4.04
C LYS A 58 -7.45 7.32 4.45
N ALA A 59 -6.38 6.69 3.96
CA ALA A 59 -5.00 7.12 4.19
C ALA A 59 -4.75 8.55 3.63
N LYS A 60 -5.43 8.92 2.54
CA LYS A 60 -5.37 10.26 1.93
C LYS A 60 -5.78 11.39 2.89
N ASP A 61 -6.74 11.14 3.78
CA ASP A 61 -7.22 12.12 4.76
C ASP A 61 -6.18 12.39 5.86
N ASP A 62 -5.56 11.35 6.42
CA ASP A 62 -4.49 11.50 7.41
C ASP A 62 -3.22 12.08 6.77
N TYR A 63 -2.95 11.75 5.49
CA TYR A 63 -1.85 12.33 4.72
C TYR A 63 -2.06 13.85 4.55
N ASP A 64 -3.24 14.29 4.13
CA ASP A 64 -3.58 15.71 4.03
C ASP A 64 -3.45 16.42 5.39
N ARG A 65 -3.86 15.76 6.48
CA ARG A 65 -3.74 16.27 7.85
C ARG A 65 -2.27 16.44 8.27
N ALA A 66 -1.40 15.51 7.89
CA ALA A 66 0.04 15.58 8.15
C ALA A 66 0.74 16.64 7.28
N VAL A 67 0.33 16.75 6.01
CA VAL A 67 0.81 17.76 5.07
C VAL A 67 0.47 19.17 5.54
N LYS A 68 -0.67 19.35 6.23
CA LYS A 68 -1.07 20.65 6.81
C LYS A 68 -0.04 21.19 7.80
N GLU A 69 0.49 20.32 8.68
CA GLU A 69 1.55 20.69 9.62
C GLU A 69 2.90 20.87 8.92
N PHE A 70 3.20 20.02 7.94
CA PHE A 70 4.43 20.11 7.13
C PHE A 70 4.47 21.43 6.31
N GLU A 71 3.35 21.95 5.82
CA GLU A 71 3.32 23.25 5.13
C GLU A 71 3.48 24.42 6.10
N ALA A 72 2.91 24.31 7.31
CA ALA A 72 3.00 25.34 8.34
C ALA A 72 4.41 25.46 8.96
N ASN A 73 5.21 24.38 8.90
CA ASN A 73 6.54 24.27 9.48
C ASN A 73 7.67 24.01 8.45
N GLY A 74 7.37 24.20 7.16
CA GLY A 74 8.28 23.98 6.02
C GLY A 74 9.38 25.05 5.90
N SER A 2 10.82 19.22 10.95
CA SER A 2 11.00 20.04 9.73
C SER A 2 11.23 19.16 8.50
N ASP A 3 10.28 18.27 8.16
CA ASP A 3 10.41 17.32 7.03
C ASP A 3 9.04 16.85 6.51
N LYS A 4 9.01 16.41 5.23
CA LYS A 4 7.81 15.96 4.50
C LYS A 4 7.17 14.73 5.17
N PRO A 5 5.82 14.58 5.21
CA PRO A 5 5.20 13.47 5.92
C PRO A 5 5.19 12.20 5.06
N LYS A 6 4.99 11.03 5.69
CA LYS A 6 4.87 9.75 4.95
C LYS A 6 3.64 9.81 4.04
N ARG A 7 3.87 9.83 2.73
CA ARG A 7 2.84 9.87 1.67
C ARG A 7 1.86 8.69 1.78
N PRO A 8 0.64 8.83 1.24
CA PRO A 8 -0.36 7.76 1.21
C PRO A 8 0.08 6.72 0.16
N LEU A 9 -0.41 5.48 0.28
CA LEU A 9 0.04 4.37 -0.58
C LEU A 9 -1.04 4.02 -1.62
N SER A 10 -0.71 3.13 -2.56
CA SER A 10 -1.66 2.68 -3.57
C SER A 10 -2.56 1.55 -3.07
N ALA A 11 -3.64 1.28 -3.81
CA ALA A 11 -4.52 0.13 -3.58
C ALA A 11 -3.66 -1.16 -3.62
N PHE A 12 -2.69 -1.20 -4.54
CA PHE A 12 -1.74 -2.28 -4.71
C PHE A 12 -0.90 -2.52 -3.45
N MET A 13 -0.27 -1.47 -2.94
CA MET A 13 0.63 -1.53 -1.79
C MET A 13 -0.08 -2.06 -0.53
N LEU A 14 -1.31 -1.61 -0.31
CA LEU A 14 -2.17 -2.04 0.78
C LEU A 14 -2.50 -3.53 0.72
N TRP A 15 -2.71 -4.09 -0.48
CA TRP A 15 -2.93 -5.52 -0.63
C TRP A 15 -1.63 -6.32 -0.57
N LEU A 16 -0.54 -5.82 -1.19
CA LEU A 16 0.77 -6.47 -1.26
C LEU A 16 1.29 -6.85 0.13
N ASN A 17 0.99 -6.01 1.13
CA ASN A 17 1.37 -6.22 2.53
C ASN A 17 0.68 -7.46 3.16
N SER A 18 -0.61 -7.68 2.87
CA SER A 18 -1.35 -8.86 3.34
C SER A 18 -1.06 -10.08 2.47
N ALA A 19 -0.83 -9.88 1.17
CA ALA A 19 -0.43 -10.95 0.26
C ALA A 19 0.97 -11.48 0.57
N ARG A 20 1.86 -10.67 1.19
CA ARG A 20 3.20 -11.12 1.63
C ARG A 20 3.11 -12.33 2.56
N GLU A 21 2.17 -12.31 3.51
CA GLU A 21 1.94 -13.43 4.43
C GLU A 21 1.43 -14.68 3.69
N SER A 22 0.46 -14.52 2.80
CA SER A 22 -0.09 -15.61 1.97
C SER A 22 0.94 -16.22 1.04
N ILE A 23 1.81 -15.40 0.43
CA ILE A 23 2.85 -15.88 -0.49
C ILE A 23 3.98 -16.55 0.31
N LYS A 24 4.34 -16.07 1.51
CA LYS A 24 5.34 -16.72 2.38
C LYS A 24 4.85 -18.08 2.90
N ARG A 25 3.54 -18.22 3.10
CA ARG A 25 2.89 -19.47 3.53
C ARG A 25 2.94 -20.56 2.46
N GLU A 26 2.82 -20.18 1.18
CA GLU A 26 2.84 -21.12 0.05
C GLU A 26 4.26 -21.37 -0.50
N ASN A 27 5.16 -20.38 -0.39
CA ASN A 27 6.53 -20.47 -0.90
C ASN A 27 7.57 -20.05 0.16
N PRO A 28 8.46 -20.93 0.64
CA PRO A 28 9.53 -20.56 1.56
C PRO A 28 10.67 -19.83 0.82
N GLY A 29 11.41 -18.97 1.54
CA GLY A 29 12.59 -18.25 1.01
C GLY A 29 12.31 -17.01 0.15
N ILE A 30 11.06 -16.73 -0.22
CA ILE A 30 10.66 -15.52 -0.96
C ILE A 30 10.88 -14.25 -0.13
N LYS A 31 11.36 -13.20 -0.81
CA LYS A 31 11.60 -11.86 -0.26
C LYS A 31 10.57 -10.87 -0.81
N VAL A 32 10.60 -9.62 -0.32
CA VAL A 32 9.71 -8.53 -0.77
C VAL A 32 9.74 -8.35 -2.29
N THR A 33 10.86 -8.61 -2.96
CA THR A 33 10.98 -8.54 -4.42
C THR A 33 10.29 -9.68 -5.16
N GLU A 34 10.35 -10.92 -4.64
CA GLU A 34 9.63 -12.06 -5.21
C GLU A 34 8.13 -11.89 -4.98
N VAL A 35 7.77 -11.35 -3.81
CA VAL A 35 6.38 -10.95 -3.49
C VAL A 35 5.89 -9.84 -4.41
N ALA A 36 6.73 -8.88 -4.82
CA ALA A 36 6.34 -7.84 -5.76
C ALA A 36 6.11 -8.40 -7.18
N LYS A 37 6.93 -9.36 -7.62
CA LYS A 37 6.79 -10.07 -8.91
C LYS A 37 5.49 -10.91 -8.96
N ARG A 38 5.31 -11.79 -7.97
CA ARG A 38 4.10 -12.62 -7.85
C ARG A 38 2.87 -11.76 -7.57
N GLY A 39 3.07 -10.65 -6.87
CA GLY A 39 2.06 -9.62 -6.59
C GLY A 39 1.55 -8.99 -7.88
N GLY A 40 2.47 -8.67 -8.81
CA GLY A 40 2.15 -8.15 -10.15
C GLY A 40 1.18 -9.06 -10.90
N GLU A 41 1.47 -10.37 -10.92
CA GLU A 41 0.59 -11.35 -11.60
C GLU A 41 -0.76 -11.56 -10.91
N LEU A 42 -0.80 -11.57 -9.58
CA LEU A 42 -2.05 -11.73 -8.81
C LEU A 42 -2.94 -10.47 -8.84
N TRP A 43 -2.37 -9.27 -8.78
CA TRP A 43 -3.14 -8.04 -8.89
C TRP A 43 -3.77 -7.89 -10.29
N ARG A 44 -3.10 -8.41 -11.34
CA ARG A 44 -3.64 -8.40 -12.71
C ARG A 44 -4.99 -9.14 -12.84
N ALA A 45 -5.30 -10.04 -11.90
CA ALA A 45 -6.54 -10.81 -11.84
C ALA A 45 -7.50 -10.39 -10.69
N MET A 46 -7.24 -9.28 -9.97
CA MET A 46 -8.03 -8.82 -8.83
C MET A 46 -8.84 -7.56 -9.13
N LYS A 47 -9.98 -7.79 -9.78
CA LYS A 47 -11.02 -6.77 -10.04
C LYS A 47 -11.83 -6.51 -8.76
N ASP A 48 -12.63 -5.44 -8.74
CA ASP A 48 -13.45 -5.03 -7.58
C ASP A 48 -12.62 -4.88 -6.28
N LYS A 49 -11.48 -4.20 -6.39
CA LYS A 49 -10.47 -3.95 -5.34
C LYS A 49 -10.86 -2.81 -4.38
N SER A 50 -12.15 -2.63 -4.17
CA SER A 50 -12.75 -1.55 -3.38
C SER A 50 -12.28 -1.49 -1.92
N GLU A 51 -11.89 -2.62 -1.31
CA GLU A 51 -11.31 -2.61 0.05
C GLU A 51 -9.97 -1.85 0.05
N TRP A 52 -9.14 -2.17 -0.94
CA TRP A 52 -7.81 -1.63 -1.13
C TRP A 52 -7.85 -0.18 -1.60
N GLU A 53 -8.83 0.15 -2.44
CA GLU A 53 -9.05 1.51 -2.91
C GLU A 53 -9.66 2.40 -1.80
N ALA A 54 -10.57 1.89 -0.97
CA ALA A 54 -11.14 2.66 0.13
C ALA A 54 -10.10 2.94 1.23
N LYS A 55 -9.18 1.99 1.50
CA LYS A 55 -8.15 2.18 2.52
C LYS A 55 -7.13 3.25 2.12
N ALA A 56 -6.73 3.31 0.85
CA ALA A 56 -5.85 4.37 0.37
C ALA A 56 -6.58 5.72 0.29
N ALA A 57 -7.88 5.74 -0.04
CA ALA A 57 -8.69 6.97 -0.04
C ALA A 57 -8.78 7.59 1.37
N LYS A 58 -8.90 6.76 2.43
CA LYS A 58 -8.87 7.23 3.82
C LYS A 58 -7.49 7.76 4.21
N ALA A 59 -6.43 7.06 3.79
CA ALA A 59 -5.04 7.49 4.01
C ALA A 59 -4.75 8.85 3.35
N LYS A 60 -5.36 9.13 2.19
CA LYS A 60 -5.24 10.41 1.47
C LYS A 60 -5.72 11.62 2.29
N ASP A 61 -6.79 11.45 3.08
CA ASP A 61 -7.35 12.51 3.93
C ASP A 61 -6.45 12.82 5.14
N ASP A 62 -5.91 11.80 5.82
CA ASP A 62 -4.96 11.98 6.93
C ASP A 62 -3.59 12.48 6.42
N TYR A 63 -3.22 12.12 5.18
CA TYR A 63 -2.00 12.63 4.53
C TYR A 63 -2.12 14.15 4.33
N ASP A 64 -3.28 14.64 3.86
CA ASP A 64 -3.52 16.08 3.72
C ASP A 64 -3.39 16.80 5.08
N ARG A 65 -3.92 16.18 6.15
CA ARG A 65 -3.81 16.69 7.53
C ARG A 65 -2.35 16.75 8.02
N ALA A 66 -1.54 15.74 7.67
CA ALA A 66 -0.11 15.69 7.99
C ALA A 66 0.70 16.73 7.20
N VAL A 67 0.34 16.97 5.93
CA VAL A 67 0.98 18.01 5.11
C VAL A 67 0.64 19.41 5.63
N LYS A 68 -0.57 19.64 6.15
CA LYS A 68 -0.97 20.91 6.77
C LYS A 68 -0.10 21.28 7.98
N GLU A 69 0.37 20.30 8.76
CA GLU A 69 1.28 20.55 9.89
C GLU A 69 2.73 20.75 9.40
N PHE A 70 3.13 20.05 8.34
CA PHE A 70 4.44 20.19 7.69
C PHE A 70 4.60 21.54 6.98
N GLU A 71 3.54 22.12 6.41
CA GLU A 71 3.61 23.47 5.83
C GLU A 71 3.90 24.53 6.90
N ALA A 72 3.52 24.26 8.17
CA ALA A 72 3.82 25.13 9.29
C ALA A 72 5.26 24.95 9.79
N ASN A 73 5.79 23.71 9.69
CA ASN A 73 7.12 23.32 10.17
C ASN A 73 8.24 23.20 9.11
N GLY A 74 7.94 23.57 7.87
CA GLY A 74 8.88 23.61 6.73
C GLY A 74 9.60 24.95 6.54
N SER A 2 11.33 21.94 7.51
CA SER A 2 10.87 20.88 6.59
C SER A 2 9.34 20.80 6.54
N ASP A 3 8.78 20.13 5.52
CA ASP A 3 7.31 20.05 5.30
C ASP A 3 6.83 18.69 4.71
N LYS A 4 7.68 17.65 4.75
CA LYS A 4 7.50 16.32 4.13
C LYS A 4 6.85 15.13 4.89
N PRO A 5 5.55 14.82 4.73
CA PRO A 5 4.94 13.66 5.39
C PRO A 5 5.15 12.35 4.61
N LYS A 6 4.94 11.21 5.27
CA LYS A 6 4.94 9.90 4.59
C LYS A 6 3.72 9.87 3.65
N ARG A 7 3.98 9.79 2.35
CA ARG A 7 2.94 9.82 1.31
C ARG A 7 1.94 8.65 1.45
N PRO A 8 0.70 8.83 0.98
CA PRO A 8 -0.32 7.79 0.95
C PRO A 8 0.08 6.78 -0.13
N LEU A 9 -0.34 5.51 0.02
CA LEU A 9 0.10 4.43 -0.87
C LEU A 9 -0.95 4.14 -1.94
N SER A 10 -0.72 3.12 -2.76
CA SER A 10 -1.67 2.63 -3.76
C SER A 10 -2.53 1.50 -3.18
N ALA A 11 -3.67 1.23 -3.81
CA ALA A 11 -4.50 0.07 -3.52
C ALA A 11 -3.64 -1.21 -3.65
N PHE A 12 -2.67 -1.20 -4.57
CA PHE A 12 -1.71 -2.28 -4.76
C PHE A 12 -0.90 -2.56 -3.50
N MET A 13 -0.27 -1.53 -2.93
CA MET A 13 0.52 -1.59 -1.71
C MET A 13 -0.30 -2.12 -0.53
N LEU A 14 -1.54 -1.65 -0.40
CA LEU A 14 -2.48 -2.09 0.63
C LEU A 14 -2.74 -3.60 0.57
N TRP A 15 -2.90 -4.16 -0.63
CA TRP A 15 -3.06 -5.61 -0.78
C TRP A 15 -1.74 -6.37 -0.66
N LEU A 16 -0.64 -5.84 -1.21
CA LEU A 16 0.70 -6.44 -1.21
C LEU A 16 1.13 -6.84 0.21
N ASN A 17 0.76 -6.04 1.19
CA ASN A 17 1.10 -6.24 2.60
C ASN A 17 0.39 -7.46 3.23
N SER A 18 -0.83 -7.79 2.78
CA SER A 18 -1.56 -9.00 3.21
C SER A 18 -1.21 -10.19 2.31
N ALA A 19 -0.93 -9.94 1.03
CA ALA A 19 -0.47 -10.96 0.09
C ALA A 19 0.93 -11.46 0.44
N ARG A 20 1.79 -10.65 1.09
CA ARG A 20 3.12 -11.08 1.57
C ARG A 20 3.00 -12.32 2.44
N GLU A 21 2.05 -12.33 3.37
CA GLU A 21 1.85 -13.46 4.27
C GLU A 21 1.37 -14.71 3.53
N SER A 22 0.45 -14.53 2.57
CA SER A 22 -0.08 -15.61 1.72
C SER A 22 0.95 -16.19 0.75
N ILE A 23 1.86 -15.35 0.22
CA ILE A 23 2.94 -15.79 -0.67
C ILE A 23 4.07 -16.44 0.14
N LYS A 24 4.36 -15.95 1.36
CA LYS A 24 5.38 -16.55 2.25
C LYS A 24 4.92 -17.89 2.84
N ARG A 25 3.60 -18.09 2.94
CA ARG A 25 2.95 -19.34 3.36
C ARG A 25 3.16 -20.48 2.35
N GLU A 26 3.34 -20.14 1.07
CA GLU A 26 3.50 -21.07 -0.05
C GLU A 26 4.96 -21.19 -0.54
N ASN A 27 5.75 -20.12 -0.45
CA ASN A 27 7.14 -20.07 -0.91
C ASN A 27 8.08 -19.60 0.23
N PRO A 28 8.97 -20.45 0.76
CA PRO A 28 9.94 -20.02 1.77
C PRO A 28 11.05 -19.14 1.15
N GLY A 29 11.62 -18.23 1.94
CA GLY A 29 12.72 -17.34 1.56
C GLY A 29 12.32 -16.02 0.86
N ILE A 30 11.12 -15.92 0.30
CA ILE A 30 10.58 -14.69 -0.30
C ILE A 30 10.41 -13.59 0.75
N LYS A 31 10.59 -12.32 0.36
CA LYS A 31 10.55 -11.17 1.29
C LYS A 31 9.65 -10.02 0.83
N VAL A 32 10.06 -9.30 -0.22
CA VAL A 32 9.39 -8.10 -0.74
C VAL A 32 9.43 -8.05 -2.27
N THR A 33 10.59 -8.32 -2.89
CA THR A 33 10.73 -8.23 -4.36
C THR A 33 10.06 -9.39 -5.09
N GLU A 34 10.16 -10.62 -4.57
CA GLU A 34 9.43 -11.76 -5.14
C GLU A 34 7.92 -11.58 -4.92
N VAL A 35 7.54 -11.00 -3.77
CA VAL A 35 6.15 -10.65 -3.45
C VAL A 35 5.62 -9.60 -4.44
N ALA A 36 6.43 -8.62 -4.85
CA ALA A 36 6.04 -7.62 -5.85
C ALA A 36 5.88 -8.25 -7.26
N LYS A 37 6.74 -9.20 -7.63
CA LYS A 37 6.65 -9.93 -8.92
C LYS A 37 5.42 -10.85 -8.99
N ARG A 38 5.23 -11.71 -7.97
CA ARG A 38 4.03 -12.56 -7.85
C ARG A 38 2.80 -11.67 -7.69
N GLY A 39 2.97 -10.54 -7.00
CA GLY A 39 1.99 -9.50 -6.79
C GLY A 39 1.48 -8.93 -8.10
N GLY A 40 2.38 -8.61 -9.03
CA GLY A 40 2.06 -8.11 -10.36
C GLY A 40 1.13 -9.07 -11.09
N GLU A 41 1.46 -10.36 -11.14
CA GLU A 41 0.60 -11.34 -11.82
C GLU A 41 -0.75 -11.60 -11.13
N LEU A 42 -0.81 -11.47 -9.80
CA LEU A 42 -2.04 -11.62 -9.00
C LEU A 42 -2.97 -10.40 -9.09
N TRP A 43 -2.43 -9.16 -9.05
CA TRP A 43 -3.23 -7.94 -9.19
C TRP A 43 -3.84 -7.81 -10.60
N ARG A 44 -3.16 -8.34 -11.63
CA ARG A 44 -3.68 -8.39 -13.01
C ARG A 44 -4.92 -9.31 -13.14
N ALA A 45 -5.18 -10.15 -12.13
CA ALA A 45 -6.33 -11.05 -12.03
C ALA A 45 -7.22 -10.80 -10.79
N MET A 46 -7.16 -9.60 -10.18
CA MET A 46 -7.95 -9.22 -9.00
C MET A 46 -8.95 -8.12 -9.30
N LYS A 47 -10.14 -8.57 -9.67
CA LYS A 47 -11.35 -7.75 -9.86
C LYS A 47 -11.93 -7.38 -8.48
N ASP A 48 -12.80 -6.35 -8.43
CA ASP A 48 -13.49 -5.91 -7.20
C ASP A 48 -12.56 -5.59 -6.01
N LYS A 49 -11.51 -4.79 -6.28
CA LYS A 49 -10.44 -4.38 -5.33
C LYS A 49 -10.82 -3.21 -4.42
N SER A 50 -12.11 -3.03 -4.17
CA SER A 50 -12.67 -1.91 -3.39
C SER A 50 -12.17 -1.83 -1.95
N GLU A 51 -11.87 -2.96 -1.28
CA GLU A 51 -11.30 -2.94 0.08
C GLU A 51 -9.85 -2.43 0.11
N TRP A 52 -9.19 -2.41 -1.04
CA TRP A 52 -7.84 -1.89 -1.23
C TRP A 52 -7.86 -0.43 -1.66
N GLU A 53 -8.80 -0.08 -2.54
CA GLU A 53 -9.03 1.29 -2.99
C GLU A 53 -9.55 2.17 -1.85
N ALA A 54 -10.47 1.68 -1.01
CA ALA A 54 -11.03 2.46 0.08
C ALA A 54 -9.98 2.79 1.16
N LYS A 55 -9.07 1.86 1.47
CA LYS A 55 -8.01 2.08 2.46
C LYS A 55 -6.97 3.10 1.98
N ALA A 56 -6.57 3.03 0.72
CA ALA A 56 -5.61 4.01 0.18
C ALA A 56 -6.26 5.39 -0.04
N ALA A 57 -7.55 5.44 -0.40
CA ALA A 57 -8.30 6.70 -0.53
C ALA A 57 -8.49 7.40 0.83
N LYS A 58 -8.67 6.64 1.92
CA LYS A 58 -8.78 7.20 3.29
C LYS A 58 -7.42 7.70 3.80
N ALA A 59 -6.33 7.03 3.44
CA ALA A 59 -4.96 7.47 3.77
C ALA A 59 -4.63 8.83 3.11
N LYS A 60 -5.23 9.14 1.95
CA LYS A 60 -5.09 10.41 1.22
C LYS A 60 -5.56 11.63 2.03
N ASP A 61 -6.58 11.46 2.88
CA ASP A 61 -7.09 12.52 3.75
C ASP A 61 -6.18 12.77 4.96
N ASP A 62 -5.65 11.69 5.56
CA ASP A 62 -4.70 11.80 6.68
C ASP A 62 -3.34 12.35 6.22
N TYR A 63 -2.97 12.12 4.95
CA TYR A 63 -1.78 12.68 4.31
C TYR A 63 -1.86 14.21 4.22
N ASP A 64 -3.00 14.76 3.78
CA ASP A 64 -3.22 16.21 3.76
C ASP A 64 -3.23 16.81 5.19
N ARG A 65 -3.76 16.07 6.17
CA ARG A 65 -3.75 16.43 7.59
C ARG A 65 -2.32 16.47 8.16
N ALA A 66 -1.46 15.56 7.71
CA ALA A 66 -0.06 15.47 8.13
C ALA A 66 0.71 16.77 7.79
N VAL A 67 0.41 17.42 6.67
CA VAL A 67 1.01 18.72 6.31
C VAL A 67 0.54 19.84 7.25
N LYS A 68 -0.68 19.77 7.80
CA LYS A 68 -1.14 20.73 8.83
C LYS A 68 -0.45 20.46 10.17
N GLU A 69 -0.29 19.18 10.53
CA GLU A 69 0.44 18.77 11.74
C GLU A 69 1.92 19.17 11.68
N PHE A 70 2.50 19.26 10.48
CA PHE A 70 3.89 19.72 10.27
C PHE A 70 4.12 21.15 10.80
N GLU A 71 3.12 22.03 10.73
CA GLU A 71 3.20 23.38 11.27
C GLU A 71 2.95 23.42 12.78
N ALA A 72 2.17 22.48 13.31
CA ALA A 72 1.92 22.34 14.75
C ALA A 72 3.12 21.71 15.48
N ASN A 73 3.95 20.93 14.77
CA ASN A 73 5.13 20.22 15.28
C ASN A 73 6.46 20.75 14.70
N GLY A 74 6.43 21.97 14.14
CA GLY A 74 7.57 22.65 13.50
C GLY A 74 8.70 23.04 14.47
#